data_8IAK
#
_entry.id   8IAK
#
_cell.length_a   1.00
_cell.length_b   1.00
_cell.length_c   1.00
_cell.angle_alpha   90.00
_cell.angle_beta   90.00
_cell.angle_gamma   90.00
#
_symmetry.space_group_name_H-M   'P 1'
#
loop_
_entity.id
_entity.type
_entity.pdbx_description
1 polymer 'Long chain base biosynthesis protein 1,Serine palmitoyltransferase 1'
2 polymer 'Serine palmitoyltransferase 2'
3 polymer 'Protein ORM2'
4 polymer 'Serine palmitoyltransferase-regulating protein TSC3'
#
loop_
_entity_poly.entity_id
_entity_poly.type
_entity_poly.pdbx_seq_one_letter_code
_entity_poly.pdbx_strand_id
1 'polypeptide(L)'
;MASNLVEMFNAALNWVTMILESPSARVVLFGVPIRGHFFVEGLLGVVIIILLTRKSYKPPKRPLTEQEIDELCDEWVPEP
LVDPSATDEQSWRVAKTPVTMEMPIQNHITITRNNLQEKYTNVFNLASNNFLQLSATEPVKEVVKTTIKNYGVGACGPAG
FYGNQDVHYTLEYDLAQFFGTQGSVLYGQDFCAAPSVLPAFTKRGDVIVADDQVSLPVQNALQLSRSTVYYFNHNDMNSL
ECLLNELTEQEKLEKLPAIPRKFIVTEGIFHNSGDLAPLPELTKLKNKYKFRLFVDETFSIGVLGATGRGLSEHFNMDRA
TAIDITVGSMATALGSTGGFVLGDSVMCLHQRIGSNAYCFSACLPAYTVTSVSKVLKLMDSNNDAVQTLQKLSKSLHDSF
ASDDSLRSYVIVTSSPVSAVLHLQLTPAYRSRKFGYTCEQLFETMSALQKKSQTNKFIEPYEEEEKFLQSIVDHALINYN
VLITRNTIVLKQETLPIVPSLKICCNAAMSPEELKNACESVKQSILACCQESNK
;
A,E
2 'polypeptide(L)'
;MSTPANYTRVPLCEPEELPDDIQKENEYGTLDSPGHLYQVKSRHGKPLPEPVVDTPPYYISLLTYLNYLILIILGHVHDF
LGMTFQKNKHLDLLEHDGLAPWFSNFESFYVRRIKMRIDDCFSRPTTGVPGRFIRCIDRISHNINEYFTYSGAVYPCMNL
SSYNYLGFAQSKGQCTDAALESVDKYSIQSGGPRAQIGTTDLHIKAEKLVARFIGKEDALVFSMGYGTNANLFNAFLDKK
CLVISDELNHTSIRTGVRLSGAAVRTFKHGDMVGLEKLIREQIVLGQPKTNRPWKKILICAEGLFSMEGTLCNLPKLVEL
KKKYKCYLFIDEAHSIGAMGPTGRGVCEIFGVDPKDVDILMGTFT(LLP)SFGAAGGYIAADQWIIDRLRLDLTTVSYSE
SMPAPVLAQTISSLQTISGEICPGQGTERLQRIAFNSRYLRLALQRLGFIVYGVADSPVIPLLLYCPSKMPAFSRMMLQR
RIAVVVVAYPATPLIESRVRFCMSASLTKEDIDYLLRHVSEVGDKLNLKSNSGKSSYDGKRQRWDIEEVIRRTPEDCKDD
KYFVN
;
B,F
3 'polypeptide(L)'
;MIDRTKNESPAFEESPLTPNVSNLKPFPSQSNKISTPVTDHRRRRAAAVISHVEQETFEDENDQQMLPNMAATWVDQRGA
WLIHIVVIVLLRLFYSLFGSTPKWTWTLTNMTYIIGFYIMFHLVKGTPFDFNGGAYDNLTMWEQINDETLYTPTRKFLLI
VPIVLFLISNQYYRNDMTLFLSNLAVTVLIGVVPKLGITHRLRISIPGITGRAQIS
;
D,H
4 'polypeptide(L)' MTQHKSSMVYIPTTKEAKRRNGKSEGILNTIEEVVEKLYWTYYIHLPFYLMASFDSFFLHVFFLTIFSLSFFGILKYCFL C,G
#
# COMPACT_ATOMS: atom_id res chain seq x y z
N GLY A 36 52.78 -14.06 -21.76
CA GLY A 36 51.34 -13.99 -21.89
C GLY A 36 50.61 -14.99 -21.02
N HIS A 37 51.35 -15.96 -20.49
CA HIS A 37 50.75 -17.00 -19.67
C HIS A 37 50.40 -16.47 -18.28
N PHE A 38 51.39 -15.92 -17.59
CA PHE A 38 51.16 -15.37 -16.26
C PHE A 38 50.21 -14.19 -16.29
N PHE A 39 50.17 -13.45 -17.41
CA PHE A 39 49.16 -12.41 -17.56
C PHE A 39 47.76 -12.99 -17.54
N VAL A 40 47.55 -14.09 -18.28
CA VAL A 40 46.25 -14.76 -18.29
C VAL A 40 45.90 -15.26 -16.91
N GLU A 41 46.86 -15.86 -16.21
CA GLU A 41 46.59 -16.40 -14.88
C GLU A 41 46.25 -15.28 -13.88
N GLY A 42 46.97 -14.15 -13.96
CA GLY A 42 46.65 -13.04 -13.08
C GLY A 42 45.29 -12.44 -13.36
N LEU A 43 44.94 -12.31 -14.65
CA LEU A 43 43.60 -11.83 -14.99
C LEU A 43 42.53 -12.78 -14.47
N LEU A 44 42.79 -14.09 -14.55
CA LEU A 44 41.85 -15.06 -14.04
C LEU A 44 41.70 -14.95 -12.52
N GLY A 45 42.80 -14.70 -11.81
CA GLY A 45 42.71 -14.46 -10.37
C GLY A 45 41.89 -13.22 -10.04
N VAL A 46 42.11 -12.14 -10.81
CA VAL A 46 41.33 -10.93 -10.58
C VAL A 46 39.85 -11.20 -10.79
N VAL A 47 39.51 -11.87 -11.89
CA VAL A 47 38.09 -12.10 -12.18
C VAL A 47 37.48 -13.08 -11.19
N ILE A 48 38.25 -14.05 -10.69
CA ILE A 48 37.70 -14.99 -9.71
C ILE A 48 37.39 -14.26 -8.41
N ILE A 49 38.26 -13.34 -8.00
CA ILE A 49 37.93 -12.52 -6.82
C ILE A 49 36.69 -11.68 -7.09
N ILE A 50 36.60 -11.09 -8.28
CA ILE A 50 35.45 -10.23 -8.61
C ILE A 50 34.15 -11.02 -8.50
N LEU A 51 34.12 -12.22 -9.08
CA LEU A 51 32.93 -13.06 -8.95
C LEU A 51 32.66 -13.45 -7.51
N LEU A 52 33.72 -13.76 -6.75
CA LEU A 52 33.55 -14.22 -5.38
C LEU A 52 33.12 -13.10 -4.45
N THR A 53 33.12 -11.85 -4.90
CA THR A 53 32.76 -10.73 -4.04
C THR A 53 31.46 -10.03 -4.45
N ARG A 54 30.41 -10.77 -4.77
CA ARG A 54 29.13 -10.16 -5.15
C ARG A 54 28.20 -10.09 -3.94
N LYS A 55 26.92 -9.74 -4.16
CA LYS A 55 26.01 -9.40 -3.07
C LYS A 55 24.74 -10.26 -3.06
N SER A 56 24.51 -11.08 -4.08
CA SER A 56 23.38 -12.00 -4.12
C SER A 56 22.04 -11.26 -4.08
N TYR A 57 21.77 -10.54 -5.15
CA TYR A 57 20.53 -9.80 -5.30
C TYR A 57 19.47 -10.69 -5.98
N LYS A 58 18.32 -10.10 -6.31
CA LYS A 58 17.23 -10.72 -7.03
C LYS A 58 16.89 -9.90 -8.27
N PRO A 59 16.51 -10.55 -9.37
CA PRO A 59 16.26 -9.81 -10.61
C PRO A 59 15.20 -8.74 -10.42
N PRO A 60 15.33 -7.60 -11.09
CA PRO A 60 14.40 -6.48 -10.85
C PRO A 60 13.06 -6.75 -11.52
N LYS A 61 11.99 -6.44 -10.79
CA LYS A 61 10.64 -6.64 -11.31
C LYS A 61 10.37 -5.71 -12.48
N ARG A 62 9.71 -6.24 -13.51
CA ARG A 62 9.30 -5.41 -14.62
C ARG A 62 8.27 -4.39 -14.15
N PRO A 63 8.40 -3.12 -14.54
CA PRO A 63 7.50 -2.08 -14.05
C PRO A 63 6.11 -2.23 -14.66
N LEU A 64 5.18 -1.43 -14.14
CA LEU A 64 3.81 -1.41 -14.64
C LEU A 64 3.74 -0.68 -15.98
N THR A 65 2.52 -0.54 -16.49
CA THR A 65 2.31 0.17 -17.73
C THR A 65 0.95 0.85 -17.69
N GLU A 66 0.61 1.56 -18.76
CA GLU A 66 -0.53 2.48 -18.81
C GLU A 66 -1.81 1.92 -18.19
N GLN A 67 -2.33 0.83 -18.74
CA GLN A 67 -3.65 0.33 -18.33
C GLN A 67 -3.66 -0.13 -16.88
N GLU A 68 -2.56 -0.71 -16.41
CA GLU A 68 -2.44 -1.05 -14.99
C GLU A 68 -2.61 0.19 -14.13
N ILE A 69 -1.90 1.26 -14.50
CA ILE A 69 -1.98 2.51 -13.74
C ILE A 69 -3.39 3.08 -13.79
N ASP A 70 -4.01 3.03 -14.97
CA ASP A 70 -5.35 3.60 -15.13
C ASP A 70 -6.37 2.86 -14.26
N GLU A 71 -6.33 1.53 -14.28
CA GLU A 71 -7.28 0.77 -13.48
C GLU A 71 -7.01 0.94 -12.00
N LEU A 72 -5.73 1.06 -11.61
CA LEU A 72 -5.41 1.31 -10.21
C LEU A 72 -5.92 2.68 -9.77
N CYS A 73 -5.73 3.70 -10.61
CA CYS A 73 -6.21 5.04 -10.28
C CYS A 73 -7.72 5.09 -10.18
N ASP A 74 -8.42 4.44 -11.11
CA ASP A 74 -9.88 4.36 -11.01
C ASP A 74 -10.33 3.54 -9.81
N GLU A 75 -9.49 2.63 -9.31
CA GLU A 75 -9.84 1.89 -8.11
C GLU A 75 -9.72 2.71 -6.84
N TRP A 76 -8.92 3.78 -6.85
CA TRP A 76 -8.70 4.58 -5.65
C TRP A 76 -9.92 5.44 -5.36
N VAL A 77 -10.26 5.54 -4.07
CA VAL A 77 -11.39 6.37 -3.65
C VAL A 77 -10.96 7.28 -2.50
N PRO A 78 -11.15 8.59 -2.62
CA PRO A 78 -10.79 9.50 -1.52
C PRO A 78 -11.99 9.83 -0.64
N GLU A 79 -11.69 10.17 0.60
CA GLU A 79 -12.69 10.60 1.57
C GLU A 79 -13.12 12.02 1.24
N PRO A 80 -14.25 12.48 1.78
CA PRO A 80 -14.66 13.87 1.55
C PRO A 80 -13.73 14.84 2.25
N LEU A 81 -13.79 16.10 1.84
CA LEU A 81 -12.98 17.14 2.48
C LEU A 81 -13.25 17.18 3.97
N VAL A 82 -14.49 17.46 4.35
CA VAL A 82 -14.87 17.51 5.75
C VAL A 82 -15.67 16.26 6.07
N ASP A 83 -15.92 16.04 7.35
CA ASP A 83 -16.68 14.87 7.78
C ASP A 83 -18.09 15.29 8.16
N PRO A 84 -19.08 15.02 7.30
CA PRO A 84 -20.43 15.54 7.54
C PRO A 84 -21.25 14.67 8.47
N SER A 85 -20.61 13.68 9.10
CA SER A 85 -21.35 12.76 9.96
C SER A 85 -21.83 13.43 11.23
N ALA A 86 -20.96 14.18 11.90
CA ALA A 86 -21.22 14.68 13.25
C ALA A 86 -21.64 16.14 13.25
N THR A 87 -21.97 16.68 12.07
CA THR A 87 -22.34 18.09 11.98
C THR A 87 -23.65 18.42 12.67
N ASP A 88 -24.67 17.58 12.52
CA ASP A 88 -26.01 17.92 12.97
C ASP A 88 -26.17 17.86 14.48
N GLU A 89 -25.48 16.95 15.15
CA GLU A 89 -25.55 16.85 16.60
C GLU A 89 -24.54 17.76 17.30
N GLN A 90 -23.95 18.71 16.57
CA GLN A 90 -23.05 19.69 17.16
C GLN A 90 -23.42 21.12 16.81
N SER A 91 -24.38 21.33 15.91
CA SER A 91 -24.71 22.66 15.42
C SER A 91 -25.50 23.48 16.43
N TRP A 92 -25.77 22.95 17.61
CA TRP A 92 -26.37 23.77 18.66
C TRP A 92 -25.45 24.91 19.06
N ARG A 93 -24.13 24.70 18.98
CA ARG A 93 -23.18 25.77 19.21
C ARG A 93 -23.45 26.95 18.29
N VAL A 94 -23.56 26.66 16.99
CA VAL A 94 -23.83 27.71 16.00
C VAL A 94 -25.20 28.32 16.26
N ALA A 95 -26.19 27.49 16.56
CA ALA A 95 -27.55 27.97 16.72
C ALA A 95 -27.76 28.79 17.99
N LYS A 96 -26.86 28.70 18.96
CA LYS A 96 -27.05 29.38 20.24
C LYS A 96 -26.01 30.47 20.49
N THR A 97 -25.56 31.15 19.44
CA THR A 97 -24.61 32.24 19.51
C THR A 97 -25.34 33.58 19.54
N PRO A 98 -25.10 34.43 20.53
CA PRO A 98 -25.76 35.74 20.55
C PRO A 98 -25.33 36.61 19.38
N VAL A 99 -26.26 37.46 18.94
CA VAL A 99 -26.01 38.40 17.85
C VAL A 99 -26.63 39.75 18.20
N THR A 100 -25.81 40.73 18.54
CA THR A 100 -26.35 42.05 18.84
C THR A 100 -26.85 42.73 17.57
N MET A 101 -27.77 43.68 17.72
CA MET A 101 -28.46 44.30 16.61
C MET A 101 -28.32 45.81 16.68
N GLU A 102 -27.63 46.39 15.69
CA GLU A 102 -27.56 47.84 15.50
C GLU A 102 -27.11 48.57 16.75
N MET A 103 -26.32 47.89 17.58
CA MET A 103 -25.86 48.49 18.83
C MET A 103 -24.40 48.12 19.06
N PRO A 104 -23.63 49.00 19.69
CA PRO A 104 -22.29 48.62 20.14
C PRO A 104 -22.36 47.52 21.18
N ILE A 105 -21.35 46.64 21.18
CA ILE A 105 -21.27 45.62 22.22
C ILE A 105 -20.91 46.30 23.52
N GLN A 106 -21.90 46.43 24.41
CA GLN A 106 -21.76 47.24 25.61
C GLN A 106 -22.46 46.58 26.79
N ASN A 107 -22.71 47.35 27.85
CA ASN A 107 -23.30 46.80 29.07
C ASN A 107 -24.70 46.26 28.84
N HIS A 108 -25.56 47.05 28.18
CA HIS A 108 -26.93 46.65 27.91
C HIS A 108 -27.14 46.58 26.40
N ILE A 109 -27.54 45.41 25.90
CA ILE A 109 -27.62 45.16 24.47
C ILE A 109 -28.98 44.56 24.12
N THR A 110 -29.15 44.27 22.84
CA THR A 110 -30.35 43.64 22.31
C THR A 110 -29.91 42.53 21.37
N ILE A 111 -30.09 41.28 21.79
CA ILE A 111 -29.53 40.16 21.04
C ILE A 111 -30.63 39.27 20.47
N THR A 112 -30.35 38.64 19.34
CA THR A 112 -31.25 37.68 18.73
C THR A 112 -30.46 36.42 18.42
N ARG A 113 -31.12 35.28 18.48
CA ARG A 113 -30.46 33.99 18.34
C ARG A 113 -31.20 33.13 17.33
N ASN A 114 -30.44 32.22 16.70
CA ASN A 114 -30.99 31.19 15.82
C ASN A 114 -31.81 31.80 14.69
N ASN A 115 -31.13 32.60 13.88
CA ASN A 115 -31.68 33.21 12.67
C ASN A 115 -32.92 34.04 12.98
N LEU A 116 -32.78 34.89 14.00
CA LEU A 116 -33.81 35.87 14.37
C LEU A 116 -35.09 35.20 14.85
N GLN A 117 -34.96 33.98 15.36
CA GLN A 117 -36.12 33.26 15.89
C GLN A 117 -36.31 33.46 17.38
N GLU A 118 -35.41 34.19 18.04
CA GLU A 118 -35.59 34.61 19.42
C GLU A 118 -35.17 36.07 19.53
N LYS A 119 -35.55 36.71 20.63
CA LYS A 119 -35.18 38.10 20.84
C LYS A 119 -35.26 38.43 22.32
N TYR A 120 -34.33 39.26 22.78
CA TYR A 120 -34.27 39.73 24.15
C TYR A 120 -33.85 41.19 24.14
N THR A 121 -34.28 41.94 25.15
CA THR A 121 -34.01 43.37 25.21
C THR A 121 -33.52 43.75 26.59
N ASN A 122 -32.61 44.73 26.63
CA ASN A 122 -32.02 45.22 27.87
C ASN A 122 -31.30 44.11 28.63
N VAL A 123 -30.59 43.27 27.89
CA VAL A 123 -29.81 42.21 28.51
C VAL A 123 -28.56 42.79 29.16
N PHE A 124 -28.29 42.39 30.39
CA PHE A 124 -27.07 42.79 31.07
C PHE A 124 -25.92 41.92 30.60
N ASN A 125 -24.83 42.54 30.20
CA ASN A 125 -23.73 41.86 29.53
C ASN A 125 -22.63 41.52 30.53
N LEU A 126 -22.21 40.26 30.54
CA LEU A 126 -21.12 39.78 31.37
C LEU A 126 -20.21 38.86 30.56
N ALA A 127 -20.04 39.17 29.28
CA ALA A 127 -19.22 38.31 28.42
C ALA A 127 -18.35 39.12 27.45
N SER A 128 -18.08 40.39 27.75
CA SER A 128 -17.27 41.24 26.89
C SER A 128 -15.86 41.37 27.45
N ASN A 129 -14.88 41.35 26.55
CA ASN A 129 -13.47 41.41 26.94
C ASN A 129 -12.94 42.83 27.08
N ASN A 130 -13.76 43.84 26.82
CA ASN A 130 -13.32 45.24 26.87
C ASN A 130 -13.44 45.71 28.32
N PHE A 131 -12.34 45.60 29.07
CA PHE A 131 -12.37 45.83 30.51
C PHE A 131 -12.41 47.30 30.87
N LEU A 132 -11.72 48.16 30.14
CA LEU A 132 -11.59 49.55 30.54
C LEU A 132 -12.67 50.45 29.97
N GLN A 133 -13.19 50.14 28.79
CA GLN A 133 -14.24 50.92 28.15
C GLN A 133 -13.83 52.38 27.95
N LEU A 134 -12.53 52.62 27.79
CA LEU A 134 -12.05 53.96 27.49
C LEU A 134 -12.16 54.30 26.01
N SER A 135 -12.38 53.30 25.16
CA SER A 135 -12.47 53.51 23.73
C SER A 135 -13.84 54.00 23.29
N ALA A 136 -14.77 54.21 24.23
CA ALA A 136 -16.10 54.70 23.89
C ALA A 136 -16.33 56.16 24.24
N THR A 137 -15.37 56.81 24.90
CA THR A 137 -15.52 58.21 25.27
C THR A 137 -15.40 59.11 24.05
N GLU A 138 -15.91 60.33 24.18
CA GLU A 138 -15.95 61.27 23.06
C GLU A 138 -14.59 61.65 22.50
N PRO A 139 -13.55 61.90 23.32
CA PRO A 139 -12.25 62.24 22.71
C PRO A 139 -11.71 61.20 21.74
N VAL A 140 -11.85 59.91 22.07
CA VAL A 140 -11.40 58.88 21.15
C VAL A 140 -12.23 58.88 19.89
N LYS A 141 -13.54 59.13 20.01
CA LYS A 141 -14.39 59.23 18.83
C LYS A 141 -13.94 60.37 17.92
N GLU A 142 -13.61 61.52 18.52
CA GLU A 142 -13.16 62.66 17.72
C GLU A 142 -11.84 62.34 17.01
N VAL A 143 -10.92 61.69 17.72
CA VAL A 143 -9.65 61.33 17.11
C VAL A 143 -9.87 60.35 15.96
N VAL A 144 -10.75 59.38 16.15
CA VAL A 144 -11.02 58.40 15.09
C VAL A 144 -11.62 59.09 13.87
N LYS A 145 -12.56 60.00 14.10
CA LYS A 145 -13.17 60.72 12.99
C LYS A 145 -12.15 61.55 12.22
N THR A 146 -11.29 62.27 12.96
CA THR A 146 -10.28 63.10 12.30
C THR A 146 -9.32 62.24 11.50
N THR A 147 -8.90 61.11 12.06
CA THR A 147 -7.99 60.22 11.35
C THR A 147 -8.64 59.65 10.09
N ILE A 148 -9.91 59.25 10.17
CA ILE A 148 -10.56 58.70 8.98
C ILE A 148 -10.74 59.78 7.93
N LYS A 149 -11.00 61.02 8.32
CA LYS A 149 -11.13 62.09 7.34
C LYS A 149 -9.79 62.43 6.68
N ASN A 150 -8.70 62.42 7.44
CA ASN A 150 -7.40 62.82 6.90
C ASN A 150 -6.69 61.71 6.15
N TYR A 151 -6.97 60.45 6.46
CA TYR A 151 -6.40 59.29 5.81
C TYR A 151 -7.52 58.51 5.14
N GLY A 152 -7.21 57.30 4.68
CA GLY A 152 -8.25 56.42 4.18
C GLY A 152 -8.83 55.56 5.29
N VAL A 153 -9.20 54.34 4.96
CA VAL A 153 -9.59 53.36 5.97
C VAL A 153 -8.64 52.17 5.86
N GLY A 154 -8.10 51.93 4.67
CA GLY A 154 -7.14 50.89 4.45
C GLY A 154 -5.73 51.45 4.33
N ALA A 155 -4.75 50.57 4.52
CA ALA A 155 -3.35 50.97 4.41
C ALA A 155 -2.79 50.77 3.02
N CYS A 156 -3.28 49.77 2.29
CA CYS A 156 -2.90 49.52 0.89
C CYS A 156 -1.40 49.30 0.74
N GLY A 157 -0.91 48.22 1.33
CA GLY A 157 0.46 47.84 1.15
C GLY A 157 1.08 47.20 2.37
N PRO A 158 2.07 46.34 2.16
CA PRO A 158 2.78 45.74 3.29
C PRO A 158 3.85 46.68 3.84
N ALA A 159 4.24 46.41 5.08
CA ALA A 159 5.20 47.27 5.76
C ALA A 159 6.55 47.34 5.05
N GLY A 160 6.86 46.36 4.22
CA GLY A 160 8.17 46.34 3.57
C GLY A 160 8.39 47.50 2.62
N PHE A 161 7.40 47.79 1.76
CA PHE A 161 7.59 48.81 0.74
C PHE A 161 7.04 50.17 1.14
N TYR A 162 5.72 50.25 1.31
CA TYR A 162 5.06 51.50 1.64
C TYR A 162 3.95 51.22 2.64
N GLY A 163 3.02 52.15 2.81
CA GLY A 163 1.90 51.88 3.71
C GLY A 163 2.34 51.72 5.14
N ASN A 164 3.40 52.42 5.54
CA ASN A 164 3.81 52.50 6.94
C ASN A 164 3.90 54.00 7.27
N GLN A 165 2.77 54.57 7.65
CA GLN A 165 2.66 56.00 7.83
C GLN A 165 3.41 56.45 9.08
N ASP A 166 3.36 57.74 9.37
CA ASP A 166 3.97 58.28 10.57
C ASP A 166 3.22 57.91 11.85
N VAL A 167 1.91 57.65 11.75
CA VAL A 167 1.14 57.30 12.93
C VAL A 167 1.59 55.96 13.50
N HIS A 168 2.00 55.04 12.62
CA HIS A 168 2.51 53.76 13.10
C HIS A 168 3.78 53.95 13.93
N TYR A 169 4.71 54.78 13.44
CA TYR A 169 5.92 55.06 14.19
C TYR A 169 5.62 55.74 15.51
N THR A 170 4.67 56.69 15.49
CA THR A 170 4.30 57.38 16.72
C THR A 170 3.73 56.40 17.75
N LEU A 171 2.89 55.47 17.30
CA LEU A 171 2.36 54.48 18.23
C LEU A 171 3.46 53.58 18.77
N GLU A 172 4.41 53.19 17.92
CA GLU A 172 5.51 52.36 18.41
C GLU A 172 6.32 53.08 19.48
N TYR A 173 6.64 54.35 19.25
CA TYR A 173 7.37 55.11 20.24
C TYR A 173 6.59 55.27 21.53
N ASP A 174 5.28 55.54 21.42
CA ASP A 174 4.47 55.69 22.62
C ASP A 174 4.39 54.41 23.41
N LEU A 175 4.23 53.26 22.74
CA LEU A 175 4.19 51.99 23.44
C LEU A 175 5.50 51.71 24.16
N ALA A 176 6.62 51.92 23.46
CA ALA A 176 7.92 51.66 24.06
C ALA A 176 8.16 52.57 25.27
N GLN A 177 7.74 53.83 25.17
CA GLN A 177 7.93 54.75 26.29
C GLN A 177 7.03 54.39 27.46
N PHE A 178 5.78 54.00 27.17
CA PHE A 178 4.82 53.75 28.24
C PHE A 178 5.19 52.49 29.02
N PHE A 179 5.51 51.40 28.33
CA PHE A 179 5.71 50.16 29.05
C PHE A 179 7.12 50.01 29.60
N GLY A 180 8.04 50.87 29.16
CA GLY A 180 9.35 50.97 29.77
C GLY A 180 10.47 50.27 29.05
N THR A 181 10.21 49.65 27.89
CA THR A 181 11.25 48.94 27.16
C THR A 181 11.91 49.88 26.15
N GLN A 182 12.74 49.33 25.27
CA GLN A 182 13.43 50.14 24.27
C GLN A 182 12.60 50.33 23.01
N GLY A 183 12.12 49.24 22.40
CA GLY A 183 11.36 49.32 21.18
C GLY A 183 10.19 48.35 21.19
N SER A 184 9.39 48.43 20.12
CA SER A 184 8.27 47.52 19.94
C SER A 184 7.92 47.48 18.46
N VAL A 185 7.17 46.44 18.09
CA VAL A 185 6.65 46.28 16.74
C VAL A 185 5.17 45.97 16.83
N LEU A 186 4.45 46.22 15.73
CA LEU A 186 3.01 46.03 15.67
C LEU A 186 2.69 44.87 14.74
N TYR A 187 1.60 44.17 15.04
CA TYR A 187 1.18 43.01 14.26
C TYR A 187 -0.27 43.14 13.86
N GLY A 188 -0.64 42.43 12.79
CA GLY A 188 -1.97 42.56 12.24
C GLY A 188 -3.07 42.07 13.17
N GLN A 189 -2.81 40.96 13.88
CA GLN A 189 -3.78 40.46 14.84
C GLN A 189 -3.02 39.69 15.91
N ASP A 190 -3.61 39.65 17.11
CA ASP A 190 -2.90 39.13 18.27
C ASP A 190 -2.73 37.62 18.20
N PHE A 191 -3.68 36.92 17.59
CA PHE A 191 -3.57 35.47 17.49
C PHE A 191 -2.38 35.04 16.64
N CYS A 192 -1.83 35.92 15.82
CA CYS A 192 -0.72 35.60 14.94
C CYS A 192 0.59 36.21 15.39
N ALA A 193 0.64 36.82 16.57
CA ALA A 193 1.88 37.45 17.03
C ALA A 193 2.89 36.39 17.48
N ALA A 194 2.53 35.61 18.50
CA ALA A 194 3.45 34.60 19.03
C ALA A 194 3.87 33.55 18.01
N PRO A 195 2.96 32.93 17.24
CA PRO A 195 3.39 31.90 16.29
C PRO A 195 4.31 32.40 15.20
N SER A 196 4.62 33.68 15.16
CA SER A 196 5.59 34.22 14.21
C SER A 196 6.87 34.69 14.88
N VAL A 197 6.77 35.32 16.05
CA VAL A 197 7.96 35.77 16.76
C VAL A 197 8.73 34.58 17.33
N LEU A 198 8.02 33.63 17.94
CA LEU A 198 8.74 32.56 18.63
C LEU A 198 9.54 31.67 17.67
N PRO A 199 8.99 31.23 16.54
CA PRO A 199 9.81 30.46 15.59
C PRO A 199 10.97 31.25 15.01
N ALA A 200 10.95 32.58 15.06
CA ALA A 200 12.01 33.37 14.47
C ALA A 200 13.29 33.34 15.29
N PHE A 201 13.21 32.96 16.56
CA PHE A 201 14.37 32.99 17.46
C PHE A 201 14.79 31.60 17.90
N THR A 202 14.23 30.55 17.30
CA THR A 202 14.59 29.18 17.68
C THR A 202 14.63 28.33 16.42
N LYS A 203 15.31 27.20 16.52
CA LYS A 203 15.35 26.21 15.47
C LYS A 203 15.81 24.89 16.08
N ARG A 204 16.11 23.93 15.22
CA ARG A 204 16.56 22.62 15.69
C ARG A 204 17.89 22.75 16.42
N GLY A 205 17.94 22.22 17.63
CA GLY A 205 19.09 22.34 18.50
C GLY A 205 18.88 23.25 19.70
N ASP A 206 17.77 23.99 19.74
CA ASP A 206 17.48 24.87 20.85
C ASP A 206 16.53 24.20 21.83
N VAL A 207 16.42 24.75 23.03
CA VAL A 207 15.67 24.14 24.12
C VAL A 207 14.64 25.14 24.62
N ILE A 208 13.40 24.68 24.79
CA ILE A 208 12.31 25.48 25.33
C ILE A 208 11.71 24.73 26.50
N VAL A 209 11.51 25.43 27.61
CA VAL A 209 10.84 24.88 28.79
C VAL A 209 9.53 25.64 28.94
N ALA A 210 8.41 24.95 28.77
CA ALA A 210 7.10 25.58 28.72
C ALA A 210 6.26 25.13 29.90
N ASP A 211 5.32 26.00 30.28
CA ASP A 211 4.41 25.69 31.38
C ASP A 211 3.51 24.52 30.99
N ASP A 212 2.79 24.00 31.99
CA ASP A 212 2.00 22.79 31.77
C ASP A 212 0.72 23.07 31.00
N GLN A 213 0.07 24.21 31.24
CA GLN A 213 -1.20 24.54 30.59
C GLN A 213 -1.12 25.95 30.01
N VAL A 214 -0.68 26.03 28.75
CA VAL A 214 -0.65 27.29 28.03
C VAL A 214 -1.74 27.27 26.98
N SER A 215 -2.12 28.44 26.48
CA SER A 215 -3.24 28.56 25.56
C SER A 215 -2.87 28.01 24.19
N LEU A 216 -3.75 28.16 23.21
CA LEU A 216 -3.54 27.58 21.89
C LEU A 216 -2.52 28.34 21.04
N PRO A 217 -2.50 29.68 21.02
CA PRO A 217 -1.45 30.35 20.23
C PRO A 217 -0.04 29.92 20.62
N VAL A 218 0.21 29.78 21.92
CA VAL A 218 1.53 29.36 22.36
C VAL A 218 1.80 27.93 21.97
N GLN A 219 0.79 27.06 22.00
CA GLN A 219 0.97 25.69 21.55
C GLN A 219 1.34 25.65 20.07
N ASN A 220 0.69 26.48 19.26
CA ASN A 220 1.03 26.56 17.85
C ASN A 220 2.46 27.05 17.66
N ALA A 221 2.87 28.05 18.44
CA ALA A 221 4.24 28.54 18.36
C ALA A 221 5.25 27.43 18.69
N LEU A 222 5.01 26.70 19.77
CA LEU A 222 5.91 25.63 20.15
C LEU A 222 5.95 24.53 19.10
N GLN A 223 4.78 24.19 18.55
CA GLN A 223 4.73 23.13 17.54
C GLN A 223 5.43 23.56 16.25
N LEU A 224 5.41 24.84 15.93
CA LEU A 224 5.94 25.31 14.66
C LEU A 224 7.38 25.80 14.76
N SER A 225 7.92 25.92 15.97
CA SER A 225 9.29 26.40 16.11
C SER A 225 10.33 25.35 15.76
N ARG A 226 9.98 24.07 15.89
CA ARG A 226 10.87 22.96 15.53
C ARG A 226 12.12 22.93 16.41
N SER A 227 11.91 22.88 17.72
CA SER A 227 12.97 22.69 18.69
C SER A 227 12.48 21.71 19.76
N THR A 228 13.31 21.48 20.76
CA THR A 228 12.97 20.52 21.82
C THR A 228 12.16 21.22 22.92
N VAL A 229 11.06 20.60 23.33
CA VAL A 229 10.12 21.21 24.26
C VAL A 229 9.94 20.29 25.46
N TYR A 230 10.01 20.86 26.66
CA TYR A 230 9.76 20.16 27.91
C TYR A 230 8.72 20.92 28.71
N TYR A 231 7.95 20.21 29.51
CA TYR A 231 6.85 20.80 30.27
C TYR A 231 7.06 20.60 31.77
N PHE A 232 7.10 21.71 32.51
CA PHE A 232 7.06 21.61 33.96
C PHE A 232 5.61 21.65 34.42
N ASN A 233 5.36 21.88 35.71
CA ASN A 233 4.12 21.43 36.32
C ASN A 233 3.30 22.59 36.88
N HIS A 234 3.10 23.64 36.08
CA HIS A 234 2.10 24.67 36.39
C HIS A 234 2.33 25.37 37.72
N ASN A 235 3.37 26.19 37.80
CA ASN A 235 3.67 27.02 38.97
C ASN A 235 4.28 26.21 40.10
N ASP A 236 4.72 24.99 39.78
CA ASP A 236 5.48 24.15 40.70
C ASP A 236 6.94 24.48 40.44
N MET A 237 7.46 25.47 41.16
CA MET A 237 8.83 25.91 41.00
C MET A 237 9.83 24.78 41.17
N ASN A 238 9.48 23.80 42.00
CA ASN A 238 10.39 22.68 42.24
C ASN A 238 10.62 21.88 40.97
N SER A 239 9.56 21.59 40.22
CA SER A 239 9.71 20.85 38.98
C SER A 239 10.55 21.63 37.98
N LEU A 240 10.31 22.94 37.89
CA LEU A 240 11.11 23.78 37.01
C LEU A 240 12.58 23.76 37.40
N GLU A 241 12.86 23.85 38.70
CA GLU A 241 14.24 23.85 39.15
C GLU A 241 14.94 22.53 38.85
N CYS A 242 14.25 21.41 39.09
CA CYS A 242 14.84 20.11 38.79
C CYS A 242 15.11 19.97 37.29
N LEU A 243 14.16 20.39 36.45
CA LEU A 243 14.36 20.31 35.01
C LEU A 243 15.53 21.17 34.56
N LEU A 244 15.62 22.39 35.09
CA LEU A 244 16.72 23.27 34.72
C LEU A 244 18.06 22.69 35.14
N ASN A 245 18.10 22.14 36.35
CA ASN A 245 19.30 21.52 36.88
C ASN A 245 19.76 20.41 35.96
N GLU A 246 18.87 19.48 35.67
CA GLU A 246 19.20 18.34 34.83
C GLU A 246 19.67 18.79 33.45
N LEU A 247 18.98 19.76 32.86
CA LEU A 247 19.37 20.22 31.53
C LEU A 247 20.75 20.84 31.54
N THR A 248 21.05 21.67 32.55
CA THR A 248 22.36 22.33 32.56
C THR A 248 23.49 21.34 32.84
N GLU A 249 23.24 20.33 33.67
CA GLU A 249 24.27 19.34 33.95
C GLU A 249 24.54 18.60 32.65
N GLN A 250 23.49 18.14 31.98
CA GLN A 250 23.65 17.42 30.72
C GLN A 250 24.41 18.27 29.70
N GLU A 251 24.12 19.56 29.69
CA GLU A 251 24.79 20.49 28.79
C GLU A 251 26.28 20.49 29.07
N LYS A 252 26.63 20.60 30.35
CA LYS A 252 28.02 20.61 30.76
C LYS A 252 28.70 19.34 30.30
N LEU A 253 28.06 18.20 30.55
CA LEU A 253 28.66 16.92 30.19
C LEU A 253 28.87 16.80 28.69
N GLU A 254 27.98 17.37 27.87
CA GLU A 254 28.10 17.24 26.43
C GLU A 254 29.30 18.00 25.85
N LYS A 255 29.61 19.17 26.38
CA LYS A 255 30.68 20.04 25.86
C LYS A 255 30.41 20.41 24.39
N LEU A 256 29.33 21.15 24.19
CA LEU A 256 29.04 21.66 22.86
C LEU A 256 29.97 22.83 22.52
N PRO A 257 30.34 23.00 21.25
CA PRO A 257 31.18 24.13 20.85
C PRO A 257 30.53 25.47 21.17
N ALA A 258 29.34 25.70 20.62
CA ALA A 258 28.59 26.93 20.83
C ALA A 258 27.28 26.60 21.53
N ILE A 259 27.01 27.31 22.61
CA ILE A 259 25.82 27.05 23.43
C ILE A 259 24.57 27.45 22.66
N PRO A 260 23.45 26.76 22.87
CA PRO A 260 22.23 27.09 22.14
C PRO A 260 21.38 28.15 22.84
N ARG A 261 20.28 28.56 22.21
CA ARG A 261 19.37 29.51 22.81
C ARG A 261 18.34 28.77 23.67
N LYS A 262 18.06 29.33 24.84
CA LYS A 262 17.20 28.68 25.82
C LYS A 262 16.15 29.65 26.30
N PHE A 263 14.88 29.23 26.32
CA PHE A 263 13.77 30.08 26.68
C PHE A 263 12.89 29.40 27.72
N ILE A 264 12.24 30.21 28.53
CA ILE A 264 11.19 29.77 29.44
C ILE A 264 9.90 30.45 29.01
N VAL A 265 8.86 29.66 28.78
CA VAL A 265 7.60 30.16 28.25
C VAL A 265 6.52 30.00 29.30
N THR A 266 5.84 31.10 29.63
CA THR A 266 4.76 31.08 30.60
C THR A 266 3.76 32.17 30.20
N GLU A 267 2.83 32.48 31.10
CA GLU A 267 1.82 33.49 30.84
C GLU A 267 1.61 34.32 32.10
N GLY A 268 1.24 35.58 31.90
CA GLY A 268 1.00 36.47 33.01
C GLY A 268 -0.24 36.09 33.78
N ILE A 269 -1.40 36.15 33.13
CA ILE A 269 -2.64 35.61 33.65
C ILE A 269 -3.12 34.60 32.62
N PHE A 270 -3.35 33.36 33.05
CA PHE A 270 -3.64 32.29 32.11
C PHE A 270 -5.04 32.46 31.51
N HIS A 271 -5.18 32.00 30.27
CA HIS A 271 -6.45 32.17 29.56
C HIS A 271 -7.50 31.20 30.08
N ASN A 272 -7.18 29.91 30.12
CA ASN A 272 -8.13 28.91 30.57
C ASN A 272 -8.26 28.91 32.09
N SER A 273 -7.16 28.70 32.79
CA SER A 273 -7.15 28.66 34.24
C SER A 273 -7.61 29.99 34.85
N GLY A 274 -6.85 31.05 34.62
CA GLY A 274 -7.17 32.34 35.16
C GLY A 274 -6.37 32.77 36.37
N ASP A 275 -5.24 32.12 36.65
CA ASP A 275 -4.47 32.38 37.85
C ASP A 275 -3.14 33.06 37.50
N LEU A 276 -2.72 33.95 38.39
CA LEU A 276 -1.48 34.70 38.22
C LEU A 276 -0.27 33.79 38.36
N ALA A 277 0.86 34.19 37.69
CA ALA A 277 2.08 33.39 37.71
C ALA A 277 3.15 34.05 38.56
N PRO A 278 3.93 33.26 39.31
CA PRO A 278 4.96 33.84 40.20
C PRO A 278 6.15 34.35 39.42
N LEU A 279 6.31 35.66 39.39
CA LEU A 279 7.38 36.31 38.64
C LEU A 279 8.73 36.28 39.35
N PRO A 280 8.83 36.68 40.65
CA PRO A 280 10.16 36.80 41.26
C PRO A 280 10.97 35.51 41.22
N GLU A 281 10.30 34.39 41.51
CA GLU A 281 10.98 33.10 41.44
C GLU A 281 11.44 32.81 40.02
N LEU A 282 10.61 33.13 39.03
CA LEU A 282 10.96 32.86 37.64
C LEU A 282 12.20 33.65 37.22
N THR A 283 12.22 34.95 37.54
CA THR A 283 13.38 35.75 37.14
C THR A 283 14.63 35.33 37.90
N LYS A 284 14.47 34.98 39.18
CA LYS A 284 15.61 34.49 39.96
C LYS A 284 16.20 33.23 39.35
N LEU A 285 15.35 32.25 39.04
CA LEU A 285 15.81 31.00 38.46
C LEU A 285 16.43 31.20 37.08
N LYS A 286 15.83 32.04 36.24
CA LYS A 286 16.40 32.20 34.90
C LYS A 286 17.71 32.99 34.94
N ASN A 287 17.86 33.89 35.91
CA ASN A 287 19.15 34.53 36.11
C ASN A 287 20.19 33.51 36.56
N LYS A 288 19.81 32.63 37.49
CA LYS A 288 20.77 31.66 38.02
C LYS A 288 21.21 30.67 36.95
N TYR A 289 20.28 30.20 36.12
CA TYR A 289 20.58 29.14 35.16
C TYR A 289 20.84 29.64 33.75
N LYS A 290 20.89 30.96 33.54
CA LYS A 290 21.20 31.56 32.24
C LYS A 290 20.16 31.15 31.18
N PHE A 291 18.90 31.49 31.45
CA PHE A 291 17.79 31.27 30.55
C PHE A 291 17.14 32.61 30.21
N ARG A 292 16.36 32.62 29.14
CA ARG A 292 15.55 33.77 28.78
C ARG A 292 14.08 33.51 29.12
N LEU A 293 13.36 34.59 29.42
CA LEU A 293 11.99 34.51 29.89
C LEU A 293 11.05 35.11 28.84
N PHE A 294 10.06 34.31 28.43
CA PHE A 294 9.05 34.74 27.48
C PHE A 294 7.71 34.72 28.22
N VAL A 295 7.00 35.85 28.19
CA VAL A 295 5.75 36.00 28.91
C VAL A 295 4.68 36.48 27.94
N ASP A 296 3.61 35.70 27.81
CA ASP A 296 2.46 36.05 26.98
C ASP A 296 1.38 36.61 27.89
N GLU A 297 1.40 37.93 28.09
CA GLU A 297 0.43 38.57 28.97
C GLU A 297 -0.57 39.35 28.14
N THR A 298 -1.62 38.65 27.70
CA THR A 298 -2.71 39.26 26.95
C THR A 298 -3.79 39.81 27.86
N PHE A 299 -4.10 39.10 28.94
CA PHE A 299 -5.21 39.44 29.81
C PHE A 299 -4.80 40.25 31.03
N SER A 300 -3.53 40.61 31.14
CA SER A 300 -3.05 41.33 32.31
C SER A 300 -2.69 42.78 32.05
N ILE A 301 -2.20 43.12 30.85
CA ILE A 301 -1.85 44.50 30.54
C ILE A 301 -3.10 45.36 30.60
N GLY A 302 -3.05 46.41 31.40
CA GLY A 302 -4.21 47.24 31.64
C GLY A 302 -5.08 46.80 32.79
N VAL A 303 -4.76 45.67 33.43
CA VAL A 303 -5.59 45.13 34.50
C VAL A 303 -4.77 45.05 35.78
N LEU A 304 -3.47 44.88 35.65
CA LEU A 304 -2.58 44.66 36.78
C LEU A 304 -1.68 45.87 36.98
N GLY A 305 -1.62 46.37 38.20
CA GLY A 305 -0.79 47.49 38.55
C GLY A 305 -1.61 48.68 39.04
N ALA A 306 -0.92 49.58 39.74
CA ALA A 306 -1.58 50.78 40.23
C ALA A 306 -1.98 51.69 39.06
N THR A 307 -1.27 51.58 37.94
CA THR A 307 -1.60 52.31 36.73
C THR A 307 -1.81 51.39 35.53
N GLY A 308 -1.91 50.09 35.76
CA GLY A 308 -2.19 49.14 34.70
C GLY A 308 -1.10 49.00 33.67
N ARG A 309 0.16 48.91 34.11
CA ARG A 309 1.27 48.68 33.21
C ARG A 309 1.69 47.23 33.12
N GLY A 310 1.00 46.33 33.81
CA GLY A 310 1.23 44.91 33.62
C GLY A 310 1.65 44.13 34.85
N LEU A 311 2.34 43.02 34.62
CA LEU A 311 2.78 42.14 35.70
C LEU A 311 3.96 42.73 36.47
N SER A 312 4.90 43.34 35.75
CA SER A 312 6.08 43.89 36.40
C SER A 312 5.72 44.97 37.40
N GLU A 313 4.78 45.85 37.03
CA GLU A 313 4.33 46.89 37.97
C GLU A 313 3.60 46.26 39.15
N HIS A 314 2.89 45.16 38.90
CA HIS A 314 2.19 44.49 40.00
C HIS A 314 3.18 43.93 41.02
N PHE A 315 4.31 43.40 40.55
CA PHE A 315 5.32 42.88 41.45
C PHE A 315 6.45 43.86 41.71
N ASN A 316 6.30 45.13 41.30
CA ASN A 316 7.27 46.19 41.57
C ASN A 316 8.67 45.84 41.05
N MET A 317 8.82 45.71 39.73
CA MET A 317 10.12 45.40 39.14
C MET A 317 10.41 46.28 37.94
N ASP A 318 11.47 45.95 37.21
CA ASP A 318 11.82 46.65 35.97
C ASP A 318 11.61 45.69 34.80
N ARG A 319 10.70 46.05 33.91
CA ARG A 319 10.39 45.15 32.81
C ARG A 319 11.61 44.91 31.91
N ALA A 320 12.51 45.88 31.82
CA ALA A 320 13.67 45.73 30.95
C ALA A 320 14.63 44.64 31.43
N THR A 321 14.67 44.35 32.73
CA THR A 321 15.60 43.37 33.27
C THR A 321 14.92 42.11 33.81
N ALA A 322 13.59 42.08 33.87
CA ALA A 322 12.86 40.91 34.36
C ALA A 322 12.33 40.03 33.23
N ILE A 323 11.91 40.61 32.12
CA ILE A 323 11.30 39.88 31.02
C ILE A 323 12.02 40.25 29.73
N ASP A 324 12.29 39.26 28.89
CA ASP A 324 12.99 39.50 27.63
C ASP A 324 12.04 39.74 26.46
N ILE A 325 10.99 38.92 26.33
CA ILE A 325 10.00 39.07 25.28
C ILE A 325 8.62 39.17 25.92
N THR A 326 7.84 40.15 25.50
CA THR A 326 6.48 40.34 25.98
C THR A 326 5.55 40.42 24.78
N VAL A 327 4.50 39.60 24.77
CA VAL A 327 3.51 39.59 23.70
C VAL A 327 2.20 40.11 24.29
N GLY A 328 1.69 41.20 23.73
CA GLY A 328 0.48 41.80 24.24
C GLY A 328 -0.67 41.74 23.26
N SER A 329 -1.76 42.44 23.55
CA SER A 329 -2.91 42.48 22.66
C SER A 329 -3.62 43.81 22.84
N MET A 330 -3.89 44.47 21.72
CA MET A 330 -4.54 45.77 21.72
C MET A 330 -6.05 45.67 21.68
N ALA A 331 -6.60 44.48 21.88
CA ALA A 331 -8.01 44.23 21.63
C ALA A 331 -8.81 43.82 22.86
N THR A 332 -8.20 43.76 24.03
CA THR A 332 -8.93 43.40 25.24
C THR A 332 -9.08 44.58 26.19
N ALA A 333 -7.98 45.16 26.65
CA ALA A 333 -8.07 46.25 27.59
C ALA A 333 -7.96 47.62 26.94
N LEU A 334 -7.43 47.69 25.72
CA LEU A 334 -7.24 48.96 25.02
C LEU A 334 -8.34 49.26 24.01
N GLY A 335 -9.26 48.33 23.77
CA GLY A 335 -10.42 48.60 22.94
C GLY A 335 -10.11 48.95 21.49
N SER A 336 -9.25 48.16 20.85
CA SER A 336 -8.88 48.37 19.47
C SER A 336 -8.56 47.01 18.86
N THR A 337 -7.80 46.98 17.77
CA THR A 337 -7.41 45.73 17.14
C THR A 337 -5.91 45.70 16.89
N GLY A 338 -5.31 44.53 17.05
CA GLY A 338 -3.91 44.28 16.74
C GLY A 338 -3.17 43.74 17.93
N GLY A 339 -1.87 43.53 17.75
CA GLY A 339 -1.01 43.05 18.80
C GLY A 339 0.31 43.79 18.76
N PHE A 340 1.21 43.45 19.69
CA PHE A 340 2.52 44.07 19.72
C PHE A 340 3.48 43.17 20.48
N VAL A 341 4.77 43.48 20.35
CA VAL A 341 5.84 42.75 21.03
C VAL A 341 6.83 43.77 21.59
N LEU A 342 7.16 43.65 22.87
CA LEU A 342 8.04 44.58 23.56
C LEU A 342 9.39 43.93 23.84
N GLY A 343 10.45 44.71 23.68
CA GLY A 343 11.80 44.23 23.98
C GLY A 343 12.86 45.29 23.75
N ASP A 344 14.02 44.88 23.25
CA ASP A 344 15.14 45.79 23.01
C ASP A 344 15.37 45.96 21.51
N SER A 345 16.38 46.76 21.17
CA SER A 345 16.56 47.21 19.79
C SER A 345 16.95 46.06 18.86
N VAL A 346 17.85 45.18 19.32
CA VAL A 346 18.32 44.10 18.46
C VAL A 346 17.17 43.17 18.10
N MET A 347 16.36 42.81 19.10
CA MET A 347 15.23 41.93 18.85
C MET A 347 14.25 42.55 17.87
N CYS A 348 13.94 43.84 18.05
CA CYS A 348 12.97 44.49 17.18
C CYS A 348 13.47 44.57 15.74
N LEU A 349 14.74 44.91 15.56
CA LEU A 349 15.30 44.96 14.20
C LEU A 349 15.27 43.59 13.54
N HIS A 350 15.62 42.54 14.29
CA HIS A 350 15.58 41.21 13.71
C HIS A 350 14.15 40.80 13.38
N GLN A 351 13.18 41.20 14.19
CA GLN A 351 11.79 40.88 13.90
C GLN A 351 11.34 41.57 12.61
N ARG A 352 11.68 42.83 12.44
CA ARG A 352 11.34 43.51 11.19
C ARG A 352 11.99 42.83 9.99
N ILE A 353 13.20 42.34 10.15
CA ILE A 353 13.89 41.67 9.04
C ILE A 353 13.24 40.32 8.71
N GLY A 354 12.96 39.49 9.70
CA GLY A 354 12.65 38.10 9.41
C GLY A 354 11.49 37.44 10.13
N SER A 355 10.41 38.17 10.40
CA SER A 355 9.20 37.58 10.97
C SER A 355 8.13 37.53 9.89
N ASN A 356 7.56 36.34 9.66
CA ASN A 356 6.73 36.11 8.48
C ASN A 356 5.47 36.97 8.50
N ALA A 357 4.72 36.92 9.60
CA ALA A 357 3.45 37.63 9.67
C ALA A 357 3.63 39.13 9.64
N TYR A 358 4.84 39.62 9.88
CA TYR A 358 5.09 41.05 9.80
C TYR A 358 5.38 41.48 8.37
N CYS A 359 6.31 40.82 7.71
CA CYS A 359 6.79 41.26 6.40
C CYS A 359 5.96 40.74 5.24
N PHE A 360 5.01 39.83 5.48
CA PHE A 360 4.18 39.32 4.39
C PHE A 360 2.71 39.63 4.57
N SER A 361 2.38 40.69 5.31
CA SER A 361 1.00 41.06 5.54
C SER A 361 0.88 42.58 5.58
N ALA A 362 -0.34 43.06 5.33
CA ALA A 362 -0.56 44.50 5.24
C ALA A 362 -0.53 45.15 6.62
N CYS A 363 -0.15 46.42 6.65
CA CYS A 363 -0.19 47.19 7.88
C CYS A 363 -1.63 47.47 8.28
N LEU A 364 -1.85 47.55 9.55
CA LEU A 364 -3.18 47.78 10.11
C LEU A 364 -3.57 49.25 9.99
N PRO A 365 -4.87 49.52 9.90
CA PRO A 365 -5.32 50.88 9.53
C PRO A 365 -4.89 51.95 10.52
N ALA A 366 -5.09 53.21 10.11
CA ALA A 366 -4.58 54.34 10.88
C ALA A 366 -5.44 54.66 12.10
N TYR A 367 -6.76 54.54 11.98
CA TYR A 367 -7.61 54.95 13.09
C TYR A 367 -7.37 54.10 14.32
N THR A 368 -7.03 52.82 14.12
CA THR A 368 -6.72 51.96 15.26
C THR A 368 -5.52 52.49 16.04
N VAL A 369 -4.43 52.81 15.34
CA VAL A 369 -3.22 53.21 16.03
C VAL A 369 -3.40 54.58 16.68
N THR A 370 -4.10 55.50 16.01
CA THR A 370 -4.34 56.80 16.64
C THR A 370 -5.20 56.66 17.88
N SER A 371 -6.24 55.82 17.83
CA SER A 371 -7.07 55.61 19.00
C SER A 371 -6.28 54.99 20.15
N VAL A 372 -5.38 54.04 19.83
CA VAL A 372 -4.58 53.43 20.89
C VAL A 372 -3.65 54.46 21.52
N SER A 373 -3.07 55.35 20.71
CA SER A 373 -2.23 56.40 21.27
C SER A 373 -3.02 57.30 22.22
N LYS A 374 -4.21 57.71 21.81
CA LYS A 374 -5.04 58.54 22.68
C LYS A 374 -5.39 57.81 23.98
N VAL A 375 -5.71 56.52 23.88
CA VAL A 375 -6.03 55.73 25.06
C VAL A 375 -4.83 55.65 26.00
N LEU A 376 -3.63 55.47 25.43
CA LEU A 376 -2.44 55.40 26.27
C LEU A 376 -2.22 56.69 27.03
N LYS A 377 -2.41 57.84 26.37
CA LYS A 377 -2.29 59.11 27.10
C LYS A 377 -3.36 59.22 28.19
N LEU A 378 -4.60 58.84 27.86
CA LEU A 378 -5.68 58.97 28.82
C LEU A 378 -5.45 58.07 30.04
N MET A 379 -4.80 56.93 29.85
CA MET A 379 -4.42 56.13 31.01
C MET A 379 -3.22 56.72 31.73
N ASP A 380 -2.33 57.39 31.00
CA ASP A 380 -1.18 58.01 31.64
C ASP A 380 -1.59 59.15 32.55
N SER A 381 -2.72 59.77 32.28
CA SER A 381 -3.18 60.89 33.10
C SER A 381 -3.53 60.44 34.51
N ASN A 382 -4.72 59.88 34.65
CA ASN A 382 -5.20 59.40 35.94
C ASN A 382 -5.68 57.97 35.81
N ASN A 383 -5.41 57.15 36.82
CA ASN A 383 -5.83 55.76 36.81
C ASN A 383 -7.35 55.66 36.85
N ASP A 384 -7.95 55.98 37.99
CA ASP A 384 -9.40 55.93 38.11
C ASP A 384 -9.98 54.65 37.53
N ALA A 385 -9.87 54.51 36.21
CA ALA A 385 -10.40 53.33 35.51
C ALA A 385 -9.85 52.05 36.11
N VAL A 386 -8.52 51.92 36.13
CA VAL A 386 -7.88 50.74 36.67
C VAL A 386 -8.26 50.52 38.13
N GLN A 387 -8.28 51.59 38.91
CA GLN A 387 -8.65 51.51 40.32
C GLN A 387 -10.02 50.86 40.47
N THR A 388 -10.99 51.34 39.70
CA THR A 388 -12.33 50.80 39.74
C THR A 388 -12.36 49.34 39.31
N LEU A 389 -11.68 49.02 38.22
CA LEU A 389 -11.64 47.66 37.71
C LEU A 389 -11.21 46.65 38.76
N GLN A 390 -10.23 47.07 39.57
CA GLN A 390 -9.69 46.26 40.65
C GLN A 390 -10.73 46.01 41.71
N LYS A 391 -11.40 47.08 42.15
CA LYS A 391 -12.42 46.94 43.19
C LYS A 391 -13.53 46.00 42.74
N LEU A 392 -14.01 46.16 41.50
CA LEU A 392 -15.10 45.33 41.02
C LEU A 392 -14.69 43.86 40.95
N SER A 393 -13.49 43.60 40.44
CA SER A 393 -13.02 42.23 40.32
C SER A 393 -12.84 41.58 41.69
N LYS A 394 -12.31 42.35 42.65
CA LYS A 394 -12.19 41.85 44.01
C LYS A 394 -13.55 41.48 44.59
N SER A 395 -14.54 42.35 44.41
CA SER A 395 -15.87 42.07 44.92
C SER A 395 -16.46 40.82 44.28
N LEU A 396 -16.28 40.68 42.97
CA LEU A 396 -16.80 39.51 42.25
C LEU A 396 -16.18 38.22 42.78
N HIS A 397 -14.85 38.18 42.87
CA HIS A 397 -14.19 36.95 43.31
C HIS A 397 -14.51 36.63 44.75
N ASP A 398 -14.61 37.66 45.61
CA ASP A 398 -14.99 37.42 46.99
C ASP A 398 -16.40 36.89 47.10
N SER A 399 -17.33 37.44 46.30
CA SER A 399 -18.71 36.98 46.34
C SER A 399 -18.85 35.53 45.87
N PHE A 400 -18.10 35.14 44.85
CA PHE A 400 -18.20 33.75 44.40
C PHE A 400 -17.25 32.80 45.11
N ALA A 401 -16.36 33.29 45.96
CA ALA A 401 -15.43 32.43 46.68
C ALA A 401 -15.88 32.05 48.08
N SER A 402 -16.46 32.99 48.82
CA SER A 402 -16.97 32.71 50.16
C SER A 402 -18.46 32.39 50.09
N ASP A 403 -18.76 31.19 49.59
CA ASP A 403 -20.13 30.71 49.48
C ASP A 403 -20.19 29.28 49.99
N ASP A 404 -20.92 29.06 51.09
CA ASP A 404 -21.04 27.73 51.65
C ASP A 404 -21.89 26.84 50.74
N SER A 405 -22.94 27.40 50.15
CA SER A 405 -23.85 26.64 49.29
C SER A 405 -23.13 26.07 48.08
N LEU A 406 -22.57 26.94 47.25
CA LEU A 406 -21.88 26.52 46.03
C LEU A 406 -20.47 26.07 46.36
N ARG A 407 -20.38 25.02 47.18
CA ARG A 407 -19.08 24.47 47.52
C ARG A 407 -19.02 22.97 47.29
N SER A 408 -20.09 22.36 46.75
CA SER A 408 -20.08 20.95 46.41
C SER A 408 -20.12 20.70 44.91
N TYR A 409 -20.47 21.69 44.10
CA TYR A 409 -20.57 21.51 42.65
C TYR A 409 -19.57 22.34 41.86
N VAL A 410 -19.30 23.58 42.27
CA VAL A 410 -18.44 24.46 41.50
C VAL A 410 -17.25 24.90 42.35
N ILE A 411 -16.12 25.12 41.67
CA ILE A 411 -14.90 25.59 42.30
C ILE A 411 -14.33 26.74 41.47
N VAL A 412 -13.89 27.78 42.15
CA VAL A 412 -13.35 28.97 41.52
C VAL A 412 -11.86 28.77 41.26
N THR A 413 -11.44 29.01 40.02
CA THR A 413 -10.05 28.82 39.63
C THR A 413 -9.28 30.14 39.51
N SER A 414 -9.97 31.23 39.22
CA SER A 414 -9.30 32.51 39.01
C SER A 414 -8.75 33.06 40.32
N SER A 415 -7.70 33.86 40.20
CA SER A 415 -7.12 34.60 41.31
C SER A 415 -7.88 35.90 41.53
N PRO A 416 -7.75 36.51 42.71
CA PRO A 416 -8.53 37.73 42.98
C PRO A 416 -8.22 38.89 42.06
N VAL A 417 -7.02 38.96 41.47
CA VAL A 417 -6.66 40.10 40.63
C VAL A 417 -7.17 39.98 39.21
N SER A 418 -7.56 38.79 38.78
CA SER A 418 -8.07 38.62 37.43
C SER A 418 -9.43 39.29 37.28
N ALA A 419 -9.69 39.81 36.08
CA ALA A 419 -10.98 40.42 35.77
C ALA A 419 -11.97 39.43 35.19
N VAL A 420 -11.57 38.18 35.01
CA VAL A 420 -12.44 37.13 34.51
C VAL A 420 -12.49 36.02 35.56
N LEU A 421 -13.69 35.62 35.95
CA LEU A 421 -13.90 34.60 36.96
C LEU A 421 -14.26 33.29 36.28
N HIS A 422 -13.58 32.22 36.68
CA HIS A 422 -13.76 30.91 36.08
C HIS A 422 -14.34 29.93 37.09
N LEU A 423 -15.09 28.95 36.58
CA LEU A 423 -15.75 27.96 37.40
C LEU A 423 -15.62 26.59 36.73
N GLN A 424 -15.50 25.56 37.56
CA GLN A 424 -15.41 24.19 37.07
C GLN A 424 -16.36 23.33 37.90
N LEU A 425 -16.38 22.01 37.64
CA LEU A 425 -17.43 21.15 38.17
C LEU A 425 -16.93 20.10 39.15
N THR A 426 -15.92 20.43 39.96
CA THR A 426 -15.63 19.64 41.17
C THR A 426 -15.51 18.14 40.87
N PRO A 427 -14.37 17.68 40.35
CA PRO A 427 -14.30 16.38 39.65
C PRO A 427 -15.12 15.25 40.23
N ALA A 428 -15.39 15.27 41.54
CA ALA A 428 -16.30 14.28 42.12
C ALA A 428 -17.68 14.38 41.50
N TYR A 429 -18.23 15.59 41.43
CA TYR A 429 -19.55 15.78 40.83
C TYR A 429 -19.56 15.41 39.36
N ARG A 430 -18.50 15.79 38.63
CA ARG A 430 -18.42 15.45 37.22
C ARG A 430 -18.38 13.95 37.02
N SER A 431 -17.60 13.24 37.84
CA SER A 431 -17.56 11.79 37.75
C SER A 431 -18.90 11.16 38.08
N ARG A 432 -19.58 11.69 39.10
CA ARG A 432 -20.88 11.14 39.48
C ARG A 432 -21.92 11.35 38.39
N LYS A 433 -21.95 12.52 37.76
CA LYS A 433 -23.02 12.88 36.83
C LYS A 433 -22.73 12.50 35.39
N PHE A 434 -21.47 12.33 35.00
CA PHE A 434 -21.12 12.00 33.63
C PHE A 434 -20.20 10.80 33.49
N GLY A 435 -19.60 10.33 34.58
CA GLY A 435 -18.81 9.10 34.54
C GLY A 435 -17.53 9.15 33.73
N TYR A 436 -16.74 10.21 33.89
CA TYR A 436 -15.40 10.24 33.31
C TYR A 436 -14.56 11.23 34.09
N THR A 437 -13.25 11.13 33.96
CA THR A 437 -12.31 12.05 34.61
C THR A 437 -11.47 12.77 33.56
N CYS A 438 -10.69 13.73 34.04
CA CYS A 438 -9.86 14.54 33.16
C CYS A 438 -8.83 13.72 32.40
N GLU A 439 -8.15 12.81 33.09
CA GLU A 439 -7.06 12.06 32.50
C GLU A 439 -7.56 11.11 31.42
N GLN A 440 -8.73 10.50 31.63
CA GLN A 440 -9.30 9.66 30.59
C GLN A 440 -9.62 10.46 29.33
N LEU A 441 -10.18 11.66 29.49
CA LEU A 441 -10.46 12.49 28.32
C LEU A 441 -9.18 12.87 27.60
N PHE A 442 -8.15 13.27 28.35
CA PHE A 442 -6.88 13.64 27.73
C PHE A 442 -6.28 12.48 26.96
N GLU A 443 -6.25 11.30 27.59
CA GLU A 443 -5.68 10.13 26.93
C GLU A 443 -6.50 9.72 25.72
N THR A 444 -7.82 9.78 25.81
CA THR A 444 -8.67 9.44 24.68
C THR A 444 -8.37 10.32 23.48
N MET A 445 -8.36 11.64 23.69
CA MET A 445 -8.15 12.52 22.55
C MET A 445 -6.71 12.47 22.05
N SER A 446 -5.74 12.28 22.94
CA SER A 446 -4.36 12.13 22.48
C SER A 446 -4.19 10.88 21.63
N ALA A 447 -4.82 9.77 22.03
CA ALA A 447 -4.77 8.56 21.22
C ALA A 447 -5.48 8.77 19.89
N LEU A 448 -6.60 9.49 19.90
CA LEU A 448 -7.30 9.78 18.66
C LEU A 448 -6.42 10.59 17.71
N GLN A 449 -5.73 11.60 18.22
CA GLN A 449 -4.86 12.41 17.38
C GLN A 449 -3.67 11.61 16.85
N LYS A 450 -3.11 10.73 17.69
CA LYS A 450 -1.88 10.04 17.33
C LYS A 450 -2.07 9.14 16.11
N LYS A 451 -3.21 8.46 16.02
CA LYS A 451 -3.50 7.59 14.89
C LYS A 451 -4.25 8.30 13.77
N SER A 452 -4.73 9.52 14.01
CA SER A 452 -5.33 10.37 12.98
C SER A 452 -6.55 9.71 12.33
N GLN A 453 -7.59 9.55 13.15
CA GLN A 453 -8.90 9.16 12.64
C GLN A 453 -9.67 10.40 12.26
N THR A 454 -10.38 10.34 11.13
CA THR A 454 -11.06 11.51 10.59
C THR A 454 -12.14 12.01 11.55
N ASN A 455 -12.88 11.10 12.17
CA ASN A 455 -13.95 11.46 13.09
C ASN A 455 -13.44 11.32 14.52
N LYS A 456 -13.27 12.45 15.20
CA LYS A 456 -12.83 12.53 16.58
C LYS A 456 -14.03 12.97 17.40
N PHE A 457 -14.85 12.03 17.79
CA PHE A 457 -16.04 12.36 18.55
C PHE A 457 -15.98 11.78 19.95
N ILE A 458 -16.62 12.47 20.88
CA ILE A 458 -16.66 12.05 22.27
C ILE A 458 -17.96 12.53 22.91
N GLU A 459 -18.71 11.59 23.50
CA GLU A 459 -20.07 11.80 24.00
C GLU A 459 -20.17 12.45 25.38
N PRO A 460 -19.48 11.95 26.41
CA PRO A 460 -19.63 12.56 27.74
C PRO A 460 -19.19 14.02 27.77
N TYR A 461 -18.16 14.34 26.98
CA TYR A 461 -17.68 15.70 26.89
C TYR A 461 -18.78 16.65 26.38
N GLU A 462 -19.47 16.26 25.31
CA GLU A 462 -20.55 17.10 24.82
C GLU A 462 -21.75 17.09 25.75
N GLU A 463 -21.97 15.99 26.48
CA GLU A 463 -23.04 16.03 27.46
C GLU A 463 -22.76 17.09 28.52
N GLU A 464 -21.51 17.19 28.97
CA GLU A 464 -21.16 18.22 29.93
C GLU A 464 -21.27 19.61 29.32
N GLU A 465 -20.85 19.77 28.06
CA GLU A 465 -21.02 21.06 27.39
C GLU A 465 -22.49 21.47 27.32
N LYS A 466 -23.36 20.53 26.96
CA LYS A 466 -24.78 20.84 26.88
C LYS A 466 -25.34 21.18 28.25
N PHE A 467 -24.85 20.52 29.29
CA PHE A 467 -25.28 20.89 30.64
C PHE A 467 -24.90 22.32 30.97
N LEU A 468 -23.66 22.71 30.68
CA LEU A 468 -23.24 24.08 30.95
C LEU A 468 -24.04 25.09 30.13
N GLN A 469 -24.30 24.77 28.87
CA GLN A 469 -25.09 25.67 28.04
C GLN A 469 -26.52 25.75 28.54
N SER A 470 -27.03 24.67 29.13
CA SER A 470 -28.36 24.71 29.75
C SER A 470 -28.36 25.67 30.93
N ILE A 471 -27.29 25.65 31.74
CA ILE A 471 -27.17 26.63 32.81
C ILE A 471 -27.21 28.05 32.26
N VAL A 472 -26.45 28.29 31.19
CA VAL A 472 -26.41 29.62 30.58
C VAL A 472 -27.78 30.03 30.08
N ASP A 473 -28.47 29.11 29.40
CA ASP A 473 -29.82 29.39 28.89
C ASP A 473 -30.77 29.72 30.02
N HIS A 474 -30.74 28.95 31.10
CA HIS A 474 -31.63 29.22 32.23
C HIS A 474 -31.38 30.62 32.77
N ALA A 475 -30.11 30.96 33.01
CA ALA A 475 -29.80 32.28 33.56
C ALA A 475 -30.29 33.39 32.64
N LEU A 476 -30.00 33.28 31.35
CA LEU A 476 -30.40 34.33 30.41
C LEU A 476 -31.91 34.47 30.34
N ILE A 477 -32.61 33.35 30.14
CA ILE A 477 -34.05 33.41 29.92
C ILE A 477 -34.78 33.89 31.17
N ASN A 478 -34.29 33.52 32.34
CA ASN A 478 -35.06 33.84 33.55
C ASN A 478 -34.68 35.18 34.16
N TYR A 479 -33.45 35.67 33.95
CA TYR A 479 -33.02 36.89 34.61
C TYR A 479 -32.48 37.96 33.68
N ASN A 480 -32.40 37.70 32.37
CA ASN A 480 -31.84 38.64 31.39
C ASN A 480 -30.42 39.06 31.79
N VAL A 481 -29.61 38.08 32.18
CA VAL A 481 -28.20 38.30 32.48
C VAL A 481 -27.41 37.30 31.66
N LEU A 482 -26.57 37.82 30.76
CA LEU A 482 -25.88 36.99 29.78
C LEU A 482 -24.45 36.74 30.25
N ILE A 483 -24.15 35.48 30.56
CA ILE A 483 -22.79 35.02 30.78
C ILE A 483 -22.43 34.10 29.62
N THR A 484 -21.17 33.70 29.57
CA THR A 484 -20.68 32.88 28.49
C THR A 484 -19.98 31.64 29.03
N ARG A 485 -19.59 30.76 28.11
CA ARG A 485 -18.87 29.55 28.43
C ARG A 485 -17.57 29.54 27.64
N ASN A 486 -16.50 29.07 28.26
CA ASN A 486 -15.20 29.03 27.61
C ASN A 486 -15.29 28.23 26.32
N THR A 487 -15.13 28.93 25.20
CA THR A 487 -15.33 28.34 23.87
C THR A 487 -13.99 27.78 23.40
N ILE A 488 -13.93 26.47 23.23
CA ILE A 488 -12.71 25.79 22.83
C ILE A 488 -13.04 24.81 21.71
N VAL A 489 -12.00 24.46 20.95
CA VAL A 489 -12.10 23.41 19.95
C VAL A 489 -11.17 22.29 20.37
N LEU A 490 -11.71 21.32 21.11
CA LEU A 490 -10.87 20.40 21.86
C LEU A 490 -10.13 19.41 20.96
N LYS A 491 -10.57 19.25 19.71
CA LYS A 491 -9.81 18.38 18.81
C LYS A 491 -8.55 19.04 18.28
N GLN A 492 -8.35 20.33 18.56
CA GLN A 492 -7.13 21.03 18.20
C GLN A 492 -6.15 21.13 19.37
N GLU A 493 -6.66 21.14 20.60
CA GLU A 493 -5.82 21.27 21.77
C GLU A 493 -4.90 20.06 21.93
N THR A 494 -3.78 20.29 22.62
CA THR A 494 -2.78 19.25 22.82
C THR A 494 -2.39 19.15 24.29
N LEU A 495 -3.05 19.89 25.17
CA LEU A 495 -2.78 19.87 26.60
C LEU A 495 -4.07 19.63 27.36
N PRO A 496 -4.01 18.98 28.52
CA PRO A 496 -5.23 18.65 29.25
C PRO A 496 -6.06 19.88 29.58
N ILE A 497 -7.36 19.80 29.28
CA ILE A 497 -8.28 20.91 29.46
C ILE A 497 -9.68 20.36 29.64
N VAL A 498 -10.50 21.07 30.42
CA VAL A 498 -11.88 20.67 30.67
C VAL A 498 -12.80 21.86 30.44
N PRO A 499 -14.05 21.64 30.06
CA PRO A 499 -14.97 22.77 29.84
C PRO A 499 -15.25 23.51 31.13
N SER A 500 -15.60 24.79 30.99
CA SER A 500 -15.81 25.64 32.14
C SER A 500 -16.76 26.77 31.76
N LEU A 501 -17.02 27.65 32.73
CA LEU A 501 -17.83 28.84 32.53
C LEU A 501 -16.94 30.07 32.56
N LYS A 502 -17.56 31.25 32.50
CA LYS A 502 -16.81 32.48 32.37
C LYS A 502 -17.67 33.69 32.71
N ILE A 503 -17.20 34.52 33.64
CA ILE A 503 -17.90 35.74 34.02
C ILE A 503 -16.91 36.89 33.93
N CYS A 504 -17.23 37.89 33.13
CA CYS A 504 -16.34 39.02 32.88
C CYS A 504 -16.98 40.31 33.37
N CYS A 505 -16.18 41.16 34.01
CA CYS A 505 -16.64 42.45 34.46
C CYS A 505 -15.70 43.53 33.92
N ASN A 506 -16.24 44.72 33.71
CA ASN A 506 -15.48 45.83 33.16
C ASN A 506 -15.60 47.04 34.08
N ALA A 507 -14.97 48.14 33.69
CA ALA A 507 -14.86 49.33 34.53
C ALA A 507 -16.03 50.29 34.35
N ALA A 508 -17.17 49.79 33.89
CA ALA A 508 -18.34 50.64 33.70
C ALA A 508 -19.59 50.03 34.33
N MET A 509 -19.42 49.23 35.37
CA MET A 509 -20.53 48.56 36.04
C MET A 509 -20.74 49.15 37.42
N SER A 510 -21.98 49.54 37.71
CA SER A 510 -22.33 49.93 39.07
C SER A 510 -22.28 48.72 39.99
N PRO A 511 -21.72 48.86 41.19
CA PRO A 511 -21.55 47.68 42.06
C PRO A 511 -22.85 46.97 42.39
N GLU A 512 -23.94 47.72 42.59
CA GLU A 512 -25.21 47.10 42.96
C GLU A 512 -25.74 46.20 41.84
N GLU A 513 -25.64 46.65 40.59
CA GLU A 513 -26.10 45.83 39.48
C GLU A 513 -25.26 44.57 39.34
N LEU A 514 -23.95 44.69 39.56
CA LEU A 514 -23.08 43.51 39.52
C LEU A 514 -23.43 42.54 40.64
N LYS A 515 -23.73 43.06 41.83
CA LYS A 515 -24.13 42.19 42.93
C LYS A 515 -25.43 41.46 42.64
N ASN A 516 -26.40 42.17 42.05
CA ASN A 516 -27.65 41.53 41.66
C ASN A 516 -27.42 40.46 40.61
N ALA A 517 -26.54 40.73 39.64
CA ALA A 517 -26.22 39.73 38.63
C ALA A 517 -25.56 38.51 39.26
N CYS A 518 -24.67 38.74 40.23
CA CYS A 518 -24.05 37.63 40.95
C CYS A 518 -25.10 36.77 41.64
N GLU A 519 -26.04 37.42 42.32
CA GLU A 519 -27.09 36.66 43.00
C GLU A 519 -27.93 35.86 42.00
N SER A 520 -28.27 36.48 40.87
CA SER A 520 -29.06 35.77 39.86
C SER A 520 -28.31 34.57 39.31
N VAL A 521 -27.02 34.71 39.05
CA VAL A 521 -26.24 33.58 38.54
C VAL A 521 -26.15 32.49 39.59
N LYS A 522 -26.01 32.86 40.86
CA LYS A 522 -26.00 31.87 41.93
C LYS A 522 -27.31 31.09 41.97
N GLN A 523 -28.42 31.81 41.87
CA GLN A 523 -29.73 31.13 41.88
C GLN A 523 -29.86 30.21 40.69
N SER A 524 -29.41 30.65 39.51
CA SER A 524 -29.52 29.82 38.31
C SER A 524 -28.69 28.55 38.43
N ILE A 525 -27.44 28.67 38.90
CA ILE A 525 -26.60 27.48 39.01
C ILE A 525 -27.14 26.53 40.08
N LEU A 526 -27.66 27.09 41.18
CA LEU A 526 -28.27 26.24 42.20
C LEU A 526 -29.49 25.51 41.65
N ALA A 527 -30.33 26.20 40.90
CA ALA A 527 -31.54 25.57 40.37
C ALA A 527 -31.19 24.46 39.38
N CYS A 528 -30.24 24.71 38.49
CA CYS A 528 -29.91 23.71 37.47
C CYS A 528 -29.13 22.54 38.05
N CYS A 529 -28.25 22.80 39.02
CA CYS A 529 -27.33 21.76 39.47
C CYS A 529 -28.05 20.67 40.25
N GLN A 530 -29.06 21.03 41.02
CA GLN A 530 -29.80 20.08 41.84
C GLN A 530 -30.49 19.01 41.00
N TYR B 7 14.85 64.34 16.58
CA TYR B 7 15.30 64.76 15.25
C TYR B 7 15.77 63.54 14.47
N THR B 8 16.09 62.46 15.19
CA THR B 8 16.30 61.15 14.61
C THR B 8 15.02 60.34 14.54
N ARG B 9 13.89 60.94 14.89
CA ARG B 9 12.60 60.28 14.98
C ARG B 9 11.71 60.76 13.83
N VAL B 10 10.88 59.87 13.31
CA VAL B 10 10.01 60.21 12.20
C VAL B 10 9.02 61.29 12.64
N PRO B 11 8.98 62.44 11.97
CA PRO B 11 8.10 63.52 12.42
C PRO B 11 6.65 63.24 12.11
N LEU B 12 5.78 63.63 13.04
CA LEU B 12 4.33 63.54 12.82
C LEU B 12 3.89 64.76 12.03
N CYS B 13 3.60 64.55 10.74
CA CYS B 13 3.31 65.65 9.84
C CYS B 13 1.92 66.22 10.11
N GLU B 14 1.61 67.29 9.38
CA GLU B 14 0.33 67.97 9.51
C GLU B 14 -0.33 68.01 8.15
N PRO B 15 -1.67 67.96 8.14
CA PRO B 15 -2.42 67.97 6.88
C PRO B 15 -2.50 69.39 6.31
N GLU B 16 -3.22 69.50 5.19
CA GLU B 16 -3.28 70.74 4.43
C GLU B 16 -4.74 71.13 4.21
N GLU B 17 -5.00 72.44 4.29
CA GLU B 17 -6.35 72.99 4.16
C GLU B 17 -6.72 73.46 2.75
N LEU B 18 -6.01 72.95 1.76
CA LEU B 18 -6.26 73.29 0.37
C LEU B 18 -7.66 72.87 -0.08
N PRO B 19 -8.24 73.52 -1.10
CA PRO B 19 -9.66 73.29 -1.44
C PRO B 19 -10.01 71.84 -1.75
N ASP B 20 -11.32 71.55 -1.71
CA ASP B 20 -11.78 70.18 -1.87
C ASP B 20 -11.60 69.67 -3.30
N ASP B 21 -11.71 70.56 -4.29
CA ASP B 21 -11.50 70.16 -5.67
C ASP B 21 -10.08 69.66 -5.87
N ILE B 22 -9.11 70.36 -5.30
CA ILE B 22 -7.71 69.96 -5.43
C ILE B 22 -7.49 68.60 -4.78
N GLN B 23 -8.11 68.37 -3.62
CA GLN B 23 -8.00 67.08 -2.94
C GLN B 23 -8.58 65.97 -3.80
N LYS B 24 -9.79 66.17 -4.32
CA LYS B 24 -10.43 65.16 -5.14
C LYS B 24 -9.60 64.85 -6.38
N GLU B 25 -8.93 65.87 -6.92
CA GLU B 25 -8.05 65.63 -8.05
C GLU B 25 -6.79 64.89 -7.63
N ASN B 26 -6.31 65.15 -6.41
CA ASN B 26 -5.13 64.46 -5.91
C ASN B 26 -5.40 62.98 -5.73
N GLU B 27 -6.60 62.61 -5.26
CA GLU B 27 -6.86 61.22 -4.94
C GLU B 27 -7.46 60.42 -6.10
N TYR B 28 -8.09 61.08 -7.07
CA TYR B 28 -8.70 60.35 -8.18
C TYR B 28 -8.78 61.30 -9.37
N GLY B 29 -7.89 61.11 -10.35
CA GLY B 29 -7.86 61.98 -11.50
C GLY B 29 -9.10 61.83 -12.36
N THR B 30 -9.74 62.94 -12.67
CA THR B 30 -10.96 62.91 -13.47
C THR B 30 -10.64 62.51 -14.91
N LEU B 31 -11.56 61.76 -15.52
CA LEU B 31 -11.36 61.29 -16.87
C LEU B 31 -11.37 62.45 -17.85
N ASP B 32 -10.67 62.29 -18.97
CA ASP B 32 -10.59 63.32 -20.00
C ASP B 32 -11.41 63.03 -21.25
N SER B 33 -11.32 61.82 -21.79
CA SER B 33 -12.02 61.46 -23.01
C SER B 33 -12.67 60.10 -22.83
N PRO B 34 -13.83 59.86 -23.46
CA PRO B 34 -14.46 58.55 -23.38
C PRO B 34 -13.80 57.48 -24.24
N GLY B 35 -12.81 57.85 -25.04
CA GLY B 35 -12.09 56.89 -25.84
C GLY B 35 -10.99 56.16 -25.11
N HIS B 36 -10.77 56.48 -23.83
CA HIS B 36 -9.72 55.88 -23.02
C HIS B 36 -10.26 54.80 -22.10
N LEU B 37 -11.28 54.05 -22.53
CA LEU B 37 -11.82 52.94 -21.78
C LEU B 37 -11.83 51.70 -22.67
N TYR B 38 -11.86 50.54 -22.02
CA TYR B 38 -11.86 49.28 -22.77
C TYR B 38 -12.71 48.27 -22.02
N GLN B 39 -13.46 47.47 -22.76
CA GLN B 39 -14.33 46.44 -22.20
C GLN B 39 -13.79 45.07 -22.60
N VAL B 40 -13.49 44.23 -21.61
CA VAL B 40 -12.85 42.96 -21.88
C VAL B 40 -13.89 41.87 -22.05
N LYS B 41 -13.62 40.95 -22.97
CA LYS B 41 -14.52 39.86 -23.31
C LYS B 41 -14.01 38.55 -22.70
N SER B 42 -14.93 37.62 -22.52
CA SER B 42 -14.61 36.32 -21.92
C SER B 42 -13.81 35.49 -22.90
N ARG B 43 -13.45 34.27 -22.49
CA ARG B 43 -12.66 33.37 -23.32
C ARG B 43 -13.38 32.06 -23.65
N HIS B 44 -14.54 31.81 -23.05
CA HIS B 44 -15.37 30.64 -23.37
C HIS B 44 -14.59 29.34 -23.23
N GLY B 45 -13.76 29.26 -22.19
CA GLY B 45 -13.06 28.03 -21.86
C GLY B 45 -11.87 27.70 -22.73
N LYS B 46 -11.45 28.58 -23.63
CA LYS B 46 -10.27 28.34 -24.44
C LYS B 46 -9.03 28.33 -23.57
N PRO B 47 -8.25 27.25 -23.57
CA PRO B 47 -7.04 27.21 -22.72
C PRO B 47 -6.02 28.24 -23.19
N LEU B 48 -5.20 28.73 -22.27
CA LEU B 48 -4.22 29.73 -22.63
C LEU B 48 -2.97 29.17 -23.31
N PRO B 49 -2.65 29.68 -24.51
CA PRO B 49 -1.41 29.23 -25.15
C PRO B 49 -0.26 29.32 -24.16
N GLU B 50 0.73 28.46 -24.35
CA GLU B 50 1.86 28.42 -23.43
C GLU B 50 2.57 29.77 -23.45
N PRO B 51 3.08 30.23 -22.31
CA PRO B 51 3.67 31.57 -22.26
C PRO B 51 4.98 31.63 -23.02
N VAL B 52 5.19 32.77 -23.69
CA VAL B 52 6.42 32.99 -24.44
C VAL B 52 7.34 33.91 -23.64
N VAL B 53 8.20 33.32 -22.81
CA VAL B 53 9.12 34.10 -21.99
C VAL B 53 10.28 34.59 -22.85
N ASP B 54 10.63 35.86 -22.68
CA ASP B 54 11.72 36.47 -23.43
C ASP B 54 12.96 36.56 -22.56
N THR B 55 14.13 36.54 -23.20
CA THR B 55 15.42 36.49 -22.54
C THR B 55 16.35 37.53 -23.11
N PRO B 56 17.31 37.99 -22.33
CA PRO B 56 18.29 38.97 -22.84
C PRO B 56 19.46 38.26 -23.48
N PRO B 57 20.45 39.00 -24.02
CA PRO B 57 21.64 38.33 -24.55
C PRO B 57 22.48 37.68 -23.47
N TYR B 58 23.37 36.79 -23.89
CA TYR B 58 24.22 36.02 -22.99
C TYR B 58 25.19 36.79 -22.11
N TYR B 59 25.75 37.88 -22.60
CA TYR B 59 26.73 38.60 -21.80
C TYR B 59 26.08 39.25 -20.58
N ILE B 60 24.78 39.52 -20.65
CA ILE B 60 24.07 40.08 -19.50
C ILE B 60 24.04 39.07 -18.36
N SER B 61 23.67 37.83 -18.67
CA SER B 61 23.67 36.77 -17.67
C SER B 61 25.07 36.53 -17.12
N LEU B 62 26.07 36.52 -18.01
CA LEU B 62 27.43 36.30 -17.56
C LEU B 62 27.89 37.39 -16.60
N LEU B 63 27.56 38.65 -16.91
CA LEU B 63 27.94 39.75 -16.05
C LEU B 63 27.23 39.69 -14.70
N THR B 64 25.96 39.27 -14.71
CA THR B 64 25.25 39.11 -13.43
C THR B 64 25.93 38.05 -12.57
N TYR B 65 26.31 36.92 -13.19
CA TYR B 65 27.01 35.88 -12.44
C TYR B 65 28.33 36.41 -11.87
N LEU B 66 29.07 37.17 -12.66
CA LEU B 66 30.32 37.74 -12.19
C LEU B 66 30.11 38.64 -10.99
N ASN B 67 29.11 39.51 -11.05
CA ASN B 67 28.84 40.44 -9.96
C ASN B 67 28.51 39.67 -8.68
N TYR B 68 27.64 38.67 -8.80
CA TYR B 68 27.25 37.91 -7.61
C TYR B 68 28.41 37.11 -7.05
N LEU B 69 29.31 36.62 -7.90
CA LEU B 69 30.50 35.94 -7.42
C LEU B 69 31.40 36.89 -6.65
N ILE B 70 31.56 38.12 -7.13
CA ILE B 70 32.41 39.09 -6.43
C ILE B 70 31.84 39.41 -5.06
N LEU B 71 30.51 39.63 -5.00
CA LEU B 71 29.90 40.11 -3.75
C LEU B 71 30.03 39.09 -2.63
N ILE B 72 29.82 37.81 -2.95
CA ILE B 72 29.89 36.76 -1.93
C ILE B 72 31.30 36.69 -1.34
N ILE B 73 32.30 36.73 -2.21
CA ILE B 73 33.70 36.65 -1.77
C ILE B 73 34.01 37.80 -0.82
N LEU B 74 33.67 39.02 -1.24
CA LEU B 74 33.99 40.18 -0.41
C LEU B 74 33.24 40.13 0.92
N GLY B 75 31.98 39.72 0.90
CA GLY B 75 31.21 39.66 2.13
C GLY B 75 31.78 38.67 3.12
N HIS B 76 32.15 37.47 2.64
CA HIS B 76 32.70 36.47 3.54
C HIS B 76 34.06 36.91 4.09
N VAL B 77 34.89 37.54 3.25
CA VAL B 77 36.18 38.03 3.73
C VAL B 77 35.98 39.06 4.83
N HIS B 78 35.06 40.00 4.62
CA HIS B 78 34.80 41.03 5.62
C HIS B 78 34.28 40.42 6.91
N ASP B 79 33.39 39.44 6.80
CA ASP B 79 32.84 38.77 7.98
C ASP B 79 33.93 38.09 8.79
N PHE B 80 34.83 37.39 8.10
CA PHE B 80 35.91 36.70 8.80
C PHE B 80 36.85 37.69 9.49
N LEU B 81 37.27 38.73 8.77
CA LEU B 81 38.21 39.70 9.36
C LEU B 81 37.58 40.41 10.55
N GLY B 82 36.33 40.84 10.41
CA GLY B 82 35.68 41.55 11.50
C GLY B 82 35.46 40.67 12.72
N MET B 83 35.08 39.41 12.49
CA MET B 83 34.79 38.54 13.62
C MET B 83 36.06 38.02 14.28
N THR B 84 37.19 38.04 13.58
CA THR B 84 38.45 37.61 14.15
C THR B 84 39.23 38.74 14.81
N PHE B 85 39.03 39.99 14.36
CA PHE B 85 39.89 41.08 14.80
C PHE B 85 39.15 42.07 15.69
N GLN B 86 38.12 42.71 15.15
CA GLN B 86 37.43 43.79 15.84
C GLN B 86 36.17 43.31 16.55
N LYS B 87 36.31 42.43 17.54
CA LYS B 87 35.13 41.94 18.24
C LYS B 87 34.61 42.92 19.29
N ASN B 88 35.32 44.02 19.54
CA ASN B 88 34.82 45.01 20.49
C ASN B 88 33.54 45.66 19.98
N LYS B 89 33.47 45.95 18.69
CA LYS B 89 32.31 46.60 18.08
C LYS B 89 31.38 45.61 17.40
N HIS B 90 31.43 44.33 17.79
CA HIS B 90 30.57 43.29 17.25
C HIS B 90 29.97 42.47 18.38
N LEU B 91 29.52 43.15 19.44
CA LEU B 91 29.05 42.45 20.63
C LEU B 91 27.69 41.79 20.41
N ASP B 92 26.88 42.31 19.50
CA ASP B 92 25.57 41.74 19.23
C ASP B 92 25.64 40.43 18.46
N LEU B 93 26.81 40.05 17.97
CA LEU B 93 27.01 38.80 17.25
C LEU B 93 27.82 37.78 18.05
N LEU B 94 28.04 38.01 19.34
CA LEU B 94 28.90 37.17 20.16
C LEU B 94 28.24 36.88 21.49
N GLU B 95 28.68 35.78 22.12
CA GLU B 95 28.13 35.37 23.39
C GLU B 95 28.53 36.35 24.50
N HIS B 96 27.81 36.27 25.63
CA HIS B 96 28.04 37.20 26.73
C HIS B 96 27.43 36.59 28.00
N ASP B 97 28.28 36.32 28.98
CA ASP B 97 27.87 35.84 30.31
C ASP B 97 27.03 34.56 30.19
N GLY B 98 27.48 33.63 29.37
CA GLY B 98 26.77 32.37 29.21
C GLY B 98 25.40 32.52 28.58
N LEU B 99 25.24 33.44 27.64
CA LEU B 99 23.98 33.63 26.93
C LEU B 99 24.28 33.74 25.45
N ALA B 100 23.73 32.83 24.67
CA ALA B 100 23.93 32.86 23.22
C ALA B 100 23.32 34.14 22.65
N PRO B 101 23.87 34.65 21.54
CA PRO B 101 23.30 35.85 20.94
C PRO B 101 21.91 35.59 20.37
N TRP B 102 21.20 36.68 20.09
CA TRP B 102 19.84 36.56 19.57
C TRP B 102 19.81 35.80 18.25
N PHE B 103 20.74 36.12 17.37
CA PHE B 103 20.82 35.45 16.07
C PHE B 103 22.26 35.28 15.62
N SER B 104 22.51 34.22 14.86
CA SER B 104 23.85 33.94 14.37
C SER B 104 24.19 34.84 13.19
N ASN B 105 25.48 34.89 12.85
CA ASN B 105 25.94 35.78 11.80
C ASN B 105 25.98 35.11 10.42
N PHE B 106 25.64 33.83 10.32
CA PHE B 106 25.63 33.19 9.01
C PHE B 106 24.25 33.18 8.36
N GLU B 107 23.19 32.93 9.14
CA GLU B 107 21.85 32.93 8.56
C GLU B 107 21.31 34.33 8.35
N SER B 108 22.09 35.36 8.66
CA SER B 108 21.74 36.74 8.38
C SER B 108 22.74 37.40 7.44
N PHE B 109 23.50 36.59 6.73
CA PHE B 109 24.53 37.13 5.84
C PHE B 109 24.00 38.06 4.77
N TYR B 110 23.07 37.55 3.97
CA TYR B 110 22.52 38.32 2.85
C TYR B 110 21.83 39.61 3.28
N VAL B 111 21.18 39.60 4.44
CA VAL B 111 20.47 40.78 4.93
C VAL B 111 21.48 41.89 5.17
N ARG B 112 22.40 41.70 6.11
CA ARG B 112 23.40 42.73 6.35
C ARG B 112 24.16 43.03 5.06
N ARG B 113 24.96 42.06 4.61
CA ARG B 113 26.02 42.34 3.66
C ARG B 113 25.55 42.89 2.32
N ILE B 114 24.36 42.51 1.85
CA ILE B 114 23.93 43.00 0.54
C ILE B 114 22.69 43.86 0.66
N LYS B 115 21.79 43.53 1.59
CA LYS B 115 20.54 44.25 1.71
C LYS B 115 20.68 45.54 2.50
N MET B 116 21.77 45.75 3.24
CA MET B 116 21.90 46.94 4.07
C MET B 116 22.40 48.13 3.27
N ARG B 117 23.17 47.91 2.22
CA ARG B 117 23.74 48.99 1.44
C ARG B 117 22.72 49.68 0.54
N ILE B 118 21.58 49.06 0.28
CA ILE B 118 20.52 49.63 -0.53
C ILE B 118 19.22 49.77 0.26
N ASP B 119 19.33 49.83 1.58
CA ASP B 119 18.17 49.82 2.47
C ASP B 119 17.24 51.00 2.21
N ASP B 120 17.76 52.13 1.71
CA ASP B 120 16.92 53.29 1.48
C ASP B 120 15.88 53.07 0.38
N CYS B 121 16.00 52.00 -0.39
CA CYS B 121 15.01 51.69 -1.43
C CYS B 121 13.82 50.93 -0.90
N PHE B 122 13.76 50.66 0.40
CA PHE B 122 12.69 49.88 1.00
C PHE B 122 12.16 50.62 2.22
N SER B 123 10.86 50.48 2.46
CA SER B 123 10.20 51.00 3.66
C SER B 123 10.38 52.53 3.79
N ARG B 124 9.83 53.24 2.81
CA ARG B 124 9.84 54.69 2.83
C ARG B 124 8.63 55.20 3.57
N PRO B 125 8.78 56.01 4.61
CA PRO B 125 7.60 56.54 5.32
C PRO B 125 6.78 57.44 4.42
N THR B 126 5.47 57.41 4.62
CA THR B 126 4.54 58.22 3.85
C THR B 126 3.57 58.89 4.80
N THR B 127 2.57 59.56 4.24
CA THR B 127 1.55 60.24 5.02
C THR B 127 0.35 60.52 4.11
N GLY B 128 -0.82 60.56 4.71
CA GLY B 128 -2.01 60.85 3.95
C GLY B 128 -2.50 59.67 3.13
N VAL B 129 -3.52 59.95 2.33
CA VAL B 129 -4.18 58.92 1.52
C VAL B 129 -3.20 58.37 0.49
N PRO B 130 -3.06 57.06 0.37
CA PRO B 130 -2.20 56.49 -0.68
C PRO B 130 -2.92 56.38 -2.02
N GLY B 131 -3.29 57.52 -2.58
CA GLY B 131 -4.10 57.59 -3.78
C GLY B 131 -3.27 57.75 -5.03
N ARG B 132 -3.69 58.69 -5.88
CA ARG B 132 -3.00 58.92 -7.15
C ARG B 132 -1.62 59.50 -6.93
N PHE B 133 -1.52 60.55 -6.12
CA PHE B 133 -0.25 61.14 -5.72
C PHE B 133 -0.06 60.86 -4.23
N ILE B 134 1.06 60.25 -3.88
CA ILE B 134 1.37 59.92 -2.50
C ILE B 134 2.42 60.90 -1.99
N ARG B 135 2.31 61.27 -0.72
CA ARG B 135 3.24 62.21 -0.11
C ARG B 135 4.28 61.43 0.68
N CYS B 136 5.56 61.72 0.40
CA CYS B 136 6.67 61.00 1.02
C CYS B 136 7.45 61.93 1.94
N ILE B 137 8.04 61.34 2.97
CA ILE B 137 8.90 62.06 3.90
C ILE B 137 10.34 61.82 3.47
N ASP B 138 11.08 62.93 3.33
CA ASP B 138 12.48 62.88 2.90
C ASP B 138 13.41 62.36 3.99
N ARG B 139 14.46 61.67 3.57
CA ARG B 139 15.41 61.09 4.52
C ARG B 139 16.83 61.40 4.09
N ILE B 140 17.71 61.52 5.09
CA ILE B 140 19.14 61.64 4.87
C ILE B 140 19.82 60.42 5.50
N SER B 141 20.58 59.70 4.70
CA SER B 141 21.26 58.49 5.16
C SER B 141 22.65 58.83 5.68
N HIS B 142 22.96 58.30 6.86
CA HIS B 142 24.24 58.50 7.51
C HIS B 142 24.97 57.17 7.63
N ASN B 143 26.28 57.21 7.47
CA ASN B 143 27.09 55.99 7.54
C ASN B 143 26.48 54.93 6.64
N ILE B 144 26.48 55.26 5.34
CA ILE B 144 25.90 54.46 4.26
C ILE B 144 24.39 54.33 4.45
N ASN B 145 23.95 53.36 5.24
CA ASN B 145 22.52 53.17 5.49
C ASN B 145 22.23 52.73 6.92
N GLU B 146 23.14 53.01 7.84
CA GLU B 146 22.96 52.62 9.23
C GLU B 146 21.71 53.27 9.84
N TYR B 147 21.74 54.59 10.00
CA TYR B 147 20.60 55.30 10.57
C TYR B 147 20.21 56.49 9.69
N PHE B 148 18.98 56.96 9.85
CA PHE B 148 18.50 58.09 9.07
C PHE B 148 18.15 59.25 9.99
N THR B 149 18.13 60.45 9.40
CA THR B 149 17.63 61.64 10.07
C THR B 149 16.60 62.31 9.17
N TYR B 150 15.61 62.94 9.79
CA TYR B 150 14.43 63.42 9.09
C TYR B 150 14.28 64.92 9.28
N SER B 151 14.16 65.63 8.17
CA SER B 151 13.76 67.03 8.18
C SER B 151 12.23 67.10 8.25
N GLY B 152 11.68 68.29 8.01
CA GLY B 152 10.24 68.47 8.00
C GLY B 152 9.61 68.54 6.63
N ALA B 153 10.37 68.34 5.57
CA ALA B 153 9.86 68.52 4.21
C ALA B 153 9.08 67.29 3.75
N VAL B 154 8.04 67.53 2.97
CA VAL B 154 7.20 66.49 2.40
C VAL B 154 6.88 66.85 0.96
N TYR B 155 7.07 65.91 0.05
CA TYR B 155 6.85 66.19 -1.37
C TYR B 155 6.05 65.06 -2.01
N PRO B 156 5.11 65.41 -2.88
CA PRO B 156 4.29 64.39 -3.55
C PRO B 156 5.04 63.66 -4.64
N CYS B 157 4.64 62.41 -4.86
CA CYS B 157 5.19 61.57 -5.91
C CYS B 157 4.06 60.83 -6.59
N MET B 158 4.27 60.46 -7.85
CA MET B 158 3.31 59.65 -8.57
C MET B 158 3.35 58.22 -8.03
N ASN B 159 2.17 57.63 -7.84
CA ASN B 159 2.05 56.38 -7.10
C ASN B 159 1.99 55.21 -8.07
N LEU B 160 2.95 54.30 -7.95
CA LEU B 160 2.96 53.07 -8.74
C LEU B 160 3.41 51.89 -7.89
N SER B 161 3.10 51.89 -6.60
CA SER B 161 3.63 50.86 -5.72
C SER B 161 2.55 50.20 -4.87
N SER B 162 1.50 50.92 -4.53
CA SER B 162 0.51 50.41 -3.60
C SER B 162 -0.63 49.72 -4.33
N TYR B 163 -1.28 48.79 -3.63
CA TYR B 163 -2.39 48.01 -4.17
C TYR B 163 -3.65 48.86 -4.11
N ASN B 164 -3.98 49.50 -5.21
CA ASN B 164 -5.13 50.39 -5.30
C ASN B 164 -5.83 50.19 -6.63
N TYR B 165 -6.09 48.93 -6.98
CA TYR B 165 -6.47 48.57 -8.35
C TYR B 165 -7.67 49.37 -8.84
N LEU B 166 -8.70 49.52 -8.02
CA LEU B 166 -9.91 50.21 -8.42
C LEU B 166 -10.00 51.63 -7.90
N GLY B 167 -8.96 52.13 -7.23
CA GLY B 167 -8.98 53.49 -6.74
C GLY B 167 -10.02 53.77 -5.68
N PHE B 168 -10.27 52.81 -4.79
CA PHE B 168 -11.19 53.00 -3.68
C PHE B 168 -10.54 53.61 -2.45
N ALA B 169 -9.24 53.87 -2.51
CA ALA B 169 -8.51 54.49 -1.40
C ALA B 169 -8.68 55.99 -1.52
N GLN B 170 -9.76 56.52 -0.96
CA GLN B 170 -10.06 57.93 -1.00
C GLN B 170 -10.50 58.39 0.38
N SER B 171 -10.84 59.68 0.48
CA SER B 171 -11.33 60.22 1.74
C SER B 171 -12.54 61.11 1.54
N LYS B 172 -13.11 61.15 0.33
CA LYS B 172 -14.27 61.99 0.07
C LYS B 172 -15.37 61.30 -0.71
N GLY B 173 -15.29 59.98 -0.89
CA GLY B 173 -16.32 59.24 -1.59
C GLY B 173 -17.49 58.90 -0.68
N GLN B 174 -18.36 58.04 -1.20
CA GLN B 174 -19.47 57.55 -0.39
C GLN B 174 -19.02 56.49 0.61
N CYS B 175 -17.95 55.76 0.31
CA CYS B 175 -17.46 54.73 1.21
C CYS B 175 -16.99 55.32 2.53
N THR B 176 -16.30 56.47 2.46
CA THR B 176 -15.85 57.11 3.70
C THR B 176 -17.03 57.63 4.50
N ASP B 177 -18.09 58.10 3.83
CA ASP B 177 -19.30 58.49 4.53
C ASP B 177 -19.92 57.30 5.24
N ALA B 178 -19.96 56.14 4.58
CA ALA B 178 -20.47 54.94 5.23
C ALA B 178 -19.62 54.56 6.44
N ALA B 179 -18.30 54.70 6.32
CA ALA B 179 -17.42 54.40 7.44
C ALA B 179 -17.67 55.33 8.62
N LEU B 180 -17.86 56.63 8.35
CA LEU B 180 -18.16 57.57 9.41
C LEU B 180 -19.50 57.25 10.07
N GLU B 181 -20.50 56.89 9.27
CA GLU B 181 -21.79 56.50 9.82
C GLU B 181 -21.66 55.28 10.72
N SER B 182 -20.85 54.30 10.29
CA SER B 182 -20.63 53.11 11.09
C SER B 182 -19.93 53.46 12.41
N VAL B 183 -18.97 54.39 12.36
CA VAL B 183 -18.30 54.81 13.58
C VAL B 183 -19.30 55.42 14.55
N ASP B 184 -20.20 56.27 14.03
CA ASP B 184 -21.24 56.83 14.88
C ASP B 184 -22.15 55.75 15.45
N LYS B 185 -22.56 54.80 14.62
CA LYS B 185 -23.61 53.87 15.03
C LYS B 185 -23.08 52.79 15.95
N TYR B 186 -22.06 52.03 15.52
CA TYR B 186 -21.68 50.92 16.38
C TYR B 186 -20.55 51.28 17.34
N SER B 187 -19.31 51.28 16.85
CA SER B 187 -18.14 51.50 17.68
C SER B 187 -16.87 51.26 16.86
N ILE B 188 -15.71 51.45 17.48
CA ILE B 188 -14.47 50.90 16.93
C ILE B 188 -13.98 49.70 17.72
N GLN B 189 -14.73 49.24 18.72
CA GLN B 189 -14.30 48.17 19.60
C GLN B 189 -15.12 46.90 19.33
N SER B 190 -14.44 45.76 19.43
CA SER B 190 -15.08 44.47 19.33
C SER B 190 -15.16 43.82 20.70
N GLY B 191 -16.13 42.93 20.87
CA GLY B 191 -16.33 42.28 22.15
C GLY B 191 -15.32 41.17 22.41
N GLY B 192 -15.30 40.18 21.53
CA GLY B 192 -14.43 39.05 21.67
C GLY B 192 -14.44 38.22 20.41
N PRO B 193 -14.10 36.94 20.53
CA PRO B 193 -14.16 36.07 19.35
C PRO B 193 -15.58 35.94 18.81
N ARG B 194 -15.67 35.60 17.52
CA ARG B 194 -16.96 35.53 16.86
C ARG B 194 -17.87 34.48 17.50
N ALA B 195 -17.28 33.48 18.13
CA ALA B 195 -18.05 32.40 18.72
C ALA B 195 -18.53 32.70 20.13
N GLN B 196 -18.14 33.82 20.72
CA GLN B 196 -18.52 34.11 22.10
C GLN B 196 -19.44 35.31 22.21
N ILE B 197 -19.00 36.50 21.82
CA ILE B 197 -19.90 37.65 21.79
C ILE B 197 -19.65 38.51 20.56
N GLY B 198 -18.69 38.10 19.73
CA GLY B 198 -18.20 39.00 18.70
C GLY B 198 -19.12 39.29 17.54
N THR B 199 -20.13 38.47 17.30
CA THR B 199 -20.94 38.60 16.09
C THR B 199 -21.93 39.75 16.22
N THR B 200 -22.09 40.50 15.14
CA THR B 200 -23.12 41.51 14.98
C THR B 200 -23.91 41.20 13.72
N ASP B 201 -24.92 42.02 13.43
CA ASP B 201 -25.68 41.85 12.21
C ASP B 201 -24.89 42.27 10.97
N LEU B 202 -23.92 43.17 11.13
CA LEU B 202 -23.12 43.61 10.01
C LEU B 202 -22.28 42.46 9.45
N HIS B 203 -21.78 41.59 10.33
CA HIS B 203 -21.04 40.43 9.87
C HIS B 203 -21.92 39.52 9.02
N ILE B 204 -23.18 39.33 9.44
CA ILE B 204 -24.12 38.52 8.69
C ILE B 204 -24.37 39.12 7.31
N LYS B 205 -24.62 40.43 7.28
CA LYS B 205 -24.87 41.10 6.00
C LYS B 205 -23.68 40.97 5.07
N ALA B 206 -22.46 41.15 5.61
CA ALA B 206 -21.26 41.05 4.78
C ALA B 206 -21.08 39.63 4.24
N GLU B 207 -21.32 38.62 5.08
CA GLU B 207 -21.18 37.25 4.60
C GLU B 207 -22.18 36.93 3.50
N LYS B 208 -23.44 37.34 3.67
CA LYS B 208 -24.42 37.11 2.63
C LYS B 208 -24.06 37.83 1.34
N LEU B 209 -23.61 39.09 1.45
CA LEU B 209 -23.27 39.86 0.27
C LEU B 209 -22.08 39.25 -0.47
N VAL B 210 -21.06 38.79 0.26
CA VAL B 210 -19.91 38.18 -0.39
C VAL B 210 -20.31 36.90 -1.08
N ALA B 211 -21.12 36.06 -0.40
CA ALA B 211 -21.54 34.81 -1.00
C ALA B 211 -22.34 35.05 -2.29
N ARG B 212 -23.23 36.04 -2.27
CA ARG B 212 -23.98 36.38 -3.48
C ARG B 212 -23.06 36.90 -4.58
N PHE B 213 -22.10 37.75 -4.21
CA PHE B 213 -21.21 38.35 -5.21
C PHE B 213 -20.37 37.30 -5.92
N ILE B 214 -19.75 36.40 -5.16
CA ILE B 214 -18.85 35.42 -5.75
C ILE B 214 -19.61 34.48 -6.68
N GLY B 215 -20.71 33.91 -6.19
CA GLY B 215 -21.43 32.91 -6.94
C GLY B 215 -21.50 31.59 -6.21
N LYS B 216 -21.26 31.62 -4.91
CA LYS B 216 -21.29 30.43 -4.06
C LYS B 216 -22.46 30.54 -3.08
N GLU B 217 -22.52 29.60 -2.14
CA GLU B 217 -23.67 29.51 -1.23
C GLU B 217 -23.46 30.20 0.11
N ASP B 218 -22.32 29.96 0.76
CA ASP B 218 -22.08 30.57 2.07
C ASP B 218 -20.64 31.04 2.15
N ALA B 219 -20.36 31.88 3.14
CA ALA B 219 -19.03 32.44 3.30
C ALA B 219 -18.78 32.84 4.75
N LEU B 220 -17.51 32.95 5.11
CA LEU B 220 -17.07 33.49 6.38
C LEU B 220 -16.06 34.61 6.12
N VAL B 221 -16.01 35.58 7.04
CA VAL B 221 -15.07 36.70 6.93
C VAL B 221 -14.19 36.73 8.16
N PHE B 222 -12.89 36.89 7.96
CA PHE B 222 -11.90 36.94 9.03
C PHE B 222 -11.21 38.30 9.00
N SER B 223 -10.52 38.63 10.08
CA SER B 223 -9.94 39.95 10.28
C SER B 223 -8.55 40.09 9.68
N MET B 224 -8.04 39.06 9.01
CA MET B 224 -6.71 39.12 8.44
C MET B 224 -6.57 37.99 7.41
N GLY B 225 -6.11 38.34 6.22
CA GLY B 225 -5.93 37.36 5.16
C GLY B 225 -4.83 36.36 5.45
N TYR B 226 -3.71 36.87 5.95
CA TYR B 226 -2.60 36.00 6.33
C TYR B 226 -3.04 34.99 7.37
N GLY B 227 -3.76 35.45 8.38
CA GLY B 227 -4.28 34.54 9.39
C GLY B 227 -5.23 33.51 8.80
N THR B 228 -6.03 33.92 7.82
CA THR B 228 -6.95 33.00 7.17
C THR B 228 -6.20 31.86 6.52
N ASN B 229 -5.21 32.17 5.68
CA ASN B 229 -4.44 31.09 5.06
C ASN B 229 -3.67 30.27 6.08
N ALA B 230 -3.11 30.93 7.11
CA ALA B 230 -2.30 30.21 8.08
C ALA B 230 -3.12 29.20 8.86
N ASN B 231 -4.33 29.55 9.28
CA ASN B 231 -5.12 28.69 10.12
C ASN B 231 -6.18 27.89 9.38
N LEU B 232 -6.25 27.99 8.05
CA LEU B 232 -7.26 27.23 7.32
C LEU B 232 -6.94 25.74 7.29
N PHE B 233 -5.81 25.37 6.69
CA PHE B 233 -5.57 23.97 6.33
C PHE B 233 -5.50 23.07 7.56
N ASN B 234 -5.33 23.67 8.73
CA ASN B 234 -5.14 22.92 9.95
C ASN B 234 -6.40 22.16 10.35
N ALA B 235 -7.52 22.50 9.72
CA ALA B 235 -8.84 22.00 10.12
C ALA B 235 -9.23 20.71 9.41
N PHE B 236 -8.82 20.53 8.15
CA PHE B 236 -9.26 19.39 7.36
C PHE B 236 -8.10 18.65 6.69
N LEU B 237 -6.93 18.66 7.31
CA LEU B 237 -5.79 17.93 6.77
C LEU B 237 -5.01 17.31 7.92
N ASP B 238 -4.39 16.16 7.63
CA ASP B 238 -3.59 15.44 8.62
C ASP B 238 -2.31 14.99 7.92
N LYS B 239 -1.56 14.11 8.58
CA LYS B 239 -0.31 13.62 8.03
C LYS B 239 -0.51 12.51 7.01
N LYS B 240 -1.74 12.06 6.80
CA LYS B 240 -2.04 11.04 5.81
C LYS B 240 -2.59 11.61 4.50
N CYS B 241 -2.81 12.91 4.42
CA CYS B 241 -3.26 13.56 3.21
C CYS B 241 -2.07 14.15 2.46
N LEU B 242 -2.30 14.55 1.22
CA LEU B 242 -1.25 15.12 0.39
C LEU B 242 -1.73 16.41 -0.27
N VAL B 243 -0.79 17.33 -0.45
CA VAL B 243 -1.05 18.64 -1.04
C VAL B 243 -0.11 18.81 -2.23
N ILE B 244 -0.69 19.07 -3.40
CA ILE B 244 0.08 19.41 -4.60
C ILE B 244 -0.09 20.88 -4.85
N SER B 245 0.99 21.64 -4.79
CA SER B 245 0.94 23.08 -4.88
C SER B 245 1.94 23.59 -5.92
N ASP B 246 1.58 24.70 -6.55
CA ASP B 246 2.49 25.32 -7.50
C ASP B 246 3.70 25.88 -6.75
N GLU B 247 4.81 26.00 -7.48
CA GLU B 247 6.07 26.43 -6.89
C GLU B 247 6.09 27.92 -6.56
N LEU B 248 5.10 28.70 -7.00
CA LEU B 248 5.10 30.14 -6.80
C LEU B 248 3.98 30.60 -5.88
N ASN B 249 3.53 29.76 -4.97
CA ASN B 249 2.43 30.15 -4.09
C ASN B 249 2.91 31.15 -3.04
N HIS B 250 1.95 31.67 -2.28
CA HIS B 250 2.25 32.66 -1.25
C HIS B 250 2.83 31.97 -0.01
N THR B 251 3.37 32.78 0.89
CA THR B 251 4.00 32.25 2.09
C THR B 251 2.97 31.78 3.11
N SER B 252 1.83 32.46 3.19
CA SER B 252 0.81 32.09 4.17
C SER B 252 0.28 30.69 3.90
N ILE B 253 0.13 30.32 2.63
CA ILE B 253 -0.27 28.95 2.28
C ILE B 253 0.77 27.96 2.77
N ARG B 254 2.05 28.28 2.58
CA ARG B 254 3.11 27.38 3.01
C ARG B 254 3.11 27.19 4.52
N THR B 255 2.92 28.28 5.28
CA THR B 255 2.86 28.15 6.73
C THR B 255 1.63 27.36 7.17
N GLY B 256 0.48 27.60 6.53
CA GLY B 256 -0.72 26.85 6.87
C GLY B 256 -0.58 25.38 6.60
N VAL B 257 0.11 25.02 5.51
CA VAL B 257 0.35 23.61 5.23
C VAL B 257 1.34 23.02 6.22
N ARG B 258 2.38 23.76 6.58
CA ARG B 258 3.37 23.26 7.52
C ARG B 258 2.77 23.03 8.90
N LEU B 259 1.81 23.84 9.30
CA LEU B 259 1.23 23.69 10.63
C LEU B 259 0.39 22.42 10.76
N SER B 260 -0.18 21.90 9.67
CA SER B 260 -1.06 20.74 9.74
C SER B 260 -0.30 19.43 9.79
N GLY B 261 0.71 19.27 8.94
CA GLY B 261 1.52 18.06 8.95
C GLY B 261 1.43 17.26 7.67
N ALA B 262 0.66 17.74 6.71
CA ALA B 262 0.47 17.01 5.47
C ALA B 262 1.75 16.97 4.64
N ALA B 263 1.81 16.04 3.70
CA ALA B 263 2.93 15.98 2.78
C ALA B 263 2.75 16.99 1.65
N VAL B 264 3.86 17.39 1.04
CA VAL B 264 3.86 18.42 0.01
C VAL B 264 4.71 17.97 -1.16
N ARG B 265 4.19 18.17 -2.37
CA ARG B 265 4.96 18.05 -3.60
C ARG B 265 4.59 19.22 -4.51
N THR B 266 5.54 19.66 -5.32
CA THR B 266 5.35 20.83 -6.16
C THR B 266 5.60 20.48 -7.63
N PHE B 267 5.04 21.29 -8.52
CA PHE B 267 5.23 21.13 -9.95
C PHE B 267 5.66 22.45 -10.57
N LYS B 268 6.22 22.34 -11.78
CA LYS B 268 6.71 23.51 -12.48
C LYS B 268 5.57 24.49 -12.76
N HIS B 269 5.92 25.76 -12.89
CA HIS B 269 4.92 26.80 -13.07
C HIS B 269 4.43 26.81 -14.51
N GLY B 270 3.14 26.54 -14.69
CA GLY B 270 2.53 26.56 -16.00
C GLY B 270 2.63 25.27 -16.79
N ASP B 271 3.20 24.21 -16.20
CA ASP B 271 3.29 22.91 -16.85
C ASP B 271 2.16 22.02 -16.34
N MET B 272 1.30 21.57 -17.25
CA MET B 272 0.18 20.72 -16.89
C MET B 272 0.45 19.25 -17.13
N VAL B 273 1.28 18.91 -18.12
CA VAL B 273 1.67 17.52 -18.30
C VAL B 273 2.44 17.02 -17.09
N GLY B 274 3.30 17.88 -16.52
CA GLY B 274 3.99 17.50 -15.31
C GLY B 274 3.03 17.30 -14.15
N LEU B 275 1.98 18.12 -14.07
CA LEU B 275 0.99 17.97 -13.02
C LEU B 275 0.26 16.63 -13.16
N GLU B 276 -0.15 16.28 -14.37
CA GLU B 276 -0.86 15.02 -14.58
C GLU B 276 0.05 13.83 -14.24
N LYS B 277 1.30 13.88 -14.71
CA LYS B 277 2.23 12.80 -14.40
C LYS B 277 2.45 12.66 -12.91
N LEU B 278 2.62 13.80 -12.21
CA LEU B 278 2.84 13.76 -10.77
C LEU B 278 1.62 13.19 -10.04
N ILE B 279 0.42 13.58 -10.47
CA ILE B 279 -0.80 13.06 -9.85
C ILE B 279 -0.86 11.55 -9.99
N ARG B 280 -0.62 11.05 -11.21
CA ARG B 280 -0.69 9.62 -11.43
C ARG B 280 0.35 8.87 -10.61
N GLU B 281 1.59 9.36 -10.60
CA GLU B 281 2.65 8.68 -9.85
C GLU B 281 2.36 8.69 -8.35
N GLN B 282 1.82 9.81 -7.83
CA GLN B 282 1.56 9.87 -6.41
C GLN B 282 0.34 9.06 -6.00
N ILE B 283 -0.62 8.87 -6.91
CA ILE B 283 -1.71 7.95 -6.61
C ILE B 283 -1.20 6.51 -6.59
N VAL B 284 -0.33 6.16 -7.53
CA VAL B 284 0.22 4.81 -7.57
C VAL B 284 1.06 4.52 -6.32
N LEU B 285 1.96 5.44 -5.97
CA LEU B 285 2.95 5.15 -4.94
C LEU B 285 2.33 5.00 -3.57
N GLY B 286 1.48 5.95 -3.18
CA GLY B 286 0.91 5.93 -1.84
C GLY B 286 1.80 6.59 -0.82
N GLN B 287 1.35 6.49 0.44
CA GLN B 287 2.05 7.15 1.53
C GLN B 287 3.49 6.63 1.65
N PRO B 288 4.45 7.52 1.90
CA PRO B 288 5.84 7.06 2.01
C PRO B 288 6.04 6.14 3.20
N LYS B 289 6.96 5.20 3.02
CA LYS B 289 7.36 4.19 4.01
C LYS B 289 6.28 3.13 4.22
N THR B 290 5.09 3.34 3.67
CA THR B 290 4.02 2.38 3.91
C THR B 290 3.19 2.06 2.66
N ASN B 291 3.14 2.94 1.67
CA ASN B 291 2.51 2.69 0.37
C ASN B 291 1.00 2.47 0.46
N ARG B 292 0.38 2.88 1.57
CA ARG B 292 -1.06 2.77 1.67
C ARG B 292 -1.66 3.89 0.81
N PRO B 293 -2.96 3.80 0.49
CA PRO B 293 -3.58 4.85 -0.33
C PRO B 293 -3.60 6.19 0.40
N TRP B 294 -3.43 7.26 -0.37
CA TRP B 294 -3.56 8.60 0.17
C TRP B 294 -4.99 8.83 0.62
N LYS B 295 -5.16 9.23 1.88
CA LYS B 295 -6.50 9.47 2.41
C LYS B 295 -7.20 10.62 1.70
N LYS B 296 -6.44 11.57 1.16
CA LYS B 296 -7.00 12.73 0.48
C LYS B 296 -5.91 13.35 -0.39
N ILE B 297 -6.33 14.08 -1.42
CA ILE B 297 -5.41 14.83 -2.26
C ILE B 297 -6.03 16.18 -2.57
N LEU B 298 -5.24 17.24 -2.41
CA LEU B 298 -5.69 18.61 -2.57
C LEU B 298 -4.72 19.36 -3.48
N ILE B 299 -5.25 20.12 -4.42
CA ILE B 299 -4.45 20.91 -5.36
C ILE B 299 -4.64 22.38 -5.03
N CYS B 300 -3.53 23.07 -4.80
CA CYS B 300 -3.54 24.49 -4.46
C CYS B 300 -2.93 25.30 -5.58
N ALA B 301 -3.64 26.34 -5.99
CA ALA B 301 -3.16 27.23 -7.05
C ALA B 301 -3.52 28.66 -6.68
N GLU B 302 -3.16 29.59 -7.56
CA GLU B 302 -3.39 31.00 -7.34
C GLU B 302 -4.00 31.61 -8.60
N GLY B 303 -5.00 32.46 -8.41
CA GLY B 303 -5.69 33.04 -9.55
C GLY B 303 -4.76 33.86 -10.43
N LEU B 304 -3.96 34.73 -9.83
CA LEU B 304 -2.98 35.51 -10.56
C LEU B 304 -1.75 35.66 -9.68
N PHE B 305 -0.60 35.20 -10.18
CA PHE B 305 0.64 35.24 -9.42
C PHE B 305 1.20 36.66 -9.47
N SER B 306 1.30 37.31 -8.33
CA SER B 306 1.70 38.71 -8.29
C SER B 306 3.22 38.87 -8.22
N MET B 307 3.91 38.11 -9.07
CA MET B 307 5.30 38.36 -9.38
C MET B 307 5.58 38.14 -10.85
N GLU B 308 4.68 37.48 -11.57
CA GLU B 308 4.79 37.21 -12.99
C GLU B 308 3.71 37.90 -13.81
N GLY B 309 2.53 38.10 -13.24
CA GLY B 309 1.41 38.63 -13.99
C GLY B 309 0.65 37.60 -14.77
N THR B 310 1.00 36.32 -14.65
CA THR B 310 0.37 35.25 -15.40
C THR B 310 -0.85 34.72 -14.66
N LEU B 311 -1.70 34.01 -15.40
CA LEU B 311 -2.91 33.42 -14.88
C LEU B 311 -2.72 31.92 -14.72
N CYS B 312 -3.66 31.29 -14.03
CA CYS B 312 -3.67 29.85 -13.84
C CYS B 312 -4.61 29.20 -14.84
N ASN B 313 -4.19 28.07 -15.40
CA ASN B 313 -4.98 27.37 -16.40
C ASN B 313 -6.13 26.66 -15.69
N LEU B 314 -7.17 27.45 -15.39
CA LEU B 314 -8.31 26.91 -14.65
C LEU B 314 -9.05 25.80 -15.40
N PRO B 315 -9.35 25.90 -16.69
CA PRO B 315 -10.07 24.78 -17.35
C PRO B 315 -9.35 23.45 -17.24
N LYS B 316 -8.04 23.43 -17.44
CA LYS B 316 -7.30 22.17 -17.36
C LYS B 316 -7.28 21.65 -15.94
N LEU B 317 -7.18 22.55 -14.95
CA LEU B 317 -7.23 22.13 -13.55
C LEU B 317 -8.57 21.50 -13.23
N VAL B 318 -9.67 22.10 -13.69
CA VAL B 318 -10.99 21.54 -13.44
C VAL B 318 -11.13 20.18 -14.13
N GLU B 319 -10.57 20.06 -15.35
CA GLU B 319 -10.62 18.78 -16.05
C GLU B 319 -9.92 17.68 -15.27
N LEU B 320 -8.68 17.94 -14.84
CA LEU B 320 -7.93 16.93 -14.09
C LEU B 320 -8.61 16.63 -12.75
N LYS B 321 -9.19 17.67 -12.15
CA LYS B 321 -9.88 17.56 -10.89
C LYS B 321 -11.05 16.60 -11.04
N LYS B 322 -11.83 16.76 -12.11
CA LYS B 322 -12.94 15.87 -12.39
C LYS B 322 -12.46 14.45 -12.66
N LYS B 323 -11.38 14.32 -13.44
CA LYS B 323 -10.96 13.00 -13.89
C LYS B 323 -10.40 12.16 -12.75
N TYR B 324 -9.48 12.71 -11.97
CA TYR B 324 -8.75 11.92 -10.98
C TYR B 324 -9.29 12.04 -9.56
N LYS B 325 -10.45 12.69 -9.38
CA LYS B 325 -11.12 12.77 -8.09
C LYS B 325 -10.30 13.52 -7.04
N CYS B 326 -9.62 14.60 -7.46
CA CYS B 326 -8.87 15.44 -6.53
C CYS B 326 -9.77 16.59 -6.06
N TYR B 327 -9.18 17.56 -5.37
CA TYR B 327 -9.89 18.74 -4.92
C TYR B 327 -9.13 19.98 -5.35
N LEU B 328 -9.83 21.11 -5.44
CA LEU B 328 -9.27 22.35 -5.94
C LEU B 328 -9.40 23.45 -4.90
N PHE B 329 -8.32 24.18 -4.68
CA PHE B 329 -8.30 25.33 -3.79
C PHE B 329 -7.65 26.49 -4.54
N ILE B 330 -8.37 27.59 -4.69
CA ILE B 330 -7.92 28.73 -5.47
C ILE B 330 -7.82 29.94 -4.56
N ASP B 331 -6.77 30.73 -4.74
CA ASP B 331 -6.49 31.91 -3.91
C ASP B 331 -6.60 33.15 -4.79
N GLU B 332 -7.75 33.83 -4.70
CA GLU B 332 -8.02 35.00 -5.52
C GLU B 332 -7.81 36.29 -4.72
N ALA B 333 -6.54 36.64 -4.52
CA ALA B 333 -6.25 37.88 -3.84
C ALA B 333 -6.04 39.04 -4.82
N HIS B 334 -5.33 38.81 -5.91
CA HIS B 334 -5.11 39.81 -6.93
C HIS B 334 -6.10 39.71 -8.08
N SER B 335 -6.96 38.71 -8.08
CA SER B 335 -7.91 38.49 -9.17
C SER B 335 -9.29 39.06 -8.87
N ILE B 336 -9.79 38.86 -7.65
CA ILE B 336 -11.14 39.28 -7.33
C ILE B 336 -11.24 40.80 -7.40
N GLY B 337 -12.38 41.29 -7.89
CA GLY B 337 -12.66 42.70 -7.88
C GLY B 337 -12.04 43.49 -9.01
N ALA B 338 -10.96 42.99 -9.60
CA ALA B 338 -10.20 43.79 -10.55
C ALA B 338 -10.10 43.18 -11.94
N MET B 339 -10.52 41.93 -12.14
CA MET B 339 -10.39 41.29 -13.43
C MET B 339 -11.68 40.59 -13.81
N GLY B 340 -11.91 40.50 -15.12
CA GLY B 340 -13.12 39.93 -15.64
C GLY B 340 -13.99 40.98 -16.32
N PRO B 341 -14.95 40.54 -17.12
CA PRO B 341 -15.88 41.49 -17.74
C PRO B 341 -16.62 42.35 -16.72
N THR B 342 -16.97 41.80 -15.57
CA THR B 342 -17.63 42.54 -14.51
C THR B 342 -16.88 42.49 -13.19
N GLY B 343 -15.73 41.84 -13.14
CA GLY B 343 -14.92 41.83 -11.92
C GLY B 343 -15.17 40.69 -10.97
N ARG B 344 -15.58 39.53 -11.46
CA ARG B 344 -15.87 38.40 -10.59
C ARG B 344 -14.68 37.48 -10.36
N GLY B 345 -13.55 37.71 -11.02
CA GLY B 345 -12.38 36.90 -10.79
C GLY B 345 -11.90 36.13 -11.99
N VAL B 346 -11.38 34.91 -11.77
CA VAL B 346 -10.91 34.09 -12.87
C VAL B 346 -12.01 33.16 -13.37
N CYS B 347 -12.95 32.79 -12.49
CA CYS B 347 -14.09 32.00 -12.92
C CYS B 347 -14.88 32.73 -14.00
N GLU B 348 -15.06 34.04 -13.84
CA GLU B 348 -15.72 34.84 -14.87
C GLU B 348 -14.87 34.90 -16.13
N ILE B 349 -13.56 35.05 -15.99
CA ILE B 349 -12.68 35.19 -17.15
C ILE B 349 -12.75 33.94 -18.02
N PHE B 350 -12.67 32.78 -17.39
CA PHE B 350 -12.69 31.51 -18.11
C PHE B 350 -14.08 30.91 -18.30
N GLY B 351 -15.12 31.68 -17.99
CA GLY B 351 -16.46 31.15 -18.17
C GLY B 351 -16.73 29.88 -17.42
N VAL B 352 -15.87 29.54 -16.46
CA VAL B 352 -16.05 28.33 -15.67
C VAL B 352 -17.16 28.56 -14.65
N ASP B 353 -18.02 27.58 -14.50
CA ASP B 353 -19.06 27.63 -13.49
C ASP B 353 -18.42 27.64 -12.11
N PRO B 354 -18.67 28.64 -11.27
CA PRO B 354 -17.99 28.69 -9.98
C PRO B 354 -18.57 27.71 -8.97
N LYS B 355 -18.65 26.44 -9.40
CA LYS B 355 -19.16 25.36 -8.58
C LYS B 355 -18.19 24.18 -8.59
N ASP B 356 -17.37 24.08 -9.64
CA ASP B 356 -16.37 23.03 -9.73
C ASP B 356 -15.12 23.34 -8.92
N VAL B 357 -15.03 24.53 -8.34
CA VAL B 357 -13.92 24.93 -7.49
C VAL B 357 -14.36 24.76 -6.04
N ASP B 358 -13.69 23.88 -5.31
CA ASP B 358 -14.20 23.45 -4.01
C ASP B 358 -14.15 24.57 -2.98
N ILE B 359 -13.02 25.29 -2.90
CA ILE B 359 -12.85 26.36 -1.94
C ILE B 359 -12.22 27.55 -2.64
N LEU B 360 -12.78 28.74 -2.42
CA LEU B 360 -12.23 30.00 -2.88
C LEU B 360 -11.97 30.89 -1.67
N MET B 361 -10.83 31.59 -1.67
CA MET B 361 -10.57 32.58 -0.64
C MET B 361 -9.84 33.76 -1.26
N GLY B 362 -9.93 34.90 -0.57
CA GLY B 362 -9.30 36.11 -1.03
C GLY B 362 -9.21 37.12 0.10
N THR B 363 -8.81 38.33 -0.26
CA THR B 363 -8.65 39.42 0.70
C THR B 363 -9.35 40.67 0.18
N PHE B 364 -9.78 41.51 1.10
CA PHE B 364 -10.36 42.81 0.79
C PHE B 364 -9.31 43.91 0.75
N THR B 365 -8.03 43.58 0.97
CA THR B 365 -7.00 44.61 1.07
C THR B 365 -6.59 45.15 -0.29
N1 LLP B 366 -2.67 35.28 -0.23
C2 LLP B 366 -2.24 35.69 -1.44
C2' LLP B 366 -2.24 34.74 -2.60
C3 LLP B 366 -1.76 37.07 -1.63
O3 LLP B 366 -1.33 37.51 -2.83
C4 LLP B 366 -1.79 37.98 -0.46
C4' LLP B 366 -1.32 39.39 -0.62
C5 LLP B 366 -2.29 37.41 0.83
C6 LLP B 366 -2.70 36.08 0.85
C5' LLP B 366 -2.38 38.17 2.13
OP4 LLP B 366 -2.44 39.59 1.95
P LLP B 366 -2.87 40.55 3.17
OP1 LLP B 366 -2.28 41.87 2.77
OP2 LLP B 366 -2.25 39.93 4.39
OP3 LLP B 366 -4.38 40.51 3.18
N LLP B 366 -6.41 44.27 -1.27
CA LLP B 366 -5.88 44.69 -2.57
CB LLP B 366 -5.35 43.48 -3.32
CG LLP B 366 -3.90 43.17 -2.99
CD LLP B 366 -3.70 41.74 -2.54
CE LLP B 366 -2.45 41.62 -1.68
NZ LLP B 366 -2.21 40.24 -1.18
C LLP B 366 -6.68 45.61 -3.48
O LLP B 366 -6.15 46.59 -3.98
N SER B 367 -7.94 45.31 -3.71
CA SER B 367 -8.74 46.12 -4.61
C SER B 367 -9.95 46.78 -3.97
N PHE B 368 -10.23 46.53 -2.70
CA PHE B 368 -11.39 47.12 -2.04
C PHE B 368 -11.03 48.18 -1.02
N GLY B 369 -9.75 48.43 -0.76
CA GLY B 369 -9.37 49.45 0.19
C GLY B 369 -9.86 49.20 1.60
N ALA B 370 -9.68 47.99 2.10
CA ALA B 370 -10.12 47.62 3.44
C ALA B 370 -9.14 46.59 3.99
N ALA B 371 -9.56 45.85 5.01
CA ALA B 371 -8.73 44.80 5.59
C ALA B 371 -9.58 43.58 5.86
N GLY B 372 -8.97 42.41 5.79
CA GLY B 372 -9.64 41.17 6.13
C GLY B 372 -9.57 40.17 5.01
N GLY B 373 -10.33 39.09 5.15
CA GLY B 373 -10.36 38.04 4.16
C GLY B 373 -11.66 37.26 4.26
N TYR B 374 -11.85 36.35 3.31
CA TYR B 374 -13.08 35.58 3.24
C TYR B 374 -12.79 34.19 2.70
N ILE B 375 -13.75 33.30 2.89
CA ILE B 375 -13.70 31.94 2.33
C ILE B 375 -15.11 31.57 1.89
N ALA B 376 -15.22 30.88 0.75
CA ALA B 376 -16.51 30.55 0.17
C ALA B 376 -16.51 29.10 -0.32
N ALA B 377 -17.56 28.37 0.01
CA ALA B 377 -17.71 26.98 -0.39
C ALA B 377 -19.18 26.59 -0.26
N ASP B 378 -19.46 25.29 -0.38
CA ASP B 378 -20.81 24.77 -0.25
C ASP B 378 -21.27 24.84 1.20
N GLN B 379 -22.57 24.61 1.41
CA GLN B 379 -23.17 24.87 2.72
C GLN B 379 -22.67 23.92 3.79
N TRP B 380 -22.64 22.62 3.49
CA TRP B 380 -22.19 21.65 4.50
C TRP B 380 -20.73 21.89 4.86
N ILE B 381 -19.90 22.21 3.86
CA ILE B 381 -18.51 22.53 4.13
C ILE B 381 -18.41 23.74 5.04
N ILE B 382 -19.20 24.77 4.77
CA ILE B 382 -19.14 25.99 5.58
C ILE B 382 -19.57 25.71 7.01
N ASP B 383 -20.63 24.92 7.21
CA ASP B 383 -21.07 24.63 8.57
C ASP B 383 -20.03 23.83 9.33
N ARG B 384 -19.44 22.83 8.66
CA ARG B 384 -18.42 22.02 9.30
C ARG B 384 -17.21 22.87 9.68
N LEU B 385 -16.77 23.75 8.78
CA LEU B 385 -15.63 24.61 9.05
C LEU B 385 -15.93 25.59 10.16
N ARG B 386 -17.11 26.21 10.14
CA ARG B 386 -17.49 27.12 11.22
C ARG B 386 -17.48 26.39 12.56
N LEU B 387 -17.74 25.09 12.55
CA LEU B 387 -17.60 24.31 13.78
C LEU B 387 -16.14 24.05 14.12
N ASP B 388 -15.28 23.89 13.12
CA ASP B 388 -13.92 23.39 13.35
C ASP B 388 -12.81 24.40 13.21
N LEU B 389 -13.06 25.58 12.64
CA LEU B 389 -11.99 26.56 12.48
C LEU B 389 -11.57 27.12 13.83
N THR B 390 -10.28 27.47 13.92
CA THR B 390 -9.68 27.98 15.15
C THR B 390 -9.88 29.48 15.33
N THR B 391 -9.71 30.26 14.25
CA THR B 391 -9.84 31.70 14.35
C THR B 391 -11.26 32.14 14.67
N VAL B 392 -12.25 31.28 14.40
CA VAL B 392 -13.61 31.61 14.77
C VAL B 392 -13.78 31.60 16.28
N SER B 393 -13.07 30.69 16.95
CA SER B 393 -13.24 30.50 18.39
C SER B 393 -12.24 31.25 19.24
N TYR B 394 -11.06 31.58 18.71
CA TYR B 394 -10.00 32.12 19.55
C TYR B 394 -9.58 33.55 19.25
N SER B 395 -9.73 34.02 18.01
CA SER B 395 -9.22 35.32 17.64
C SER B 395 -10.33 36.35 17.54
N GLU B 396 -9.93 37.61 17.53
CA GLU B 396 -10.86 38.73 17.54
C GLU B 396 -11.69 38.78 16.26
N SER B 397 -12.79 39.52 16.32
CA SER B 397 -13.60 39.78 15.14
C SER B 397 -13.10 41.03 14.42
N MET B 398 -13.81 41.39 13.32
CA MET B 398 -13.25 42.61 12.75
C MET B 398 -14.07 43.83 13.15
N PRO B 399 -13.48 45.02 13.13
CA PRO B 399 -14.23 46.22 13.53
C PRO B 399 -15.35 46.59 12.56
N ALA B 400 -16.11 47.62 12.90
CA ALA B 400 -17.24 48.05 12.10
C ALA B 400 -16.85 48.92 10.90
N PRO B 401 -15.95 49.91 11.05
CA PRO B 401 -15.61 50.72 9.87
C PRO B 401 -15.05 49.92 8.70
N VAL B 402 -14.26 48.89 8.98
CA VAL B 402 -13.74 48.05 7.92
C VAL B 402 -14.89 47.34 7.19
N LEU B 403 -15.84 46.82 7.95
CA LEU B 403 -16.99 46.15 7.34
C LEU B 403 -17.80 47.12 6.49
N ALA B 404 -18.01 48.34 6.99
CA ALA B 404 -18.76 49.32 6.22
C ALA B 404 -18.05 49.65 4.91
N GLN B 405 -16.73 49.86 4.96
CA GLN B 405 -15.98 50.13 3.74
C GLN B 405 -16.11 48.98 2.75
N THR B 406 -15.95 47.74 3.23
CA THR B 406 -16.02 46.59 2.34
C THR B 406 -17.41 46.47 1.72
N ILE B 407 -18.46 46.66 2.51
CA ILE B 407 -19.82 46.52 2.01
C ILE B 407 -20.11 47.58 0.95
N SER B 408 -19.71 48.83 1.22
CA SER B 408 -19.94 49.90 0.26
C SER B 408 -19.18 49.64 -1.03
N SER B 409 -17.94 49.18 -0.95
CA SER B 409 -17.18 48.91 -2.16
C SER B 409 -17.79 47.76 -2.95
N LEU B 410 -18.24 46.71 -2.27
CA LEU B 410 -18.86 45.59 -2.95
C LEU B 410 -20.14 46.01 -3.66
N GLN B 411 -20.96 46.82 -2.99
CA GLN B 411 -22.18 47.30 -3.63
C GLN B 411 -21.88 48.20 -4.81
N THR B 412 -20.88 49.06 -4.69
CA THR B 412 -20.54 49.95 -5.80
C THR B 412 -20.06 49.16 -7.02
N ILE B 413 -19.20 48.17 -6.80
CA ILE B 413 -18.72 47.37 -7.92
C ILE B 413 -19.85 46.53 -8.50
N SER B 414 -20.70 45.97 -7.66
CA SER B 414 -21.84 45.18 -8.11
C SER B 414 -22.85 45.99 -8.90
N GLY B 415 -22.86 47.31 -8.74
CA GLY B 415 -23.78 48.15 -9.48
C GLY B 415 -25.04 48.52 -8.75
N GLU B 416 -25.11 48.27 -7.45
CA GLU B 416 -26.33 48.52 -6.68
C GLU B 416 -26.48 49.98 -6.26
N ILE B 417 -25.38 50.71 -6.10
CA ILE B 417 -25.41 52.12 -5.77
C ILE B 417 -24.49 52.86 -6.74
N CYS B 418 -24.80 54.13 -7.00
CA CYS B 418 -24.10 55.01 -7.95
C CYS B 418 -23.77 54.20 -9.20
N PRO B 419 -24.76 53.89 -10.04
CA PRO B 419 -24.59 52.81 -11.02
C PRO B 419 -23.50 53.06 -12.06
N GLY B 420 -23.09 54.30 -12.28
CA GLY B 420 -22.13 54.55 -13.35
C GLY B 420 -20.68 54.26 -12.98
N GLN B 421 -20.36 54.23 -11.69
CA GLN B 421 -18.96 54.27 -11.27
C GLN B 421 -18.23 52.94 -11.49
N GLY B 422 -18.90 51.82 -11.21
CA GLY B 422 -18.19 50.54 -11.24
C GLY B 422 -17.65 50.20 -12.61
N THR B 423 -18.49 50.34 -13.65
CA THR B 423 -18.03 50.07 -15.00
C THR B 423 -16.94 51.04 -15.43
N GLU B 424 -17.04 52.30 -15.02
CA GLU B 424 -16.00 53.27 -15.34
C GLU B 424 -14.66 52.85 -14.74
N ARG B 425 -14.68 52.45 -13.47
CA ARG B 425 -13.44 52.03 -12.82
C ARG B 425 -12.84 50.81 -13.51
N LEU B 426 -13.67 49.80 -13.77
CA LEU B 426 -13.16 48.57 -14.38
C LEU B 426 -12.58 48.84 -15.77
N GLN B 427 -13.29 49.64 -16.57
CA GLN B 427 -12.79 49.94 -17.91
C GLN B 427 -11.53 50.79 -17.87
N ARG B 428 -11.44 51.72 -16.91
CA ARG B 428 -10.25 52.54 -16.79
C ARG B 428 -9.02 51.69 -16.49
N ILE B 429 -9.12 50.79 -15.51
CA ILE B 429 -7.95 49.98 -15.18
C ILE B 429 -7.61 49.04 -16.33
N ALA B 430 -8.63 48.48 -16.99
CA ALA B 430 -8.37 47.57 -18.09
C ALA B 430 -7.66 48.29 -19.23
N PHE B 431 -8.03 49.54 -19.51
CA PHE B 431 -7.36 50.29 -20.56
C PHE B 431 -5.94 50.65 -20.16
N ASN B 432 -5.75 51.11 -18.92
CA ASN B 432 -4.44 51.58 -18.49
C ASN B 432 -3.41 50.46 -18.55
N SER B 433 -3.78 49.27 -18.09
CA SER B 433 -2.82 48.17 -18.08
C SER B 433 -2.36 47.83 -19.50
N ARG B 434 -3.31 47.70 -20.43
CA ARG B 434 -2.96 47.37 -21.80
C ARG B 434 -2.11 48.45 -22.43
N TYR B 435 -2.46 49.71 -22.20
CA TYR B 435 -1.71 50.81 -22.79
C TYR B 435 -0.27 50.80 -22.32
N LEU B 436 -0.05 50.68 -21.00
CA LEU B 436 1.32 50.68 -20.50
C LEU B 436 2.10 49.47 -20.98
N ARG B 437 1.47 48.29 -21.00
CA ARG B 437 2.19 47.10 -21.44
C ARG B 437 2.61 47.23 -22.90
N LEU B 438 1.70 47.67 -23.75
CA LEU B 438 2.05 47.80 -25.17
C LEU B 438 3.13 48.86 -25.38
N ALA B 439 3.02 49.99 -24.69
CA ALA B 439 4.03 51.03 -24.87
C ALA B 439 5.41 50.57 -24.41
N LEU B 440 5.48 49.90 -23.26
CA LEU B 440 6.76 49.41 -22.79
C LEU B 440 7.34 48.36 -23.72
N GLN B 441 6.50 47.47 -24.25
CA GLN B 441 7.01 46.45 -25.16
C GLN B 441 7.45 47.04 -26.49
N ARG B 442 6.82 48.13 -26.94
CA ARG B 442 7.26 48.74 -28.18
C ARG B 442 8.54 49.54 -27.99
N LEU B 443 8.69 50.21 -26.84
CA LEU B 443 9.90 50.98 -26.61
C LEU B 443 11.13 50.09 -26.53
N GLY B 444 10.97 48.83 -26.16
CA GLY B 444 12.08 47.90 -26.21
C GLY B 444 12.46 47.25 -24.90
N PHE B 445 11.53 47.16 -23.95
CA PHE B 445 11.80 46.52 -22.68
C PHE B 445 11.28 45.08 -22.69
N ILE B 446 11.54 44.37 -21.59
CA ILE B 446 11.03 43.03 -21.38
C ILE B 446 9.95 43.11 -20.30
N VAL B 447 8.73 42.74 -20.66
CA VAL B 447 7.57 42.89 -19.79
C VAL B 447 6.83 41.56 -19.72
N TYR B 448 6.53 41.12 -18.51
CA TYR B 448 5.78 39.90 -18.28
C TYR B 448 4.28 40.19 -18.24
N GLY B 449 3.49 39.22 -17.82
CA GLY B 449 2.06 39.37 -17.74
C GLY B 449 1.39 38.99 -19.04
N VAL B 450 0.06 38.93 -19.01
CA VAL B 450 -0.64 38.41 -20.18
C VAL B 450 -1.15 39.51 -21.11
N ALA B 451 -2.25 40.18 -20.75
CA ALA B 451 -2.68 41.35 -21.52
C ALA B 451 -3.36 42.39 -20.63
N ASP B 452 -4.02 41.94 -19.58
CA ASP B 452 -4.77 42.88 -18.75
C ASP B 452 -4.36 42.93 -17.28
N SER B 453 -3.42 42.10 -16.88
CA SER B 453 -3.01 42.10 -15.48
C SER B 453 -2.61 43.50 -15.07
N PRO B 454 -3.10 43.99 -13.93
CA PRO B 454 -2.62 45.27 -13.40
C PRO B 454 -1.23 45.22 -12.79
N VAL B 455 -0.57 44.07 -12.85
CA VAL B 455 0.79 43.88 -12.37
C VAL B 455 1.69 43.77 -13.58
N ILE B 456 2.67 44.67 -13.69
CA ILE B 456 3.49 44.77 -14.90
C ILE B 456 4.97 44.68 -14.53
N PRO B 457 5.52 43.48 -14.37
CA PRO B 457 6.95 43.36 -14.05
C PRO B 457 7.82 43.86 -15.19
N LEU B 458 8.97 44.41 -14.83
CA LEU B 458 9.97 44.88 -15.78
C LEU B 458 11.35 44.44 -15.32
N LEU B 459 11.98 43.58 -16.11
CA LEU B 459 13.18 42.87 -15.68
C LEU B 459 14.41 43.79 -15.73
N LEU B 460 15.34 43.55 -14.82
CA LEU B 460 16.57 44.33 -14.72
C LEU B 460 17.83 43.51 -14.93
N TYR B 461 17.91 42.33 -14.33
CA TYR B 461 18.96 41.33 -14.58
C TYR B 461 20.32 41.69 -14.00
N CYS B 462 20.49 42.88 -13.45
CA CYS B 462 21.78 43.28 -12.90
C CYS B 462 21.59 43.81 -11.49
N PRO B 463 22.33 43.30 -10.51
CA PRO B 463 22.11 43.72 -9.12
C PRO B 463 22.38 45.19 -8.86
N SER B 464 23.19 45.85 -9.69
CA SER B 464 23.49 47.25 -9.47
C SER B 464 22.57 48.19 -10.24
N LYS B 465 21.64 47.67 -11.04
CA LYS B 465 20.68 48.51 -11.72
C LYS B 465 19.40 48.71 -10.92
N MET B 466 19.27 48.02 -9.78
CA MET B 466 18.11 48.26 -8.92
C MET B 466 18.23 49.57 -8.16
N PRO B 467 19.28 49.81 -7.37
CA PRO B 467 19.37 51.09 -6.66
C PRO B 467 19.40 52.29 -7.60
N ALA B 468 20.06 52.16 -8.74
CA ALA B 468 20.11 53.26 -9.68
C ALA B 468 18.72 53.61 -10.19
N PHE B 469 17.97 52.60 -10.65
CA PHE B 469 16.62 52.85 -11.14
C PHE B 469 15.76 53.49 -10.06
N SER B 470 15.79 52.92 -8.85
CA SER B 470 14.95 53.43 -7.78
C SER B 470 15.29 54.88 -7.45
N ARG B 471 16.59 55.20 -7.35
CA ARG B 471 16.98 56.54 -6.94
C ARG B 471 16.70 57.58 -8.02
N MET B 472 16.96 57.26 -9.30
CA MET B 472 16.62 58.21 -10.34
C MET B 472 15.11 58.45 -10.39
N MET B 473 14.31 57.38 -10.31
CA MET B 473 12.86 57.58 -10.35
C MET B 473 12.40 58.39 -9.15
N LEU B 474 13.05 58.23 -8.00
CA LEU B 474 12.69 59.07 -6.85
C LEU B 474 13.06 60.53 -7.09
N GLN B 475 14.15 60.73 -7.83
CA GLN B 475 14.62 62.07 -8.18
C GLN B 475 13.60 62.74 -9.09
N ARG B 476 12.93 61.96 -9.93
CA ARG B 476 11.94 62.53 -10.85
C ARG B 476 10.53 62.53 -10.29
N ARG B 477 10.37 62.09 -9.05
CA ARG B 477 9.06 62.04 -8.40
C ARG B 477 8.20 60.90 -8.94
N ILE B 478 8.73 59.68 -8.88
CA ILE B 478 7.97 58.47 -9.19
C ILE B 478 8.33 57.42 -8.15
N ALA B 479 7.33 56.76 -7.58
CA ALA B 479 7.52 55.79 -6.51
C ALA B 479 7.35 54.38 -7.07
N VAL B 480 8.41 53.57 -6.98
CA VAL B 480 8.44 52.22 -7.55
C VAL B 480 8.95 51.24 -6.51
N VAL B 481 8.78 49.95 -6.81
CA VAL B 481 9.16 48.86 -5.93
C VAL B 481 10.11 47.93 -6.68
N VAL B 482 11.20 47.53 -6.02
CA VAL B 482 12.19 46.62 -6.58
C VAL B 482 12.22 45.37 -5.72
N VAL B 483 12.39 44.21 -6.35
CA VAL B 483 12.41 42.93 -5.64
C VAL B 483 13.69 42.18 -5.96
N ALA B 484 14.32 41.66 -4.92
CA ALA B 484 15.65 41.06 -5.00
C ALA B 484 15.62 39.53 -5.15
N TYR B 485 16.77 38.90 -4.93
CA TYR B 485 17.00 37.47 -5.11
C TYR B 485 16.18 36.57 -4.17
N PRO B 486 16.09 36.82 -2.87
CA PRO B 486 15.34 35.90 -2.03
C PRO B 486 13.88 35.74 -2.45
N ALA B 487 13.30 36.75 -3.10
CA ALA B 487 11.91 36.68 -3.52
C ALA B 487 11.73 36.23 -4.97
N THR B 488 12.72 36.47 -5.82
CA THR B 488 12.65 36.14 -7.24
C THR B 488 13.92 35.41 -7.67
N PRO B 489 13.84 34.57 -8.71
CA PRO B 489 15.03 33.82 -9.15
C PRO B 489 16.28 34.69 -9.28
N LEU B 490 17.41 34.17 -8.81
CA LEU B 490 18.68 34.90 -8.70
C LEU B 490 19.00 35.74 -9.92
N ILE B 491 18.81 35.18 -11.10
CA ILE B 491 19.26 35.81 -12.34
C ILE B 491 18.23 36.82 -12.82
N GLU B 492 17.09 36.91 -12.13
CA GLU B 492 15.98 37.77 -12.58
C GLU B 492 15.49 38.64 -11.43
N SER B 493 16.06 39.84 -11.31
CA SER B 493 15.53 40.87 -10.44
C SER B 493 14.73 41.84 -11.29
N ARG B 494 13.73 42.49 -10.69
CA ARG B 494 12.79 43.27 -11.49
C ARG B 494 12.19 44.39 -10.66
N VAL B 495 11.66 45.39 -11.36
CA VAL B 495 10.75 46.36 -10.77
C VAL B 495 9.34 45.92 -11.11
N ARG B 496 8.42 46.13 -10.18
CA ARG B 496 7.05 45.71 -10.39
C ARG B 496 6.07 46.86 -10.29
N PHE B 497 5.47 47.24 -11.41
CA PHE B 497 4.49 48.31 -11.44
C PHE B 497 3.14 47.77 -11.00
N CYS B 498 2.40 48.57 -10.26
CA CYS B 498 1.03 48.27 -9.90
C CYS B 498 0.16 49.39 -10.44
N MET B 499 -0.46 49.14 -11.58
CA MET B 499 -1.34 50.12 -12.21
C MET B 499 -2.63 50.25 -11.41
N SER B 500 -3.20 51.45 -11.43
CA SER B 500 -4.45 51.75 -10.75
C SER B 500 -5.46 52.34 -11.72
N ALA B 501 -6.70 52.39 -11.28
CA ALA B 501 -7.77 53.00 -12.07
C ALA B 501 -7.87 54.50 -11.84
N SER B 502 -7.02 55.06 -10.99
CA SER B 502 -7.05 56.48 -10.69
C SER B 502 -5.98 57.27 -11.44
N LEU B 503 -5.33 56.67 -12.43
CA LEU B 503 -4.29 57.32 -13.20
C LEU B 503 -4.81 57.71 -14.57
N THR B 504 -4.56 58.95 -14.97
CA THR B 504 -4.98 59.50 -16.24
C THR B 504 -3.90 59.26 -17.30
N LYS B 505 -4.32 59.21 -18.57
CA LYS B 505 -3.39 58.93 -19.66
C LYS B 505 -2.24 59.93 -19.70
N GLU B 506 -2.47 61.18 -19.27
CA GLU B 506 -1.39 62.14 -19.19
C GLU B 506 -0.30 61.67 -18.24
N ASP B 507 -0.71 61.10 -17.10
CA ASP B 507 0.25 60.57 -16.14
C ASP B 507 1.05 59.43 -16.74
N ILE B 508 0.39 58.57 -17.51
CA ILE B 508 1.09 57.46 -18.14
C ILE B 508 2.08 57.97 -19.18
N ASP B 509 1.73 59.05 -19.89
CA ASP B 509 2.66 59.63 -20.86
C ASP B 509 3.89 60.20 -20.17
N TYR B 510 3.66 60.88 -19.05
CA TYR B 510 4.70 61.48 -18.24
C TYR B 510 5.67 60.39 -17.76
N LEU B 511 5.11 59.30 -17.26
CA LEU B 511 5.88 58.15 -16.81
C LEU B 511 6.63 57.50 -17.97
N LEU B 512 5.99 57.39 -19.13
CA LEU B 512 6.63 56.75 -20.27
C LEU B 512 7.86 57.53 -20.73
N ARG B 513 7.75 58.85 -20.80
CA ARG B 513 8.90 59.65 -21.21
C ARG B 513 10.07 59.49 -20.23
N HIS B 514 9.79 59.62 -18.93
CA HIS B 514 10.86 59.51 -17.95
C HIS B 514 11.47 58.11 -17.95
N VAL B 515 10.63 57.08 -18.06
CA VAL B 515 11.13 55.70 -18.07
C VAL B 515 11.98 55.45 -19.30
N SER B 516 11.56 55.96 -20.46
CA SER B 516 12.34 55.77 -21.67
C SER B 516 13.72 56.40 -21.52
N GLU B 517 13.77 57.62 -21.01
CA GLU B 517 15.04 58.31 -20.81
C GLU B 517 15.96 57.61 -19.81
N VAL B 518 15.41 57.12 -18.70
CA VAL B 518 16.21 56.45 -17.69
C VAL B 518 16.70 55.10 -18.18
N GLY B 519 15.82 54.31 -18.81
CA GLY B 519 16.22 53.02 -19.31
C GLY B 519 17.13 53.08 -20.50
N ASP B 520 17.12 54.18 -21.25
CA ASP B 520 18.13 54.36 -22.29
C ASP B 520 19.48 54.71 -21.69
N LYS B 521 19.48 55.46 -20.59
CA LYS B 521 20.73 55.81 -19.93
C LYS B 521 21.33 54.64 -19.17
N LEU B 522 20.51 53.73 -18.67
CA LEU B 522 20.98 52.57 -17.90
C LEU B 522 21.17 51.33 -18.75
N ASN B 523 21.02 51.43 -20.07
CA ASN B 523 21.15 50.28 -20.96
C ASN B 523 20.22 49.15 -20.56
N LEU B 524 18.91 49.38 -20.62
CA LEU B 524 17.92 48.39 -20.24
C LEU B 524 17.07 47.89 -21.39
N LYS B 525 17.07 48.59 -22.54
CA LYS B 525 16.25 48.20 -23.69
C LYS B 525 16.91 47.01 -24.38
N SER B 526 16.66 45.83 -23.85
CA SER B 526 17.24 44.59 -24.37
C SER B 526 16.17 43.63 -24.83
N ASN B 527 15.09 44.16 -25.40
CA ASN B 527 14.02 43.31 -25.90
C ASN B 527 14.43 42.60 -27.18
N SER B 528 13.99 41.36 -27.33
CA SER B 528 14.23 40.59 -28.54
C SER B 528 13.08 40.79 -29.51
N GLY B 529 13.06 40.02 -30.59
CA GLY B 529 11.94 39.97 -31.50
C GLY B 529 10.92 38.91 -31.15
N LYS B 530 11.13 38.21 -30.04
CA LYS B 530 10.24 37.15 -29.60
C LYS B 530 9.05 37.67 -28.79
N SER B 531 8.92 38.99 -28.72
CA SER B 531 7.84 39.63 -27.98
C SER B 531 7.13 40.64 -28.87
N SER B 532 6.86 40.24 -30.10
CA SER B 532 6.12 41.10 -31.01
C SER B 532 5.29 40.24 -31.92
N TYR B 533 4.15 40.79 -32.37
CA TYR B 533 3.25 39.98 -33.18
C TYR B 533 3.85 39.66 -34.53
N ASP B 534 4.78 40.49 -35.02
CA ASP B 534 5.39 40.20 -36.32
C ASP B 534 6.54 39.20 -36.18
N GLY B 535 7.58 39.56 -35.43
CA GLY B 535 8.75 38.72 -35.28
C GLY B 535 10.01 39.55 -35.23
N LYS B 536 9.92 40.76 -35.78
CA LYS B 536 11.05 41.67 -35.82
C LYS B 536 11.10 42.55 -34.58
N ARG B 537 12.27 42.67 -33.98
CA ARG B 537 12.45 43.47 -32.78
C ARG B 537 12.15 44.94 -33.06
N GLN B 538 11.66 45.64 -32.04
CA GLN B 538 11.21 47.02 -32.14
C GLN B 538 12.05 47.93 -31.26
N ARG B 539 12.39 49.10 -31.78
CA ARG B 539 13.12 50.11 -31.04
C ARG B 539 12.51 51.47 -31.37
N TRP B 540 11.18 51.56 -31.30
CA TRP B 540 10.46 52.75 -31.75
C TRP B 540 10.93 53.99 -31.00
N ASP B 541 10.52 55.14 -31.54
CA ASP B 541 10.76 56.44 -30.94
C ASP B 541 9.64 56.76 -29.96
N ILE B 542 9.94 57.63 -29.00
CA ILE B 542 8.98 57.92 -27.93
C ILE B 542 7.74 58.61 -28.48
N GLU B 543 7.91 59.61 -29.35
CA GLU B 543 6.75 60.37 -29.81
C GLU B 543 5.86 59.54 -30.71
N GLU B 544 6.46 58.72 -31.55
CA GLU B 544 5.70 57.87 -32.45
C GLU B 544 4.87 56.84 -31.68
N VAL B 545 5.46 56.24 -30.65
CA VAL B 545 4.73 55.25 -29.86
C VAL B 545 3.64 55.93 -29.04
N ILE B 546 3.91 57.12 -28.49
CA ILE B 546 2.89 57.84 -27.75
C ILE B 546 1.71 58.17 -28.65
N ARG B 547 1.98 58.58 -29.89
CA ARG B 547 0.90 58.97 -30.79
C ARG B 547 0.11 57.77 -31.29
N ARG B 548 0.78 56.63 -31.51
CA ARG B 548 0.14 55.54 -32.21
C ARG B 548 -0.29 54.37 -31.31
N THR B 549 -0.01 54.41 -30.02
CA THR B 549 -0.43 53.31 -29.15
C THR B 549 -1.88 53.38 -28.65
N PRO B 550 -2.43 54.55 -28.28
CA PRO B 550 -3.70 54.55 -27.55
C PRO B 550 -4.85 53.81 -28.23
N GLU B 551 -4.92 53.86 -29.56
CA GLU B 551 -5.97 53.20 -30.31
C GLU B 551 -5.60 51.76 -30.63
N ASP B 552 -4.33 51.50 -30.84
CA ASP B 552 -3.86 50.16 -31.17
C ASP B 552 -3.86 49.22 -29.97
N CYS B 553 -3.89 49.76 -28.76
CA CYS B 553 -3.91 48.90 -27.57
C CYS B 553 -5.25 48.20 -27.37
N LYS B 554 -6.29 48.59 -28.09
CA LYS B 554 -7.60 47.97 -27.94
C LYS B 554 -7.81 46.76 -28.84
N ASP B 555 -6.80 46.41 -29.64
CA ASP B 555 -6.91 45.26 -30.53
C ASP B 555 -6.17 44.05 -29.96
N ASP B 556 -6.89 42.92 -29.79
CA ASP B 556 -6.25 41.73 -29.25
C ASP B 556 -5.43 41.04 -30.32
N LYS B 557 -4.55 41.79 -30.99
CA LYS B 557 -3.72 41.27 -32.05
C LYS B 557 -2.24 41.49 -31.83
N TYR B 558 -1.85 42.59 -31.19
CA TYR B 558 -0.45 42.87 -30.92
C TYR B 558 0.08 42.18 -29.69
N PHE B 559 -0.79 41.71 -28.80
CA PHE B 559 -0.35 41.09 -27.55
C PHE B 559 -0.05 39.62 -27.80
N VAL B 560 1.22 39.24 -27.64
CA VAL B 560 1.63 37.85 -27.85
C VAL B 560 0.98 36.94 -26.82
N ASN B 561 1.02 37.35 -25.55
CA ASN B 561 0.43 36.57 -24.47
C ASN B 561 -1.08 36.78 -24.42
N GLU C 56 16.40 11.70 6.59
CA GLU C 56 15.79 12.36 7.73
C GLU C 56 14.38 11.81 7.95
N THR C 57 13.74 12.25 9.03
CA THR C 57 12.42 11.78 9.39
C THR C 57 11.36 12.47 8.53
N PHE C 58 10.09 12.27 8.87
CA PHE C 58 9.00 12.75 8.02
C PHE C 58 8.93 14.28 8.03
N GLU C 59 8.99 14.89 9.21
CA GLU C 59 8.83 16.33 9.31
C GLU C 59 9.98 17.06 8.62
N ASP C 60 11.22 16.57 8.80
CA ASP C 60 12.36 17.21 8.16
C ASP C 60 12.26 17.12 6.64
N GLU C 61 11.86 15.96 6.12
CA GLU C 61 11.70 15.82 4.68
C GLU C 61 10.58 16.70 4.15
N ASN C 62 9.50 16.84 4.91
CA ASN C 62 8.41 17.71 4.50
C ASN C 62 8.88 19.17 4.44
N ASP C 63 9.65 19.59 5.44
CA ASP C 63 10.18 20.95 5.44
C ASP C 63 11.10 21.17 4.25
N GLN C 64 11.94 20.17 3.94
CA GLN C 64 12.84 20.29 2.80
C GLN C 64 12.07 20.38 1.48
N GLN C 65 11.02 19.57 1.35
CA GLN C 65 10.27 19.47 0.10
C GLN C 65 9.21 20.55 -0.05
N MET C 66 8.94 21.32 1.01
CA MET C 66 7.86 22.32 0.97
C MET C 66 8.21 23.54 0.15
N LEU C 67 9.48 23.75 -0.16
CA LEU C 67 9.91 24.96 -0.85
C LEU C 67 11.16 24.66 -1.67
N PRO C 68 11.24 25.15 -2.91
CA PRO C 68 12.47 24.97 -3.69
C PRO C 68 13.66 25.61 -2.98
N ASN C 69 14.81 24.97 -3.07
CA ASN C 69 16.01 25.46 -2.39
C ASN C 69 16.62 26.58 -3.21
N MET C 70 16.52 27.80 -2.72
CA MET C 70 17.01 28.95 -3.47
C MET C 70 18.54 28.98 -3.55
N ALA C 71 19.23 28.24 -2.68
CA ALA C 71 20.69 28.22 -2.65
C ALA C 71 21.28 27.11 -3.51
N ALA C 72 20.43 26.26 -4.11
CA ALA C 72 20.94 25.16 -4.92
C ALA C 72 20.07 24.92 -6.16
N THR C 73 19.47 25.98 -6.70
CA THR C 73 18.62 25.84 -7.88
C THR C 73 19.10 26.66 -9.07
N TRP C 74 19.90 27.70 -8.83
CA TRP C 74 20.39 28.55 -9.92
C TRP C 74 21.31 27.82 -10.88
N VAL C 75 21.80 26.64 -10.50
CA VAL C 75 22.83 25.94 -11.25
C VAL C 75 22.24 25.37 -12.53
N ASP C 76 20.91 25.26 -12.60
CA ASP C 76 20.25 24.75 -13.78
C ASP C 76 19.76 25.83 -14.73
N GLN C 77 20.00 27.11 -14.42
CA GLN C 77 19.41 28.19 -15.21
C GLN C 77 20.27 28.54 -16.41
N ARG C 78 19.88 29.58 -17.14
CA ARG C 78 20.55 30.00 -18.36
C ARG C 78 21.92 30.58 -17.99
N GLY C 79 22.94 30.19 -18.73
CA GLY C 79 24.28 30.68 -18.53
C GLY C 79 25.03 30.03 -17.38
N ALA C 80 24.42 29.09 -16.68
CA ALA C 80 25.06 28.49 -15.51
C ALA C 80 26.17 27.53 -15.88
N TRP C 81 26.30 27.17 -17.16
CA TRP C 81 27.39 26.32 -17.62
C TRP C 81 28.55 27.12 -18.19
N LEU C 82 28.27 28.07 -19.09
CA LEU C 82 29.31 28.90 -19.68
C LEU C 82 30.05 29.74 -18.66
N ILE C 83 29.47 29.99 -17.48
CA ILE C 83 30.17 30.78 -16.48
C ILE C 83 31.39 30.04 -15.95
N HIS C 84 31.33 28.72 -15.81
CA HIS C 84 32.48 27.98 -15.31
C HIS C 84 33.62 27.96 -16.31
N ILE C 85 33.31 28.04 -17.61
CA ILE C 85 34.34 28.18 -18.63
C ILE C 85 34.85 29.61 -18.73
N VAL C 86 33.99 30.61 -18.55
CA VAL C 86 34.41 32.00 -18.63
C VAL C 86 35.29 32.43 -17.45
N VAL C 87 35.00 31.97 -16.23
CA VAL C 87 35.87 32.29 -15.11
C VAL C 87 37.25 31.66 -15.28
N ILE C 88 37.39 30.67 -16.17
CA ILE C 88 38.69 30.05 -16.37
C ILE C 88 39.54 30.85 -17.35
N VAL C 89 38.95 31.37 -18.43
CA VAL C 89 39.68 32.18 -19.39
C VAL C 89 40.19 33.48 -18.79
N LEU C 90 39.55 34.01 -17.75
CA LEU C 90 40.03 35.20 -17.08
C LEU C 90 41.26 34.94 -16.22
N LEU C 91 41.30 33.80 -15.53
CA LEU C 91 42.48 33.43 -14.76
C LEU C 91 43.72 33.30 -15.63
N ARG C 92 43.57 32.77 -16.84
CA ARG C 92 44.67 32.70 -17.78
C ARG C 92 45.20 34.08 -18.17
N LEU C 93 44.33 35.03 -18.46
CA LEU C 93 44.76 36.38 -18.82
C LEU C 93 45.28 37.18 -17.64
N PHE C 94 44.92 36.82 -16.41
CA PHE C 94 45.46 37.49 -15.24
C PHE C 94 46.82 36.95 -14.83
N TYR C 95 46.97 35.62 -14.75
CA TYR C 95 48.27 35.05 -14.41
C TYR C 95 49.30 35.24 -15.51
N SER C 96 48.87 35.34 -16.77
CA SER C 96 49.76 35.80 -17.82
C SER C 96 50.17 37.25 -17.61
N LEU C 97 49.25 38.09 -17.15
CA LEU C 97 49.58 39.48 -16.84
C LEU C 97 50.60 39.56 -15.71
N PHE C 98 50.62 38.57 -14.80
CA PHE C 98 51.73 38.51 -13.85
C PHE C 98 53.08 38.50 -14.55
N GLY C 99 53.19 37.79 -15.67
CA GLY C 99 54.38 37.86 -16.49
C GLY C 99 55.40 36.77 -16.30
N SER C 100 55.00 35.58 -15.88
CA SER C 100 55.92 34.49 -15.63
C SER C 100 55.90 33.49 -16.79
N THR C 101 56.65 32.41 -16.64
CA THR C 101 56.76 31.35 -17.64
C THR C 101 55.44 30.58 -17.75
N PRO C 102 55.14 30.05 -18.95
CA PRO C 102 53.82 29.42 -19.17
C PRO C 102 53.41 28.38 -18.14
N LYS C 103 54.34 27.52 -17.72
CA LYS C 103 53.97 26.44 -16.82
C LYS C 103 53.49 26.97 -15.48
N TRP C 104 54.15 28.01 -14.96
CA TRP C 104 53.70 28.61 -13.71
C TRP C 104 52.31 29.19 -13.84
N THR C 105 52.04 29.89 -14.94
CA THR C 105 50.72 30.46 -15.15
C THR C 105 49.65 29.37 -15.19
N TRP C 106 49.93 28.30 -15.93
CA TRP C 106 48.93 27.24 -16.07
C TRP C 106 48.68 26.53 -14.74
N THR C 107 49.75 26.23 -14.00
CA THR C 107 49.56 25.55 -12.72
C THR C 107 48.84 26.46 -11.72
N LEU C 108 49.14 27.76 -11.74
CA LEU C 108 48.43 28.67 -10.86
C LEU C 108 46.95 28.72 -11.20
N THR C 109 46.63 28.79 -12.50
CA THR C 109 45.25 28.79 -12.96
C THR C 109 44.50 27.57 -12.44
N ASN C 110 45.03 26.39 -12.73
CA ASN C 110 44.41 25.14 -12.30
C ASN C 110 44.25 25.01 -10.79
N MET C 111 45.28 25.40 -10.06
CA MET C 111 45.22 25.32 -8.61
C MET C 111 44.17 26.25 -8.03
N THR C 112 44.16 27.52 -8.47
CA THR C 112 43.22 28.47 -7.89
C THR C 112 41.79 28.08 -8.23
N TYR C 113 41.55 27.61 -9.46
CA TYR C 113 40.19 27.21 -9.80
C TYR C 113 39.72 26.07 -8.92
N ILE C 114 40.57 25.05 -8.75
CA ILE C 114 40.15 23.88 -7.96
C ILE C 114 39.90 24.27 -6.51
N ILE C 115 40.80 25.09 -5.93
CA ILE C 115 40.65 25.46 -4.53
C ILE C 115 39.41 26.33 -4.33
N GLY C 116 39.17 27.28 -5.23
CA GLY C 116 37.96 28.09 -5.12
C GLY C 116 36.70 27.25 -5.24
N PHE C 117 36.67 26.34 -6.20
CA PHE C 117 35.50 25.48 -6.38
C PHE C 117 35.25 24.65 -5.13
N TYR C 118 36.32 24.12 -4.53
CA TYR C 118 36.13 23.32 -3.31
C TYR C 118 35.62 24.20 -2.17
N ILE C 119 36.24 25.36 -1.94
CA ILE C 119 35.87 26.17 -0.80
C ILE C 119 34.45 26.73 -0.97
N MET C 120 33.97 26.78 -2.21
CA MET C 120 32.61 27.25 -2.42
C MET C 120 31.57 26.12 -2.31
N PHE C 121 31.81 24.98 -2.96
CA PHE C 121 30.81 23.95 -3.07
C PHE C 121 30.89 22.85 -2.02
N HIS C 122 31.95 22.80 -1.21
CA HIS C 122 32.18 21.64 -0.36
C HIS C 122 32.48 21.97 1.10
N LEU C 123 32.82 23.20 1.44
CA LEU C 123 33.30 23.47 2.80
C LEU C 123 32.20 23.97 3.70
N VAL C 124 31.28 24.79 3.19
CA VAL C 124 30.25 25.43 4.00
C VAL C 124 29.03 24.52 4.05
N LYS C 125 28.42 24.42 5.22
CA LYS C 125 27.23 23.58 5.41
C LYS C 125 26.01 24.40 5.82
N GLY C 126 24.92 24.19 5.10
CA GLY C 126 23.67 24.86 5.39
C GLY C 126 23.31 25.86 4.30
N THR C 127 22.19 26.54 4.53
CA THR C 127 21.80 27.62 3.65
C THR C 127 22.23 28.95 4.24
N PRO C 128 22.72 29.87 3.40
CA PRO C 128 23.14 31.18 3.90
C PRO C 128 21.99 32.06 4.39
N PHE C 129 20.76 31.56 4.40
CA PHE C 129 19.66 32.25 5.05
C PHE C 129 18.73 31.24 5.72
N ASP C 130 17.64 31.73 6.30
CA ASP C 130 16.67 30.87 6.97
C ASP C 130 15.81 30.10 5.97
N PHE C 131 15.72 28.78 6.13
CA PHE C 131 14.86 28.02 5.25
C PHE C 131 13.54 27.74 5.92
N ASN C 132 13.46 26.81 6.89
CA ASN C 132 12.27 26.64 7.68
C ASN C 132 12.67 26.66 9.15
N GLY C 133 13.55 25.75 9.57
CA GLY C 133 14.22 25.75 10.86
C GLY C 133 15.67 25.48 10.51
N GLY C 134 15.92 25.57 9.21
CA GLY C 134 17.21 25.40 8.57
C GLY C 134 17.18 24.22 7.62
N ALA C 135 16.68 23.08 8.08
CA ALA C 135 16.27 21.95 7.24
C ALA C 135 17.41 21.39 6.41
N TYR C 136 18.56 22.06 6.41
CA TYR C 136 19.75 21.67 5.67
C TYR C 136 21.01 22.01 6.46
N ASP C 137 20.88 22.00 7.78
CA ASP C 137 21.92 22.52 8.66
C ASP C 137 23.22 21.74 8.57
N ASN C 138 23.24 20.62 7.84
CA ASN C 138 24.42 19.76 7.77
C ASN C 138 24.63 19.19 6.37
N LEU C 139 24.31 19.97 5.34
CA LEU C 139 24.51 19.57 3.96
C LEU C 139 25.22 20.68 3.20
N THR C 140 26.27 20.32 2.46
CA THR C 140 26.98 21.29 1.65
C THR C 140 26.18 21.59 0.38
N MET C 141 26.63 22.62 -0.35
CA MET C 141 25.93 23.02 -1.56
C MET C 141 25.95 21.96 -2.64
N TRP C 142 27.05 21.21 -2.78
CA TRP C 142 27.13 20.19 -3.81
C TRP C 142 26.10 19.09 -3.61
N GLU C 143 25.83 18.71 -2.36
CA GLU C 143 24.88 17.65 -2.09
C GLU C 143 23.44 18.08 -2.30
N GLN C 144 23.16 19.39 -2.33
CA GLN C 144 21.80 19.86 -2.51
C GLN C 144 21.42 20.02 -3.98
N ILE C 145 22.36 19.85 -4.90
CA ILE C 145 22.06 20.04 -6.32
C ILE C 145 21.05 19.00 -6.78
N ASN C 146 20.02 19.47 -7.48
CA ASN C 146 18.97 18.61 -8.04
C ASN C 146 18.37 17.71 -6.96
N ASP C 147 17.98 18.36 -5.85
CA ASP C 147 17.34 17.75 -4.68
C ASP C 147 17.83 16.33 -4.42
N GLU C 148 19.16 16.20 -4.34
CA GLU C 148 19.83 14.94 -4.02
C GLU C 148 19.50 13.86 -5.04
N THR C 149 19.85 14.14 -6.29
CA THR C 149 19.81 13.15 -7.37
C THR C 149 21.19 13.15 -8.01
N LEU C 150 21.81 11.98 -8.08
CA LEU C 150 23.21 11.88 -8.47
C LEU C 150 23.37 11.61 -9.95
N TYR C 151 24.51 12.03 -10.49
CA TYR C 151 24.92 11.79 -11.87
C TYR C 151 23.90 12.33 -12.87
N THR C 152 23.42 13.54 -12.59
CA THR C 152 22.61 14.31 -13.51
C THR C 152 23.53 15.03 -14.50
N PRO C 153 23.02 15.60 -15.58
CA PRO C 153 23.91 16.31 -16.52
C PRO C 153 24.73 17.41 -15.87
N THR C 154 24.17 18.15 -14.92
CA THR C 154 24.93 19.19 -14.24
C THR C 154 26.09 18.60 -13.46
N ARG C 155 25.82 17.53 -12.70
CA ARG C 155 26.88 16.89 -11.94
C ARG C 155 27.93 16.30 -12.87
N LYS C 156 27.49 15.77 -14.01
CA LYS C 156 28.45 15.25 -14.99
C LYS C 156 29.36 16.36 -15.50
N PHE C 157 28.79 17.52 -15.85
CA PHE C 157 29.60 18.62 -16.36
C PHE C 157 30.60 19.10 -15.31
N LEU C 158 30.14 19.25 -14.06
CA LEU C 158 31.02 19.70 -13.00
C LEU C 158 32.03 18.64 -12.60
N LEU C 159 31.81 17.38 -12.98
CA LEU C 159 32.85 16.37 -12.84
C LEU C 159 33.87 16.46 -13.97
N ILE C 160 33.39 16.70 -15.19
CA ILE C 160 34.26 16.67 -16.36
C ILE C 160 35.24 17.84 -16.33
N VAL C 161 34.81 18.99 -15.81
CA VAL C 161 35.62 20.21 -15.95
C VAL C 161 37.05 20.05 -15.44
N PRO C 162 37.31 19.59 -14.21
CA PRO C 162 38.71 19.52 -13.75
C PRO C 162 39.59 18.58 -14.56
N ILE C 163 39.02 17.47 -15.04
CA ILE C 163 39.81 16.53 -15.83
C ILE C 163 40.31 17.18 -17.11
N VAL C 164 39.43 17.89 -17.82
CA VAL C 164 39.85 18.58 -19.03
C VAL C 164 40.81 19.71 -18.71
N LEU C 165 40.68 20.29 -17.53
CA LEU C 165 41.59 21.34 -17.10
C LEU C 165 42.99 20.75 -17.01
N PHE C 166 43.11 19.59 -16.36
CA PHE C 166 44.42 18.95 -16.23
C PHE C 166 44.95 18.51 -17.58
N LEU C 167 44.08 18.00 -18.45
CA LEU C 167 44.54 17.56 -19.77
C LEU C 167 45.14 18.73 -20.56
N ILE C 168 44.49 19.89 -20.49
CA ILE C 168 45.00 21.05 -21.23
C ILE C 168 46.29 21.56 -20.60
N SER C 169 46.33 21.62 -19.27
CA SER C 169 47.50 22.18 -18.60
C SER C 169 48.72 21.27 -18.65
N ASN C 170 48.52 19.95 -18.84
CA ASN C 170 49.62 19.00 -18.72
C ASN C 170 50.73 19.27 -19.72
N GLN C 171 50.39 19.72 -20.92
CA GLN C 171 51.35 19.82 -22.02
C GLN C 171 52.49 20.79 -21.74
N TYR C 172 52.37 21.66 -20.74
CA TYR C 172 53.35 22.70 -20.51
C TYR C 172 54.31 22.43 -19.38
N TYR C 173 53.81 22.02 -18.21
CA TYR C 173 54.67 21.68 -17.08
C TYR C 173 55.00 20.20 -17.01
N ARG C 174 54.84 19.48 -18.13
CA ARG C 174 55.07 18.05 -18.16
C ARG C 174 56.52 17.68 -17.89
N ASN C 175 57.46 18.60 -18.12
CA ASN C 175 58.87 18.32 -18.01
C ASN C 175 59.41 18.47 -16.59
N ASP C 176 58.57 18.83 -15.63
CA ASP C 176 58.96 18.94 -14.23
C ASP C 176 58.19 17.89 -13.44
N MET C 177 58.92 17.08 -12.68
CA MET C 177 58.28 16.00 -11.93
C MET C 177 57.50 16.54 -10.75
N THR C 178 58.08 17.50 -10.02
CA THR C 178 57.43 18.00 -8.80
C THR C 178 56.11 18.71 -9.12
N LEU C 179 56.11 19.58 -10.14
CA LEU C 179 54.89 20.31 -10.49
C LEU C 179 53.83 19.35 -11.01
N PHE C 180 54.26 18.39 -11.81
CA PHE C 180 53.36 17.39 -12.39
C PHE C 180 52.70 16.54 -11.29
N LEU C 181 53.49 16.13 -10.31
CA LEU C 181 52.98 15.33 -9.20
C LEU C 181 52.05 16.15 -8.33
N SER C 182 52.43 17.39 -8.00
CA SER C 182 51.59 18.23 -7.16
C SER C 182 50.26 18.53 -7.83
N ASN C 183 50.29 18.84 -9.13
CA ASN C 183 49.06 19.18 -9.85
C ASN C 183 48.13 17.98 -9.95
N LEU C 184 48.67 16.81 -10.26
CA LEU C 184 47.84 15.62 -10.35
C LEU C 184 47.27 15.24 -8.98
N ALA C 185 48.08 15.41 -7.94
CA ALA C 185 47.61 15.11 -6.59
C ALA C 185 46.47 16.02 -6.19
N VAL C 186 46.66 17.33 -6.38
CA VAL C 186 45.62 18.28 -5.96
C VAL C 186 44.35 18.07 -6.79
N THR C 187 44.50 17.87 -8.10
CA THR C 187 43.33 17.63 -8.94
C THR C 187 42.55 16.43 -8.44
N VAL C 188 43.20 15.27 -8.35
CA VAL C 188 42.50 14.05 -7.98
C VAL C 188 41.91 14.13 -6.58
N LEU C 189 42.65 14.68 -5.61
CA LEU C 189 42.25 14.63 -4.21
C LEU C 189 41.32 15.77 -3.80
N ILE C 190 41.20 16.83 -4.59
CA ILE C 190 40.42 17.98 -4.17
C ILE C 190 39.35 18.25 -5.23
N GLY C 191 39.30 17.41 -6.26
CA GLY C 191 38.30 17.54 -7.28
C GLY C 191 37.29 16.41 -7.25
N VAL C 192 37.53 15.40 -8.06
CA VAL C 192 36.58 14.31 -8.30
C VAL C 192 36.21 13.57 -7.03
N VAL C 193 37.15 13.41 -6.11
CA VAL C 193 36.94 12.54 -4.94
C VAL C 193 35.74 13.00 -4.10
N PRO C 194 35.63 14.29 -3.70
CA PRO C 194 34.44 14.70 -2.96
C PRO C 194 33.17 14.61 -3.78
N LYS C 195 33.30 14.56 -5.11
CA LYS C 195 32.16 14.57 -6.01
C LYS C 195 31.67 13.18 -6.38
N LEU C 196 32.25 12.12 -5.81
CA LEU C 196 31.80 10.76 -6.10
C LEU C 196 30.47 10.47 -5.43
N GLY C 197 29.87 9.33 -5.74
CA GLY C 197 28.63 8.93 -5.12
C GLY C 197 28.85 8.15 -3.85
N ILE C 198 30.10 7.80 -3.58
CA ILE C 198 30.44 7.03 -2.38
C ILE C 198 30.80 7.93 -1.20
N THR C 199 31.20 9.17 -1.47
CA THR C 199 31.52 10.14 -0.42
C THR C 199 30.32 10.99 -0.02
N HIS C 200 29.14 10.68 -0.54
CA HIS C 200 27.94 11.43 -0.19
C HIS C 200 27.59 11.19 1.27
N ARG C 201 27.38 12.28 2.02
CA ARG C 201 27.10 12.23 3.46
C ARG C 201 28.14 11.39 4.19
N LEU C 202 29.39 11.84 4.11
CA LEU C 202 30.52 11.15 4.74
C LEU C 202 31.37 12.21 5.45
N ARG C 203 31.39 12.16 6.77
CA ARG C 203 32.05 13.17 7.58
C ARG C 203 33.24 12.56 8.32
N ILE C 204 34.40 13.17 8.17
CA ILE C 204 35.61 12.71 8.84
C ILE C 204 35.99 13.70 9.93
N HIS D 4 -8.14 71.18 -14.58
CA HIS D 4 -8.10 70.35 -13.39
C HIS D 4 -6.70 70.31 -12.79
N LYS D 5 -6.27 71.44 -12.24
CA LYS D 5 -4.94 71.52 -11.65
C LYS D 5 -4.92 70.85 -10.28
N SER D 6 -3.80 70.21 -9.99
CA SER D 6 -3.58 69.48 -8.75
C SER D 6 -2.38 70.08 -8.02
N SER D 7 -2.02 69.48 -6.88
CA SER D 7 -0.91 69.95 -6.06
C SER D 7 0.39 69.23 -6.39
N MET D 8 0.55 68.78 -7.62
CA MET D 8 1.74 68.04 -8.05
C MET D 8 2.70 68.97 -8.77
N VAL D 9 3.98 68.88 -8.40
CA VAL D 9 5.04 69.61 -9.08
C VAL D 9 5.72 68.68 -10.07
N TYR D 10 5.74 69.06 -11.34
CA TYR D 10 6.32 68.26 -12.40
C TYR D 10 7.79 68.63 -12.59
N ILE D 11 8.58 67.67 -13.05
CA ILE D 11 10.01 67.85 -13.29
C ILE D 11 10.28 67.60 -14.75
N PRO D 12 10.93 68.51 -15.46
CA PRO D 12 11.10 68.35 -16.91
C PRO D 12 12.20 67.37 -17.25
N THR D 13 12.05 66.74 -18.41
CA THR D 13 13.05 65.81 -18.91
C THR D 13 14.35 66.55 -19.20
N THR D 14 15.47 65.83 -19.10
CA THR D 14 16.78 66.46 -19.27
C THR D 14 16.90 67.15 -20.63
N LYS D 15 16.17 66.63 -21.61
CA LYS D 15 16.16 67.23 -22.93
C LYS D 15 15.60 68.64 -22.78
N GLU D 16 14.48 68.76 -22.09
CA GLU D 16 13.86 70.07 -21.87
C GLU D 16 14.79 71.00 -21.13
N ALA D 17 15.53 70.48 -20.14
CA ALA D 17 16.47 71.32 -19.40
C ALA D 17 17.56 71.86 -20.33
N LYS D 18 18.11 71.01 -21.20
CA LYS D 18 19.11 71.48 -22.15
C LYS D 18 18.51 72.48 -23.13
N ARG D 19 17.28 72.24 -23.58
CA ARG D 19 16.63 73.17 -24.50
C ARG D 19 16.46 74.54 -23.87
N ARG D 20 16.05 74.57 -22.60
CA ARG D 20 15.97 75.84 -21.89
C ARG D 20 17.34 76.48 -21.75
N ASN D 21 18.37 75.69 -21.45
CA ASN D 21 19.72 76.19 -21.28
C ASN D 21 20.53 76.19 -22.58
N GLY D 22 19.95 75.79 -23.70
CA GLY D 22 20.65 75.76 -24.96
C GLY D 22 21.79 74.75 -24.99
N GLY D 26 29.64 73.69 -29.43
CA GLY D 26 29.79 72.99 -30.69
C GLY D 26 29.86 71.48 -30.53
N ILE D 27 31.08 70.94 -30.63
CA ILE D 27 31.29 69.49 -30.53
C ILE D 27 32.01 69.09 -29.26
N LEU D 28 32.62 70.04 -28.54
CA LEU D 28 33.31 69.69 -27.31
C LEU D 28 32.35 69.17 -26.25
N ASN D 29 31.15 69.75 -26.17
CA ASN D 29 30.14 69.24 -25.26
C ASN D 29 29.71 67.83 -25.66
N THR D 30 29.65 67.55 -26.96
CA THR D 30 29.36 66.19 -27.42
C THR D 30 30.46 65.22 -26.99
N ILE D 31 31.71 65.64 -27.08
CA ILE D 31 32.82 64.81 -26.61
C ILE D 31 32.69 64.54 -25.11
N GLU D 32 32.38 65.58 -24.34
CA GLU D 32 32.24 65.41 -22.90
C GLU D 32 31.09 64.47 -22.56
N GLU D 33 29.97 64.59 -23.29
CA GLU D 33 28.83 63.73 -22.98
C GLU D 33 29.07 62.28 -23.40
N VAL D 34 29.82 62.05 -24.48
CA VAL D 34 30.13 60.66 -24.81
C VAL D 34 31.10 60.08 -23.79
N VAL D 35 32.00 60.91 -23.25
CA VAL D 35 32.83 60.46 -22.14
C VAL D 35 31.96 60.06 -20.95
N GLU D 36 30.97 60.88 -20.67
CA GLU D 36 30.06 60.61 -19.56
C GLU D 36 29.30 59.30 -19.80
N LYS D 37 28.89 59.08 -21.04
CA LYS D 37 28.17 57.89 -21.43
C LYS D 37 29.02 56.64 -21.18
N LEU D 38 30.26 56.69 -21.65
CA LEU D 38 31.17 55.56 -21.46
C LEU D 38 31.39 55.28 -19.98
N TYR D 39 31.58 56.35 -19.19
CA TYR D 39 31.75 56.19 -17.75
C TYR D 39 30.52 55.55 -17.13
N TRP D 40 29.33 55.93 -17.59
CA TRP D 40 28.10 55.36 -17.08
C TRP D 40 28.01 53.86 -17.36
N THR D 41 28.36 53.46 -18.58
CA THR D 41 28.34 52.04 -18.92
C THR D 41 29.27 51.26 -18.00
N TYR D 42 30.52 51.72 -17.92
CA TYR D 42 31.51 51.06 -17.08
C TYR D 42 31.05 50.97 -15.63
N TYR D 43 30.42 52.04 -15.13
CA TYR D 43 30.02 52.07 -13.73
C TYR D 43 28.83 51.17 -13.44
N ILE D 44 27.84 51.12 -14.33
CA ILE D 44 26.63 50.36 -14.01
C ILE D 44 26.82 48.87 -14.23
N HIS D 45 27.66 48.45 -15.17
CA HIS D 45 27.79 47.01 -15.40
C HIS D 45 28.74 46.32 -14.42
N LEU D 46 29.15 47.02 -13.36
CA LEU D 46 29.98 46.45 -12.30
C LEU D 46 29.41 46.87 -10.96
N PRO D 47 29.49 46.00 -9.95
CA PRO D 47 28.77 46.24 -8.68
C PRO D 47 29.43 47.30 -7.79
N PHE D 48 29.44 48.53 -8.27
CA PHE D 48 30.00 49.62 -7.46
C PHE D 48 28.98 50.23 -6.52
N TYR D 49 27.69 50.08 -6.81
CA TYR D 49 26.65 50.66 -5.97
C TYR D 49 26.47 49.89 -4.66
N LEU D 50 27.14 48.76 -4.49
CA LEU D 50 26.97 47.93 -3.31
C LEU D 50 28.24 47.82 -2.46
N MET D 51 29.22 48.68 -2.70
CA MET D 51 30.47 48.70 -1.94
C MET D 51 30.67 50.08 -1.33
N ALA D 52 31.12 50.12 -0.08
CA ALA D 52 31.03 51.37 0.67
C ALA D 52 31.88 52.50 0.11
N SER D 53 33.20 52.47 0.33
CA SER D 53 34.10 53.31 -0.45
C SER D 53 35.44 52.61 -0.71
N PHE D 54 35.88 51.83 0.28
CA PHE D 54 37.23 51.27 0.24
C PHE D 54 37.34 50.19 -0.81
N ASP D 55 36.37 49.28 -0.82
CA ASP D 55 36.37 48.19 -1.80
C ASP D 55 36.22 48.74 -3.21
N SER D 56 35.38 49.76 -3.38
CA SER D 56 35.19 50.36 -4.70
C SER D 56 36.47 51.02 -5.19
N PHE D 57 37.14 51.74 -4.31
CA PHE D 57 38.40 52.39 -4.66
C PHE D 57 39.45 51.35 -5.02
N PHE D 58 39.51 50.28 -4.25
CA PHE D 58 40.45 49.20 -4.46
C PHE D 58 40.21 48.50 -5.80
N LEU D 59 38.94 48.27 -6.14
CA LEU D 59 38.60 47.60 -7.38
C LEU D 59 38.86 48.50 -8.58
N HIS D 60 38.63 49.81 -8.40
CA HIS D 60 38.99 50.77 -9.44
C HIS D 60 40.48 50.72 -9.74
N VAL D 61 41.30 50.74 -8.70
CA VAL D 61 42.75 50.64 -8.87
C VAL D 61 43.11 49.34 -9.55
N PHE D 62 42.42 48.27 -9.16
CA PHE D 62 42.65 46.94 -9.72
C PHE D 62 42.44 46.92 -11.22
N PHE D 63 41.28 47.39 -11.67
CA PHE D 63 40.96 47.42 -13.09
C PHE D 63 41.90 48.34 -13.85
N LEU D 64 42.22 49.49 -13.26
CA LEU D 64 43.14 50.42 -13.91
C LEU D 64 44.51 49.77 -14.11
N THR D 65 44.99 49.05 -13.09
CA THR D 65 46.25 48.34 -13.21
C THR D 65 46.18 47.27 -14.28
N ILE D 66 45.06 46.55 -14.35
CA ILE D 66 44.91 45.53 -15.39
C ILE D 66 45.04 46.16 -16.77
N PHE D 67 44.32 47.26 -17.00
CA PHE D 67 44.38 47.89 -18.32
C PHE D 67 45.77 48.42 -18.62
N SER D 68 46.42 49.03 -17.62
CA SER D 68 47.76 49.58 -17.81
C SER D 68 48.74 48.47 -18.20
N LEU D 69 48.71 47.36 -17.47
CA LEU D 69 49.62 46.25 -17.76
C LEU D 69 49.34 45.64 -19.11
N SER D 70 48.05 45.49 -19.47
CA SER D 70 47.71 44.94 -20.77
C SER D 70 48.20 45.84 -21.90
N PHE D 71 48.03 47.15 -21.75
CA PHE D 71 48.52 48.08 -22.77
C PHE D 71 50.03 48.06 -22.87
N PHE D 72 50.72 48.01 -21.72
CA PHE D 72 52.18 47.96 -21.72
C PHE D 72 52.69 46.70 -22.40
N GLY D 73 52.07 45.56 -22.11
CA GLY D 73 52.48 44.31 -22.74
C GLY D 73 52.17 44.27 -24.23
N ILE D 74 51.04 44.84 -24.63
CA ILE D 74 50.67 44.85 -26.04
C ILE D 74 50.79 46.25 -26.62
N GLY E 36 55.11 7.32 -19.19
CA GLY E 36 54.11 7.40 -18.12
C GLY E 36 53.10 8.51 -18.34
N HIS E 37 53.41 9.41 -19.27
CA HIS E 37 52.53 10.54 -19.53
C HIS E 37 51.30 10.11 -20.32
N PHE E 38 51.52 9.48 -21.48
CA PHE E 38 50.40 9.02 -22.29
C PHE E 38 49.59 7.95 -21.58
N PHE E 39 50.23 7.18 -20.70
CA PHE E 39 49.47 6.24 -19.87
C PHE E 39 48.47 6.98 -18.98
N VAL E 40 48.93 8.06 -18.34
CA VAL E 40 48.04 8.86 -17.50
C VAL E 40 46.91 9.45 -18.32
N GLU E 41 47.24 9.98 -19.50
CA GLU E 41 46.21 10.59 -20.33
C GLU E 41 45.19 9.57 -20.83
N GLY E 42 45.64 8.37 -21.18
CA GLY E 42 44.71 7.33 -21.59
C GLY E 42 43.82 6.87 -20.46
N LEU E 43 44.38 6.72 -19.25
CA LEU E 43 43.57 6.39 -18.09
C LEU E 43 42.53 7.47 -17.81
N LEU E 44 42.92 8.73 -17.98
CA LEU E 44 41.99 9.83 -17.78
C LEU E 44 40.87 9.79 -18.82
N GLY E 45 41.19 9.46 -20.07
CA GLY E 45 40.14 9.28 -21.07
C GLY E 45 39.19 8.15 -20.73
N VAL E 46 39.73 7.03 -20.25
CA VAL E 46 38.87 5.91 -19.86
C VAL E 46 37.93 6.34 -18.74
N VAL E 47 38.48 7.00 -17.71
CA VAL E 47 37.65 7.37 -16.57
C VAL E 47 36.65 8.45 -16.94
N ILE E 48 37.00 9.35 -17.87
CA ILE E 48 36.05 10.38 -18.28
C ILE E 48 34.87 9.75 -19.02
N ILE E 49 35.14 8.75 -19.86
CA ILE E 49 34.04 8.03 -20.49
C ILE E 49 33.20 7.31 -19.44
N ILE E 50 33.85 6.68 -18.46
CA ILE E 50 33.14 5.95 -17.42
C ILE E 50 32.18 6.87 -16.68
N LEU E 51 32.67 8.05 -16.27
CA LEU E 51 31.80 9.02 -15.61
C LEU E 51 30.68 9.48 -16.54
N LEU E 52 31.00 9.71 -17.82
CA LEU E 52 30.01 10.25 -18.74
C LEU E 52 28.95 9.23 -19.12
N THR E 53 29.12 7.96 -18.73
CA THR E 53 28.16 6.92 -19.09
C THR E 53 27.40 6.35 -17.89
N ARG E 54 26.90 7.19 -16.98
CA ARG E 54 26.15 6.70 -15.83
C ARG E 54 24.64 6.78 -16.13
N LYS E 55 23.80 6.56 -15.10
CA LYS E 55 22.37 6.38 -15.30
C LYS E 55 21.51 7.37 -14.50
N SER E 56 22.10 8.17 -13.61
CA SER E 56 21.40 9.21 -12.87
C SER E 56 20.28 8.62 -11.99
N TYR E 57 20.72 7.89 -10.97
CA TYR E 57 19.81 7.28 -10.02
C TYR E 57 19.58 8.25 -8.85
N LYS E 58 18.88 7.77 -7.81
CA LYS E 58 18.61 8.48 -6.58
C LYS E 58 19.09 7.65 -5.40
N PRO E 59 19.61 8.29 -4.34
CA PRO E 59 20.16 7.54 -3.22
C PRO E 59 19.13 6.60 -2.62
N PRO E 60 19.54 5.42 -2.15
CA PRO E 60 18.58 4.43 -1.67
C PRO E 60 18.04 4.81 -0.29
N LYS E 61 16.74 4.65 -0.12
CA LYS E 61 16.11 4.97 1.15
C LYS E 61 16.58 4.02 2.25
N ARG E 62 16.82 4.58 3.42
CA ARG E 62 17.17 3.75 4.57
C ARG E 62 15.98 2.87 4.94
N PRO E 63 16.20 1.59 5.20
CA PRO E 63 15.09 0.67 5.47
C PRO E 63 14.47 0.94 6.84
N LEU E 64 13.35 0.28 7.11
CA LEU E 64 12.66 0.38 8.37
C LEU E 64 13.42 -0.39 9.45
N THR E 65 12.84 -0.41 10.66
CA THR E 65 13.43 -1.16 11.76
C THR E 65 12.31 -1.68 12.64
N GLU E 66 12.69 -2.38 13.71
CA GLU E 66 11.78 -3.17 14.54
C GLU E 66 10.48 -2.46 14.89
N GLN E 67 10.57 -1.34 15.61
CA GLN E 67 9.40 -0.68 16.15
C GLN E 67 8.46 -0.18 15.05
N GLU E 68 9.04 0.31 13.95
CA GLU E 68 8.22 0.69 12.80
C GLU E 68 7.39 -0.49 12.30
N ILE E 69 8.04 -1.64 12.15
CA ILE E 69 7.36 -2.84 11.70
C ILE E 69 6.27 -3.25 12.70
N ASP E 70 6.60 -3.19 13.98
CA ASP E 70 5.64 -3.61 15.01
C ASP E 70 4.40 -2.73 15.01
N GLU E 71 4.59 -1.42 14.94
CA GLU E 71 3.43 -0.53 14.93
C GLU E 71 2.64 -0.66 13.64
N LEU E 72 3.31 -0.90 12.52
CA LEU E 72 2.60 -1.13 11.27
C LEU E 72 1.78 -2.42 11.34
N CYS E 73 2.36 -3.49 11.88
CA CYS E 73 1.66 -4.75 12.01
C CYS E 73 0.45 -4.63 12.94
N ASP E 74 0.61 -3.94 14.06
CA ASP E 74 -0.52 -3.70 14.94
C ASP E 74 -1.56 -2.80 14.32
N GLU E 75 -1.16 -1.96 13.36
CA GLU E 75 -2.13 -1.14 12.65
C GLU E 75 -2.98 -1.92 11.65
N TRP E 76 -2.50 -3.07 11.18
CA TRP E 76 -3.21 -3.84 10.16
C TRP E 76 -4.41 -4.54 10.79
N VAL E 77 -5.52 -4.56 10.06
CA VAL E 77 -6.73 -5.24 10.52
C VAL E 77 -7.27 -6.14 9.41
N PRO E 78 -7.47 -7.42 9.67
CA PRO E 78 -8.03 -8.32 8.66
C PRO E 78 -9.54 -8.48 8.81
N GLU E 79 -10.17 -8.80 7.70
CA GLU E 79 -11.60 -9.08 7.65
C GLU E 79 -11.86 -10.46 8.23
N PRO E 80 -13.11 -10.76 8.60
CA PRO E 80 -13.41 -12.11 9.10
C PRO E 80 -13.29 -13.14 7.99
N LEU E 81 -13.19 -14.42 8.40
CA LEU E 81 -13.14 -15.51 7.43
C LEU E 81 -14.33 -15.46 6.49
N VAL E 82 -15.52 -15.59 7.03
CA VAL E 82 -16.74 -15.53 6.24
C VAL E 82 -17.41 -14.19 6.49
N ASP E 83 -18.42 -13.90 5.68
CA ASP E 83 -19.14 -12.64 5.81
C ASP E 83 -20.48 -12.89 6.48
N PRO E 84 -20.62 -12.53 7.76
CA PRO E 84 -21.83 -12.90 8.49
C PRO E 84 -22.97 -11.91 8.30
N SER E 85 -22.80 -10.97 7.37
CA SER E 85 -23.81 -9.93 7.18
C SER E 85 -25.08 -10.49 6.56
N ALA E 86 -24.97 -11.32 5.53
CA ALA E 86 -26.10 -11.72 4.70
C ALA E 86 -26.57 -13.13 5.04
N THR E 87 -26.10 -13.67 6.17
CA THR E 87 -26.46 -15.04 6.53
C THR E 87 -27.92 -15.20 6.90
N ASP E 88 -28.49 -14.25 7.65
CA ASP E 88 -29.83 -14.43 8.22
C ASP E 88 -30.93 -14.29 7.18
N GLU E 89 -30.76 -13.43 6.20
CA GLU E 89 -31.76 -13.27 5.15
C GLU E 89 -31.57 -14.25 4.00
N GLN E 90 -30.76 -15.29 4.19
CA GLN E 90 -30.58 -16.34 3.20
C GLN E 90 -30.79 -17.73 3.76
N SER E 91 -30.93 -17.87 5.08
CA SER E 91 -31.00 -19.17 5.72
C SER E 91 -32.34 -19.87 5.52
N TRP E 92 -33.26 -19.26 4.78
CA TRP E 92 -34.49 -19.97 4.44
C TRP E 92 -34.19 -21.18 3.57
N ARG E 93 -33.14 -21.12 2.76
CA ARG E 93 -32.71 -22.28 2.00
C ARG E 93 -32.42 -23.45 2.91
N VAL E 94 -31.60 -23.21 3.94
CA VAL E 94 -31.28 -24.27 4.91
C VAL E 94 -32.53 -24.73 5.64
N ALA E 95 -33.37 -23.78 6.04
CA ALA E 95 -34.55 -24.09 6.84
C ALA E 95 -35.63 -24.82 6.06
N LYS E 96 -35.59 -24.80 4.73
CA LYS E 96 -36.65 -25.40 3.93
C LYS E 96 -36.17 -26.59 3.09
N THR E 97 -35.21 -27.35 3.62
CA THR E 97 -34.67 -28.55 2.97
C THR E 97 -35.37 -29.78 3.50
N PRO E 98 -35.94 -30.62 2.64
CA PRO E 98 -36.58 -31.85 3.11
C PRO E 98 -35.59 -32.80 3.74
N VAL E 99 -36.08 -33.57 4.72
CA VAL E 99 -35.28 -34.58 5.41
C VAL E 99 -36.12 -35.82 5.61
N THR E 100 -35.84 -36.88 4.86
CA THR E 100 -36.58 -38.12 5.04
C THR E 100 -36.18 -38.79 6.35
N MET E 101 -37.08 -39.62 6.87
CA MET E 101 -36.92 -40.21 8.21
C MET E 101 -37.02 -41.72 8.12
N GLU E 102 -35.93 -42.41 8.44
CA GLU E 102 -35.90 -43.87 8.59
C GLU E 102 -36.48 -44.59 7.38
N MET E 103 -36.37 -43.98 6.21
CA MET E 103 -36.92 -44.56 5.00
C MET E 103 -35.95 -44.35 3.85
N PRO E 104 -35.89 -45.28 2.89
CA PRO E 104 -35.14 -45.03 1.66
C PRO E 104 -35.76 -43.88 0.88
N ILE E 105 -34.93 -43.13 0.18
CA ILE E 105 -35.43 -42.08 -0.70
C ILE E 105 -36.11 -42.73 -1.89
N GLN E 106 -37.44 -42.73 -1.89
CA GLN E 106 -38.22 -43.50 -2.85
C GLN E 106 -39.45 -42.72 -3.30
N ASN E 107 -40.42 -43.41 -3.90
CA ASN E 107 -41.60 -42.74 -4.45
C ASN E 107 -42.43 -42.07 -3.36
N HIS E 108 -42.72 -42.78 -2.28
CA HIS E 108 -43.51 -42.25 -1.17
C HIS E 108 -42.66 -42.22 0.09
N ILE E 109 -42.51 -41.03 0.68
CA ILE E 109 -41.59 -40.83 1.80
C ILE E 109 -42.30 -40.11 2.92
N THR E 110 -41.55 -39.85 3.99
CA THR E 110 -42.03 -39.12 5.16
C THR E 110 -40.95 -38.10 5.52
N ILE E 111 -41.23 -36.82 5.28
CA ILE E 111 -40.20 -35.80 5.41
C ILE E 111 -40.55 -34.83 6.54
N THR E 112 -39.51 -34.27 7.17
CA THR E 112 -39.68 -33.25 8.18
C THR E 112 -38.75 -32.09 7.84
N ARG E 113 -39.15 -30.89 8.18
CA ARG E 113 -38.43 -29.68 7.80
C ARG E 113 -38.22 -28.80 9.01
N ASN E 114 -37.14 -27.99 8.94
CA ASN E 114 -36.85 -26.95 9.93
C ASN E 114 -36.78 -27.52 11.34
N ASN E 115 -35.83 -28.42 11.52
CA ASN E 115 -35.50 -29.01 12.82
C ASN E 115 -36.72 -29.69 13.44
N LEU E 116 -37.38 -30.51 12.63
CA LEU E 116 -38.49 -31.35 13.08
C LEU E 116 -39.69 -30.53 13.53
N GLN E 117 -39.79 -29.31 13.01
CA GLN E 117 -40.93 -28.45 13.35
C GLN E 117 -42.08 -28.56 12.36
N GLU E 118 -41.92 -29.36 11.31
CA GLU E 118 -43.01 -29.70 10.40
C GLU E 118 -42.94 -31.20 10.11
N LYS E 119 -44.02 -31.74 9.56
CA LYS E 119 -44.03 -33.15 9.22
C LYS E 119 -45.11 -33.41 8.17
N TYR E 120 -44.81 -34.32 7.25
CA TYR E 120 -45.72 -34.73 6.21
C TYR E 120 -45.56 -36.23 6.00
N THR E 121 -46.63 -36.88 5.56
CA THR E 121 -46.63 -38.33 5.40
C THR E 121 -47.22 -38.71 4.04
N ASN E 122 -46.68 -39.78 3.46
CA ASN E 122 -47.11 -40.28 2.15
C ASN E 122 -46.96 -39.22 1.07
N VAL E 123 -45.85 -38.50 1.11
CA VAL E 123 -45.56 -37.50 0.08
C VAL E 123 -45.13 -38.19 -1.19
N PHE E 124 -45.70 -37.77 -2.32
CA PHE E 124 -45.29 -38.27 -3.61
C PHE E 124 -44.03 -37.55 -4.07
N ASN E 125 -43.02 -38.31 -4.45
CA ASN E 125 -41.69 -37.77 -4.71
C ASN E 125 -41.50 -37.52 -6.19
N LEU E 126 -41.05 -36.31 -6.53
CA LEU E 126 -40.74 -35.92 -7.89
C LEU E 126 -39.44 -35.14 -7.93
N ALA E 127 -38.48 -35.51 -7.07
CA ALA E 127 -37.22 -34.79 -7.00
C ALA E 127 -36.02 -35.72 -6.82
N SER E 128 -36.15 -36.99 -7.17
CA SER E 128 -35.08 -37.96 -7.02
C SER E 128 -34.42 -38.22 -8.37
N ASN E 129 -33.09 -38.36 -8.35
CA ASN E 129 -32.31 -38.56 -9.56
C ASN E 129 -32.17 -40.02 -9.96
N ASN E 130 -32.71 -40.94 -9.17
CA ASN E 130 -32.57 -42.38 -9.46
C ASN E 130 -33.67 -42.78 -10.44
N PHE E 131 -33.33 -42.74 -11.73
CA PHE E 131 -34.33 -42.90 -12.78
C PHE E 131 -34.77 -44.35 -12.97
N LEU E 132 -33.86 -45.31 -12.83
CA LEU E 132 -34.18 -46.69 -13.17
C LEU E 132 -34.70 -47.49 -12.00
N GLN E 133 -34.27 -47.17 -10.78
CA GLN E 133 -34.71 -47.87 -9.57
C GLN E 133 -34.44 -49.37 -9.64
N LEU E 134 -33.40 -49.76 -10.36
CA LEU E 134 -32.98 -51.15 -10.40
C LEU E 134 -32.12 -51.52 -9.20
N SER E 135 -31.61 -50.54 -8.47
CA SER E 135 -30.76 -50.81 -7.31
C SER E 135 -31.54 -51.16 -6.06
N ALA E 136 -32.87 -51.24 -6.14
CA ALA E 136 -33.69 -51.58 -4.99
C ALA E 136 -34.25 -53.00 -5.05
N THR E 137 -34.05 -53.71 -6.15
CA THR E 137 -34.56 -55.07 -6.27
C THR E 137 -33.75 -56.03 -5.38
N GLU E 138 -34.36 -57.19 -5.10
CA GLU E 138 -33.75 -58.16 -4.20
C GLU E 138 -32.41 -58.71 -4.67
N PRO E 139 -32.19 -59.03 -5.95
CA PRO E 139 -30.88 -59.55 -6.35
C PRO E 139 -29.73 -58.61 -6.01
N VAL E 140 -29.90 -57.31 -6.22
CA VAL E 140 -28.84 -56.36 -5.89
C VAL E 140 -28.63 -56.32 -4.37
N LYS E 141 -29.71 -56.43 -3.61
CA LYS E 141 -29.56 -56.48 -2.15
C LYS E 141 -28.76 -57.71 -1.72
N GLU E 142 -29.04 -58.86 -2.32
CA GLU E 142 -28.29 -60.07 -1.99
C GLU E 142 -26.82 -59.93 -2.35
N VAL E 143 -26.53 -59.35 -3.52
CA VAL E 143 -25.14 -59.15 -3.92
C VAL E 143 -24.43 -58.21 -2.95
N VAL E 144 -25.11 -57.13 -2.54
CA VAL E 144 -24.51 -56.18 -1.61
C VAL E 144 -24.22 -56.85 -0.27
N LYS E 145 -25.17 -57.65 0.22
CA LYS E 145 -24.96 -58.33 1.49
C LYS E 145 -23.80 -59.31 1.41
N THR E 146 -23.72 -60.08 0.33
CA THR E 146 -22.63 -61.04 0.20
C THR E 146 -21.29 -60.32 0.12
N THR E 147 -21.22 -59.21 -0.62
CA THR E 147 -19.99 -58.47 -0.73
C THR E 147 -19.57 -57.89 0.62
N ILE E 148 -20.52 -57.35 1.38
CA ILE E 148 -20.16 -56.79 2.67
C ILE E 148 -19.71 -57.88 3.63
N LYS E 149 -20.31 -59.07 3.55
CA LYS E 149 -19.86 -60.14 4.43
C LYS E 149 -18.47 -60.66 4.05
N ASN E 150 -18.16 -60.74 2.75
CA ASN E 150 -16.88 -61.30 2.32
C ASN E 150 -15.74 -60.29 2.37
N TYR E 151 -16.03 -59.02 2.26
CA TYR E 151 -15.03 -57.95 2.33
C TYR E 151 -15.34 -57.07 3.54
N GLY E 152 -14.67 -55.93 3.62
CA GLY E 152 -15.02 -54.97 4.65
C GLY E 152 -16.09 -54.01 4.17
N VAL E 153 -16.01 -52.75 4.62
CA VAL E 153 -16.86 -51.71 4.08
C VAL E 153 -15.96 -50.63 3.48
N GLY E 154 -14.75 -50.50 4.00
CA GLY E 154 -13.77 -49.57 3.48
C GLY E 154 -12.71 -50.30 2.67
N ALA E 155 -12.01 -49.52 1.84
CA ALA E 155 -10.95 -50.07 1.01
C ALA E 155 -9.59 -49.99 1.68
N CYS E 156 -9.36 -48.98 2.51
CA CYS E 156 -8.13 -48.82 3.30
C CYS E 156 -6.89 -48.78 2.41
N GLY E 157 -6.80 -47.74 1.60
CA GLY E 157 -5.62 -47.51 0.81
C GLY E 157 -5.89 -46.90 -0.55
N PRO E 158 -4.93 -46.17 -1.08
CA PRO E 158 -5.08 -45.59 -2.41
C PRO E 158 -4.76 -46.62 -3.49
N ALA E 159 -5.25 -46.34 -4.70
CA ALA E 159 -5.09 -47.27 -5.81
C ALA E 159 -3.63 -47.52 -6.16
N GLY E 160 -2.73 -46.61 -5.78
CA GLY E 160 -1.34 -46.77 -6.17
C GLY E 160 -0.68 -47.99 -5.55
N PHE E 161 -0.86 -48.19 -4.25
CA PHE E 161 -0.15 -49.28 -3.57
C PHE E 161 -0.98 -50.55 -3.44
N TYR E 162 -2.07 -50.48 -2.69
CA TYR E 162 -2.93 -51.64 -2.44
C TYR E 162 -4.38 -51.20 -2.47
N GLY E 163 -5.28 -52.01 -1.95
CA GLY E 163 -6.67 -51.59 -1.90
C GLY E 163 -7.29 -51.41 -3.27
N ASN E 164 -6.84 -52.20 -4.23
CA ASN E 164 -7.47 -52.28 -5.55
C ASN E 164 -7.77 -53.75 -5.80
N GLN E 165 -8.93 -54.19 -5.31
CA GLN E 165 -9.29 -55.60 -5.31
C GLN E 165 -9.60 -56.06 -6.73
N ASP E 166 -9.98 -57.32 -6.85
CA ASP E 166 -10.38 -57.88 -8.14
C ASP E 166 -11.74 -57.39 -8.60
N VAL E 167 -12.61 -56.99 -7.68
CA VAL E 167 -13.94 -56.50 -8.07
C VAL E 167 -13.82 -55.21 -8.85
N HIS E 168 -12.85 -54.37 -8.51
CA HIS E 168 -12.64 -53.12 -9.26
C HIS E 168 -12.27 -53.42 -10.70
N TYR E 169 -11.35 -54.36 -10.91
CA TYR E 169 -10.97 -54.74 -12.27
C TYR E 169 -12.15 -55.33 -13.02
N THR E 170 -12.93 -56.18 -12.36
CA THR E 170 -14.09 -56.77 -13.01
C THR E 170 -15.09 -55.70 -13.44
N LEU E 171 -15.32 -54.69 -12.59
CA LEU E 171 -16.22 -53.62 -12.97
C LEU E 171 -15.66 -52.82 -14.14
N GLU E 172 -14.35 -52.56 -14.15
CA GLU E 172 -13.77 -51.84 -15.28
C GLU E 172 -13.96 -52.60 -16.58
N TYR E 173 -13.70 -53.91 -16.56
CA TYR E 173 -13.90 -54.71 -17.77
C TYR E 173 -15.36 -54.73 -18.20
N ASP E 174 -16.28 -54.86 -17.25
CA ASP E 174 -17.70 -54.88 -17.59
C ASP E 174 -18.13 -53.55 -18.19
N LEU E 175 -17.68 -52.43 -17.64
CA LEU E 175 -18.03 -51.12 -18.19
C LEU E 175 -17.51 -50.97 -19.60
N ALA E 176 -16.24 -51.32 -19.81
CA ALA E 176 -15.64 -51.17 -21.13
C ALA E 176 -16.36 -52.05 -22.15
N GLN E 177 -16.75 -53.27 -21.76
CA GLN E 177 -17.44 -54.15 -22.68
C GLN E 177 -18.85 -53.65 -22.97
N PHE E 178 -19.55 -53.15 -21.95
CA PHE E 178 -20.93 -52.74 -22.13
C PHE E 178 -21.04 -51.50 -23.00
N PHE E 179 -20.23 -50.49 -22.74
CA PHE E 179 -20.42 -49.24 -23.46
C PHE E 179 -19.71 -49.23 -24.80
N GLY E 180 -18.84 -50.19 -25.06
CA GLY E 180 -18.28 -50.42 -26.38
C GLY E 180 -16.89 -49.86 -26.61
N THR E 181 -16.26 -49.27 -25.59
CA THR E 181 -14.93 -48.72 -25.76
C THR E 181 -13.88 -49.76 -25.41
N GLN E 182 -12.62 -49.34 -25.32
CA GLN E 182 -11.53 -50.25 -24.99
C GLN E 182 -11.33 -50.41 -23.48
N GLY E 183 -11.16 -49.30 -22.77
CA GLY E 183 -10.94 -49.36 -21.34
C GLY E 183 -11.70 -48.26 -20.62
N SER E 184 -11.60 -48.30 -19.28
CA SER E 184 -12.21 -47.28 -18.44
C SER E 184 -11.49 -47.25 -17.11
N VAL E 185 -11.68 -46.15 -16.38
CA VAL E 185 -11.16 -46.01 -15.03
C VAL E 185 -12.29 -45.52 -14.12
N LEU E 186 -12.12 -45.75 -12.82
CA LEU E 186 -13.12 -45.39 -11.83
C LEU E 186 -12.63 -44.25 -10.97
N TYR E 187 -13.55 -43.42 -10.50
CA TYR E 187 -13.23 -42.26 -9.70
C TYR E 187 -14.05 -42.24 -8.42
N GLY E 188 -13.54 -41.54 -7.41
CA GLY E 188 -14.18 -41.55 -6.11
C GLY E 188 -15.56 -40.90 -6.11
N GLN E 189 -15.71 -39.81 -6.84
CA GLN E 189 -17.01 -39.16 -6.96
C GLN E 189 -17.08 -38.43 -8.29
N ASP E 190 -18.30 -38.28 -8.79
CA ASP E 190 -18.48 -37.79 -10.16
C ASP E 190 -18.15 -36.32 -10.28
N PHE E 191 -18.37 -35.54 -9.22
CA PHE E 191 -18.06 -34.11 -9.28
C PHE E 191 -16.58 -33.85 -9.45
N CYS E 192 -15.72 -34.84 -9.16
CA CYS E 192 -14.28 -34.66 -9.26
C CYS E 192 -13.66 -35.39 -10.44
N ALA E 193 -14.48 -35.97 -11.33
CA ALA E 193 -13.93 -36.69 -12.46
C ALA E 193 -13.37 -35.74 -13.51
N ALA E 194 -14.22 -34.87 -14.06
CA ALA E 194 -13.77 -33.96 -15.11
C ALA E 194 -12.68 -33.01 -14.67
N PRO E 195 -12.79 -32.32 -13.52
CA PRO E 195 -11.72 -31.38 -13.12
C PRO E 195 -10.37 -32.03 -12.90
N SER E 196 -10.24 -33.34 -13.02
CA SER E 196 -8.96 -34.02 -12.93
C SER E 196 -8.51 -34.59 -14.26
N VAL E 197 -9.42 -35.16 -15.05
CA VAL E 197 -9.04 -35.70 -16.34
C VAL E 197 -8.73 -34.59 -17.33
N LEU E 198 -9.55 -33.53 -17.36
CA LEU E 198 -9.36 -32.52 -18.39
C LEU E 198 -8.04 -31.77 -18.24
N PRO E 199 -7.66 -31.32 -17.04
CA PRO E 199 -6.32 -30.69 -16.91
C PRO E 199 -5.17 -31.61 -17.21
N ALA E 200 -5.38 -32.94 -17.18
CA ALA E 200 -4.27 -33.86 -17.41
C ALA E 200 -3.86 -33.93 -18.87
N PHE E 201 -4.73 -33.49 -19.78
CA PHE E 201 -4.47 -33.61 -21.22
C PHE E 201 -4.28 -32.26 -21.89
N THR E 202 -4.20 -31.18 -21.11
CA THR E 202 -4.02 -29.85 -21.68
C THR E 202 -3.07 -29.06 -20.81
N LYS E 203 -2.52 -28.00 -21.38
CA LYS E 203 -1.67 -27.06 -20.66
C LYS E 203 -1.60 -25.78 -21.47
N ARG E 204 -0.69 -24.89 -21.06
CA ARG E 204 -0.53 -23.62 -21.77
C ARG E 204 -0.04 -23.87 -23.19
N GLY E 205 -0.75 -23.29 -24.16
CA GLY E 205 -0.48 -23.51 -25.57
C GLY E 205 -1.53 -24.34 -26.28
N ASP E 206 -2.46 -24.95 -25.55
CA ASP E 206 -3.51 -25.75 -26.15
C ASP E 206 -4.79 -24.93 -26.29
N VAL E 207 -5.72 -25.42 -27.09
CA VAL E 207 -6.94 -24.68 -27.44
C VAL E 207 -8.14 -25.55 -27.08
N ILE E 208 -9.12 -24.95 -26.41
CA ILE E 208 -10.37 -25.61 -26.07
C ILE E 208 -11.52 -24.75 -26.57
N VAL E 209 -12.48 -25.37 -27.24
CA VAL E 209 -13.69 -24.71 -27.71
C VAL E 209 -14.84 -25.32 -26.92
N ALA E 210 -15.49 -24.51 -26.08
CA ALA E 210 -16.49 -25.00 -25.16
C ALA E 210 -17.85 -24.41 -25.50
N ASP E 211 -18.90 -25.15 -25.14
CA ASP E 211 -20.25 -24.70 -25.37
C ASP E 211 -20.55 -23.46 -24.53
N ASP E 212 -21.68 -22.82 -24.82
CA ASP E 212 -21.99 -21.54 -24.18
C ASP E 212 -22.47 -21.71 -22.75
N GLN E 213 -23.22 -22.76 -22.46
CA GLN E 213 -23.78 -22.98 -21.12
C GLN E 213 -23.49 -24.41 -20.68
N VAL E 214 -22.34 -24.59 -20.02
CA VAL E 214 -21.98 -25.88 -19.45
C VAL E 214 -22.09 -25.78 -17.93
N SER E 215 -22.17 -26.93 -17.26
CA SER E 215 -22.41 -26.96 -15.82
C SER E 215 -21.16 -26.51 -15.07
N LEU E 216 -21.19 -26.62 -13.75
CA LEU E 216 -20.10 -26.12 -12.92
C LEU E 216 -18.85 -27.00 -12.92
N PRO E 217 -18.97 -28.34 -12.88
CA PRO E 217 -17.74 -29.15 -12.95
C PRO E 217 -16.92 -28.87 -14.18
N VAL E 218 -17.57 -28.70 -15.33
CA VAL E 218 -16.84 -28.41 -16.56
C VAL E 218 -16.21 -27.02 -16.50
N GLN E 219 -16.91 -26.06 -15.89
CA GLN E 219 -16.31 -24.73 -15.72
C GLN E 219 -15.07 -24.80 -14.87
N ASN E 220 -15.10 -25.59 -13.80
CA ASN E 220 -13.91 -25.76 -12.96
C ASN E 220 -12.78 -26.41 -13.74
N ALA E 221 -13.10 -27.41 -14.57
CA ALA E 221 -12.08 -28.05 -15.38
C ALA E 221 -11.44 -27.05 -16.34
N LEU E 222 -12.25 -26.26 -17.02
CA LEU E 222 -11.72 -25.27 -17.96
C LEU E 222 -10.89 -24.22 -17.24
N GLN E 223 -11.34 -23.78 -16.07
CA GLN E 223 -10.60 -22.77 -15.31
C GLN E 223 -9.27 -23.31 -14.80
N LEU E 224 -9.22 -24.60 -14.50
CA LEU E 224 -8.04 -25.18 -13.87
C LEU E 224 -7.09 -25.81 -14.87
N SER E 225 -7.49 -25.95 -16.14
CA SER E 225 -6.62 -26.58 -17.14
C SER E 225 -5.51 -25.66 -17.59
N ARG E 226 -5.71 -24.34 -17.51
CA ARG E 226 -4.70 -23.34 -17.88
C ARG E 226 -4.34 -23.42 -19.36
N SER E 227 -5.36 -23.30 -20.21
CA SER E 227 -5.19 -23.18 -21.65
C SER E 227 -6.15 -22.11 -22.16
N THR E 228 -6.18 -21.93 -23.47
CA THR E 228 -7.03 -20.90 -24.08
C THR E 228 -8.42 -21.46 -24.34
N VAL E 229 -9.45 -20.70 -23.95
CA VAL E 229 -10.83 -21.17 -24.00
C VAL E 229 -11.65 -20.19 -24.82
N TYR E 230 -12.45 -20.70 -25.74
CA TYR E 230 -13.39 -19.94 -26.53
C TYR E 230 -14.78 -20.55 -26.41
N TYR E 231 -15.81 -19.71 -26.54
CA TYR E 231 -17.19 -20.15 -26.34
C TYR E 231 -18.00 -19.92 -27.61
N PHE E 232 -18.58 -20.99 -28.15
CA PHE E 232 -19.56 -20.83 -29.22
C PHE E 232 -20.95 -20.70 -28.60
N ASN E 233 -22.00 -20.85 -29.40
CA ASN E 233 -23.29 -20.24 -29.05
C ASN E 233 -24.39 -21.28 -28.87
N HIS E 234 -24.11 -22.34 -28.11
CA HIS E 234 -25.17 -23.23 -27.63
C HIS E 234 -25.97 -23.89 -28.76
N ASN E 235 -25.33 -24.83 -29.47
CA ASN E 235 -25.98 -25.63 -30.51
C ASN E 235 -26.17 -24.84 -31.79
N ASP E 236 -25.52 -23.70 -31.89
CA ASP E 236 -25.46 -22.90 -33.12
C ASP E 236 -24.24 -23.40 -33.88
N MET E 237 -24.45 -24.42 -34.72
CA MET E 237 -23.36 -25.01 -35.49
C MET E 237 -22.61 -23.99 -36.32
N ASN E 238 -23.31 -22.94 -36.75
CA ASN E 238 -22.68 -21.92 -37.58
C ASN E 238 -21.58 -21.20 -36.82
N SER E 239 -21.84 -20.83 -35.57
CA SER E 239 -20.82 -20.16 -34.76
C SER E 239 -19.63 -21.06 -34.54
N LEU E 240 -19.88 -22.35 -34.27
CA LEU E 240 -18.80 -23.30 -34.09
C LEU E 240 -17.96 -23.43 -35.36
N GLU E 241 -18.62 -23.49 -36.52
CA GLU E 241 -17.90 -23.63 -37.77
C GLU E 241 -17.04 -22.40 -38.05
N CYS E 242 -17.58 -21.21 -37.82
CA CYS E 242 -16.81 -19.99 -38.04
C CYS E 242 -15.60 -19.94 -37.11
N LEU E 243 -15.81 -20.30 -35.84
CA LEU E 243 -14.70 -20.29 -34.89
C LEU E 243 -13.62 -21.29 -35.29
N LEU E 244 -14.04 -22.50 -35.69
CA LEU E 244 -13.07 -23.50 -36.11
C LEU E 244 -12.28 -23.05 -37.34
N ASN E 245 -13.00 -22.46 -38.28
CA ASN E 245 -12.40 -21.97 -39.50
C ASN E 245 -11.32 -20.95 -39.17
N GLU E 246 -11.69 -19.94 -38.40
CA GLU E 246 -10.77 -18.87 -38.03
C GLU E 246 -9.55 -19.42 -37.30
N LEU E 247 -9.78 -20.34 -36.35
CA LEU E 247 -8.67 -20.89 -35.60
C LEU E 247 -7.71 -21.66 -36.49
N THR E 248 -8.24 -22.47 -37.41
CA THR E 248 -7.36 -23.27 -38.26
C THR E 248 -6.59 -22.40 -39.26
N GLU E 249 -7.21 -21.34 -39.76
CA GLU E 249 -6.52 -20.46 -40.67
C GLU E 249 -5.38 -19.80 -39.92
N GLN E 250 -5.67 -19.25 -38.74
CA GLN E 250 -4.64 -18.61 -37.94
C GLN E 250 -3.50 -19.58 -37.64
N GLU E 251 -3.84 -20.83 -37.38
CA GLU E 251 -2.86 -21.86 -37.12
C GLU E 251 -1.93 -22.01 -38.31
N LYS E 252 -2.53 -22.11 -39.49
CA LYS E 252 -1.77 -22.26 -40.72
C LYS E 252 -0.83 -21.09 -40.89
N LEU E 253 -1.34 -19.87 -40.70
CA LEU E 253 -0.52 -18.68 -40.86
C LEU E 253 0.65 -18.66 -39.88
N GLU E 254 0.45 -19.14 -38.67
CA GLU E 254 1.51 -19.10 -37.66
C GLU E 254 2.70 -19.99 -38.00
N LYS E 255 2.47 -21.19 -38.55
CA LYS E 255 3.50 -22.18 -38.83
C LYS E 255 4.24 -22.58 -37.55
N LEU E 256 3.49 -23.20 -36.64
CA LEU E 256 4.09 -23.74 -35.44
C LEU E 256 4.89 -25.02 -35.76
N PRO E 257 5.97 -25.26 -35.03
CA PRO E 257 6.73 -26.50 -35.25
C PRO E 257 5.90 -27.74 -35.00
N ALA E 258 5.36 -27.87 -33.78
CA ALA E 258 4.54 -29.00 -33.40
C ALA E 258 3.13 -28.51 -33.08
N ILE E 259 2.13 -29.14 -33.68
CA ILE E 259 0.74 -28.71 -33.52
C ILE E 259 0.27 -29.01 -32.10
N PRO E 260 -0.62 -28.19 -31.54
CA PRO E 260 -1.08 -28.42 -30.17
C PRO E 260 -2.28 -29.34 -30.09
N ARG E 261 -2.72 -29.66 -28.88
CA ARG E 261 -3.91 -30.48 -28.68
C ARG E 261 -5.16 -29.61 -28.67
N LYS E 262 -6.21 -30.07 -29.34
CA LYS E 262 -7.41 -29.29 -29.52
C LYS E 262 -8.62 -30.13 -29.16
N PHE E 263 -9.53 -29.57 -28.35
CA PHE E 263 -10.69 -30.27 -27.85
C PHE E 263 -11.95 -29.46 -28.07
N ILE E 264 -13.06 -30.16 -28.23
CA ILE E 264 -14.40 -29.58 -28.23
C ILE E 264 -15.14 -30.12 -27.03
N VAL E 265 -15.67 -29.24 -26.20
CA VAL E 265 -16.31 -29.62 -24.94
C VAL E 265 -17.79 -29.30 -25.02
N THR E 266 -18.63 -30.31 -24.78
CA THR E 266 -20.07 -30.14 -24.79
C THR E 266 -20.67 -31.11 -23.79
N GLU E 267 -21.99 -31.28 -23.84
CA GLU E 267 -22.68 -32.18 -22.93
C GLU E 267 -23.75 -32.94 -23.70
N GLY E 268 -24.03 -34.16 -23.25
CA GLY E 268 -25.04 -34.98 -23.89
C GLY E 268 -26.44 -34.43 -23.67
N ILE E 269 -26.87 -34.39 -22.41
CA ILE E 269 -28.07 -33.69 -22.00
C ILE E 269 -27.65 -32.68 -20.94
N PHE E 270 -27.96 -31.41 -21.17
CA PHE E 270 -27.44 -30.36 -20.31
C PHE E 270 -28.10 -30.39 -18.94
N HIS E 271 -27.33 -29.96 -17.93
CA HIS E 271 -27.82 -30.03 -16.56
C HIS E 271 -28.84 -28.93 -16.29
N ASN E 272 -28.49 -27.69 -16.59
CA ASN E 272 -29.39 -26.56 -16.34
C ASN E 272 -30.49 -26.50 -17.38
N SER E 273 -30.11 -26.38 -18.65
CA SER E 273 -31.06 -26.28 -19.75
C SER E 273 -31.95 -27.51 -19.84
N GLY E 274 -31.34 -28.66 -20.13
CA GLY E 274 -32.08 -29.89 -20.27
C GLY E 274 -32.33 -30.36 -21.69
N ASP E 275 -31.61 -29.82 -22.67
CA ASP E 275 -31.86 -30.12 -24.07
C ASP E 275 -30.72 -30.95 -24.66
N LEU E 276 -31.09 -31.84 -25.56
CA LEU E 276 -30.14 -32.73 -26.22
C LEU E 276 -29.23 -31.95 -27.17
N ALA E 277 -27.99 -32.49 -27.39
CA ALA E 277 -27.02 -31.83 -28.25
C ALA E 277 -26.86 -32.58 -29.57
N PRO E 278 -26.68 -31.84 -30.69
CA PRO E 278 -26.58 -32.49 -32.00
C PRO E 278 -25.23 -33.17 -32.19
N LEU E 279 -25.24 -34.49 -32.21
CA LEU E 279 -24.01 -35.28 -32.33
C LEU E 279 -23.48 -35.37 -33.76
N PRO E 280 -24.30 -35.72 -34.78
CA PRO E 280 -23.74 -35.96 -36.12
C PRO E 280 -22.97 -34.77 -36.67
N GLU E 281 -23.53 -33.57 -36.49
CA GLU E 281 -22.85 -32.36 -36.93
C GLU E 281 -21.53 -32.19 -36.19
N LEU E 282 -21.53 -32.46 -34.88
CA LEU E 282 -20.32 -32.28 -34.09
C LEU E 282 -19.21 -33.22 -34.56
N THR E 283 -19.54 -34.50 -34.76
CA THR E 283 -18.51 -35.43 -35.19
C THR E 283 -18.04 -35.12 -36.61
N LYS E 284 -18.96 -34.71 -37.49
CA LYS E 284 -18.58 -34.32 -38.84
C LYS E 284 -17.60 -33.15 -38.81
N LEU E 285 -17.92 -32.10 -38.06
CA LEU E 285 -17.05 -30.93 -37.99
C LEU E 285 -15.71 -31.25 -37.36
N LYS E 286 -15.68 -32.05 -36.30
CA LYS E 286 -14.40 -32.33 -35.66
C LYS E 286 -13.54 -33.26 -36.52
N ASN E 287 -14.16 -34.13 -37.31
CA ASN E 287 -13.41 -34.89 -38.29
C ASN E 287 -12.82 -33.97 -39.36
N LYS E 288 -13.62 -33.02 -39.84
CA LYS E 288 -13.15 -32.14 -40.91
C LYS E 288 -12.01 -31.25 -40.44
N TYR E 289 -12.11 -30.72 -39.22
CA TYR E 289 -11.13 -29.73 -38.74
C TYR E 289 -10.06 -30.32 -37.84
N LYS E 290 -10.02 -31.64 -37.67
CA LYS E 290 -9.01 -32.32 -36.86
C LYS E 290 -9.04 -31.85 -35.40
N PHE E 291 -10.19 -32.04 -34.76
CA PHE E 291 -10.39 -31.74 -33.36
C PHE E 291 -10.79 -33.01 -32.62
N ARG E 292 -10.66 -32.98 -31.30
CA ARG E 292 -11.16 -34.05 -30.45
C ARG E 292 -12.44 -33.62 -29.74
N LEU E 293 -13.29 -34.60 -29.45
CA LEU E 293 -14.61 -34.36 -28.90
C LEU E 293 -14.68 -34.89 -27.47
N PHE E 294 -15.05 -34.01 -26.54
CA PHE E 294 -15.22 -34.35 -25.14
C PHE E 294 -16.70 -34.17 -24.80
N VAL E 295 -17.33 -35.21 -24.28
CA VAL E 295 -18.76 -35.19 -23.97
C VAL E 295 -18.96 -35.59 -22.52
N ASP E 296 -19.59 -34.70 -21.75
CA ASP E 296 -19.93 -34.96 -20.36
C ASP E 296 -21.40 -35.37 -20.29
N GLU E 297 -21.66 -36.67 -20.39
CA GLU E 297 -23.03 -37.16 -20.40
C GLU E 297 -23.31 -37.87 -19.07
N THR E 298 -23.71 -37.07 -18.08
CA THR E 298 -24.09 -37.58 -16.77
C THR E 298 -25.55 -37.98 -16.72
N PHE E 299 -26.43 -37.20 -17.35
CA PHE E 299 -27.87 -37.37 -17.25
C PHE E 299 -28.46 -38.17 -18.41
N SER E 300 -27.62 -38.67 -19.32
CA SER E 300 -28.12 -39.39 -20.49
C SER E 300 -27.83 -40.88 -20.47
N ILE E 301 -26.72 -41.31 -19.88
CA ILE E 301 -26.41 -42.73 -19.83
C ILE E 301 -27.47 -43.45 -19.00
N GLY E 302 -28.07 -44.48 -19.58
CA GLY E 302 -29.18 -45.16 -18.97
C GLY E 302 -30.53 -44.58 -19.27
N VAL E 303 -30.60 -43.46 -20.01
CA VAL E 303 -31.86 -42.79 -20.29
C VAL E 303 -32.09 -42.75 -21.79
N LEU E 304 -31.01 -42.73 -22.57
CA LEU E 304 -31.08 -42.55 -24.01
C LEU E 304 -30.67 -43.85 -24.70
N GLY E 305 -31.51 -44.30 -25.64
CA GLY E 305 -31.23 -45.49 -26.40
C GLY E 305 -32.30 -46.56 -26.18
N ALA E 306 -32.35 -47.50 -27.12
CA ALA E 306 -33.29 -48.62 -26.99
C ALA E 306 -32.91 -49.51 -25.82
N THR E 307 -31.63 -49.53 -25.45
CA THR E 307 -31.15 -50.27 -24.29
C THR E 307 -30.42 -49.38 -23.30
N GLY E 308 -30.51 -48.06 -23.47
CA GLY E 308 -29.91 -47.13 -22.52
C GLY E 308 -28.40 -47.15 -22.47
N ARG E 309 -27.75 -47.18 -23.63
CA ARG E 309 -26.30 -47.13 -23.71
C ARG E 309 -25.77 -45.72 -23.99
N GLY E 310 -26.65 -44.73 -24.07
CA GLY E 310 -26.20 -43.36 -24.15
C GLY E 310 -26.61 -42.58 -25.38
N LEU E 311 -25.82 -41.55 -25.71
CA LEU E 311 -26.12 -40.68 -26.85
C LEU E 311 -25.82 -41.37 -28.17
N SER E 312 -24.72 -42.11 -28.24
CA SER E 312 -24.32 -42.76 -29.48
C SER E 312 -25.38 -43.75 -29.94
N GLU E 313 -25.91 -44.54 -29.01
CA GLU E 313 -26.98 -45.47 -29.37
C GLU E 313 -28.24 -44.73 -29.80
N HIS E 314 -28.49 -43.56 -29.20
CA HIS E 314 -29.65 -42.77 -29.58
C HIS E 314 -29.53 -42.29 -31.01
N PHE E 315 -28.33 -41.91 -31.43
CA PHE E 315 -28.11 -41.46 -32.80
C PHE E 315 -27.55 -42.55 -33.70
N ASN E 316 -27.53 -43.80 -33.24
CA ASN E 316 -27.11 -44.95 -34.04
C ASN E 316 -25.69 -44.78 -34.60
N MET E 317 -24.69 -44.72 -33.71
CA MET E 317 -23.30 -44.59 -34.14
C MET E 317 -22.38 -45.54 -33.39
N ASP E 318 -21.08 -45.35 -33.56
CA ASP E 318 -20.07 -46.13 -32.84
C ASP E 318 -19.36 -45.21 -31.86
N ARG E 319 -19.48 -45.50 -30.57
CA ARG E 319 -18.88 -44.63 -29.58
C ARG E 319 -17.37 -44.55 -29.72
N ALA E 320 -16.74 -45.62 -30.21
CA ALA E 320 -15.28 -45.63 -30.34
C ALA E 320 -14.77 -44.63 -31.37
N THR E 321 -15.57 -44.30 -32.39
CA THR E 321 -15.13 -43.40 -33.45
C THR E 321 -15.85 -42.06 -33.46
N ALA E 322 -16.88 -41.88 -32.63
CA ALA E 322 -17.62 -40.62 -32.55
C ALA E 322 -17.17 -39.73 -31.41
N ILE E 323 -16.81 -40.31 -30.26
CA ILE E 323 -16.45 -39.56 -29.06
C ILE E 323 -15.10 -40.06 -28.56
N ASP E 324 -14.24 -39.13 -28.15
CA ASP E 324 -12.92 -39.51 -27.66
C ASP E 324 -12.87 -39.69 -26.14
N ILE E 325 -13.47 -38.77 -25.39
CA ILE E 325 -13.54 -38.85 -23.94
C ILE E 325 -14.99 -38.77 -23.50
N THR E 326 -15.40 -39.69 -22.63
CA THR E 326 -16.74 -39.69 -22.08
C THR E 326 -16.66 -39.73 -20.56
N VAL E 327 -17.34 -38.80 -19.90
CA VAL E 327 -17.37 -38.74 -18.45
C VAL E 327 -18.79 -39.08 -17.99
N GLY E 328 -18.91 -40.12 -17.20
CA GLY E 328 -20.22 -40.56 -16.75
C GLY E 328 -20.41 -40.42 -15.25
N SER E 329 -21.48 -40.99 -14.73
CA SER E 329 -21.75 -40.94 -13.31
C SER E 329 -22.54 -42.17 -12.90
N MET E 330 -22.08 -42.85 -11.87
CA MET E 330 -22.70 -44.07 -11.38
C MET E 330 -23.79 -43.81 -10.36
N ALA E 331 -24.20 -42.56 -10.19
CA ALA E 331 -25.05 -42.17 -9.07
C ALA E 331 -26.42 -41.62 -9.48
N THR E 332 -26.74 -41.58 -10.78
CA THR E 332 -28.03 -41.09 -11.20
C THR E 332 -28.90 -42.21 -11.78
N ALA E 333 -28.45 -42.88 -12.83
CA ALA E 333 -29.26 -43.92 -13.43
C ALA E 333 -28.90 -45.32 -12.95
N LEU E 334 -27.71 -45.50 -12.38
CA LEU E 334 -27.24 -46.80 -11.94
C LEU E 334 -27.42 -47.03 -10.44
N GLY E 335 -27.84 -46.01 -9.69
CA GLY E 335 -28.18 -46.19 -8.29
C GLY E 335 -27.03 -46.62 -7.40
N SER E 336 -25.89 -45.97 -7.52
CA SER E 336 -24.71 -46.28 -6.71
C SER E 336 -23.93 -44.99 -6.54
N THR E 337 -22.64 -45.08 -6.21
CA THR E 337 -21.80 -43.91 -6.06
C THR E 337 -20.52 -44.05 -6.86
N GLY E 338 -20.05 -42.94 -7.43
CA GLY E 338 -18.79 -42.86 -8.12
C GLY E 338 -18.96 -42.36 -9.53
N GLY E 339 -17.85 -42.31 -10.27
CA GLY E 339 -17.86 -41.88 -11.65
C GLY E 339 -16.93 -42.75 -12.45
N PHE E 340 -16.84 -42.48 -13.75
CA PHE E 340 -15.95 -43.23 -14.62
C PHE E 340 -15.65 -42.42 -15.87
N VAL E 341 -14.64 -42.86 -16.61
CA VAL E 341 -14.21 -42.24 -17.86
C VAL E 341 -13.97 -43.32 -18.88
N LEU E 342 -14.55 -43.18 -20.07
CA LEU E 342 -14.45 -44.18 -21.12
C LEU E 342 -13.56 -43.67 -22.25
N GLY E 343 -12.75 -44.57 -22.81
CA GLY E 343 -11.90 -44.23 -23.94
C GLY E 343 -11.08 -45.40 -24.42
N ASP E 344 -9.84 -45.15 -24.83
CA ASP E 344 -8.95 -46.17 -25.36
C ASP E 344 -7.80 -46.43 -24.37
N SER E 345 -6.92 -47.35 -24.76
CA SER E 345 -5.93 -47.87 -23.82
C SER E 345 -4.90 -46.82 -23.43
N VAL E 346 -4.43 -46.02 -24.40
CA VAL E 346 -3.40 -45.03 -24.13
C VAL E 346 -3.91 -44.00 -23.13
N MET E 347 -5.13 -43.51 -23.35
CA MET E 347 -5.71 -42.53 -22.46
C MET E 347 -5.86 -43.08 -21.05
N CYS E 348 -6.35 -44.31 -20.93
CA CYS E 348 -6.56 -44.90 -19.60
C CYS E 348 -5.25 -45.08 -18.86
N LEU E 349 -4.21 -45.57 -19.54
CA LEU E 349 -2.91 -45.74 -18.90
C LEU E 349 -2.36 -44.40 -18.44
N HIS E 350 -2.47 -43.36 -19.27
CA HIS E 350 -1.98 -42.06 -18.87
C HIS E 350 -2.77 -41.51 -17.69
N GLN E 351 -4.08 -41.78 -17.65
CA GLN E 351 -4.88 -41.32 -16.52
C GLN E 351 -4.44 -41.99 -15.23
N ARG E 352 -4.21 -43.31 -15.27
CA ARG E 352 -3.71 -43.98 -14.09
C ARG E 352 -2.36 -43.44 -13.65
N ILE E 353 -1.51 -43.07 -14.59
CA ILE E 353 -0.20 -42.52 -14.24
C ILE E 353 -0.31 -41.13 -13.61
N GLY E 354 -1.08 -40.23 -14.21
CA GLY E 354 -0.97 -38.83 -13.84
C GLY E 354 -2.24 -38.02 -13.64
N SER E 355 -3.29 -38.62 -13.10
CA SER E 355 -4.51 -37.88 -12.75
C SER E 355 -4.58 -37.75 -11.24
N ASN E 356 -4.72 -36.52 -10.74
CA ASN E 356 -4.53 -36.25 -9.31
C ASN E 356 -5.57 -36.97 -8.46
N ALA E 357 -6.85 -36.78 -8.79
CA ALA E 357 -7.92 -37.34 -7.97
C ALA E 357 -7.94 -38.86 -8.00
N TYR E 358 -7.24 -39.47 -8.97
CA TYR E 358 -7.16 -40.93 -9.00
C TYR E 358 -6.05 -41.45 -8.11
N CYS E 359 -4.84 -40.91 -8.26
CA CYS E 359 -3.68 -41.46 -7.58
C CYS E 359 -3.47 -40.89 -6.19
N PHE E 360 -4.23 -39.88 -5.77
CA PHE E 360 -4.06 -39.32 -4.43
C PHE E 360 -5.32 -39.47 -3.58
N SER E 361 -6.16 -40.45 -3.87
CA SER E 361 -7.39 -40.66 -3.11
C SER E 361 -7.66 -42.15 -3.01
N ALA E 362 -8.45 -42.51 -2.00
CA ALA E 362 -8.71 -43.92 -1.72
C ALA E 362 -9.67 -44.51 -2.75
N CYS E 363 -9.55 -45.82 -2.97
CA CYS E 363 -10.49 -46.53 -3.83
C CYS E 363 -11.85 -46.62 -3.16
N LEU E 364 -12.85 -46.63 -3.97
CA LEU E 364 -14.23 -46.69 -3.50
C LEU E 364 -14.61 -48.12 -3.09
N PRO E 365 -15.54 -48.26 -2.15
CA PRO E 365 -15.79 -49.56 -1.52
C PRO E 365 -16.24 -50.63 -2.50
N ALA E 366 -16.25 -51.87 -2.01
CA ALA E 366 -16.50 -53.02 -2.88
C ALA E 366 -17.97 -53.20 -3.21
N TYR E 367 -18.87 -52.94 -2.25
CA TYR E 367 -20.28 -53.21 -2.50
C TYR E 367 -20.81 -52.34 -3.62
N THR E 368 -20.30 -51.11 -3.76
CA THR E 368 -20.73 -50.24 -4.85
C THR E 368 -20.40 -50.87 -6.20
N VAL E 369 -19.17 -51.33 -6.38
CA VAL E 369 -18.77 -51.84 -7.69
C VAL E 369 -19.48 -53.15 -8.00
N THR E 370 -19.66 -54.02 -6.99
CA THR E 370 -20.40 -55.26 -7.25
C THR E 370 -21.85 -54.98 -7.62
N SER E 371 -22.49 -54.03 -6.93
CA SER E 371 -23.86 -53.68 -7.27
C SER E 371 -23.95 -53.10 -8.67
N VAL E 372 -22.99 -52.27 -9.07
CA VAL E 372 -23.02 -51.71 -10.42
C VAL E 372 -22.86 -52.80 -11.46
N SER E 373 -21.99 -53.79 -11.20
CA SER E 373 -21.85 -54.90 -12.14
C SER E 373 -23.16 -55.66 -12.29
N LYS E 374 -23.83 -55.96 -11.17
CA LYS E 374 -25.10 -56.66 -11.25
C LYS E 374 -26.13 -55.85 -12.01
N VAL E 375 -26.16 -54.53 -11.78
CA VAL E 375 -27.11 -53.67 -12.48
C VAL E 375 -26.82 -53.68 -13.98
N LEU E 376 -25.53 -53.65 -14.36
CA LEU E 376 -25.20 -53.67 -15.78
C LEU E 376 -25.69 -54.95 -16.43
N LYS E 377 -25.51 -56.10 -15.77
CA LYS E 377 -26.04 -57.34 -16.35
C LYS E 377 -27.56 -57.30 -16.45
N LEU E 378 -28.23 -56.79 -15.40
CA LEU E 378 -29.68 -56.76 -15.40
C LEU E 378 -30.22 -55.85 -16.50
N MET E 379 -29.49 -54.79 -16.84
CA MET E 379 -29.88 -53.99 -17.99
C MET E 379 -29.53 -54.67 -19.30
N ASP E 380 -28.46 -55.47 -19.32
CA ASP E 380 -28.10 -56.18 -20.52
C ASP E 380 -29.13 -57.23 -20.89
N SER E 381 -29.86 -57.74 -19.92
CA SER E 381 -30.86 -58.78 -20.18
C SER E 381 -32.00 -58.22 -21.02
N ASN E 382 -32.92 -57.53 -20.36
CA ASN E 382 -34.08 -56.95 -21.03
C ASN E 382 -34.20 -55.48 -20.67
N ASN E 383 -34.56 -54.66 -21.65
CA ASN E 383 -34.72 -53.23 -21.41
C ASN E 383 -35.87 -52.97 -20.44
N ASP E 384 -37.10 -53.17 -20.89
CA ASP E 384 -38.25 -52.96 -20.03
C ASP E 384 -38.15 -51.64 -19.25
N ALA E 385 -37.19 -51.57 -18.34
CA ALA E 385 -37.00 -50.38 -17.52
C ALA E 385 -36.85 -49.13 -18.39
N VAL E 386 -35.86 -49.16 -19.28
CA VAL E 386 -35.61 -48.03 -20.17
C VAL E 386 -36.83 -47.71 -21.02
N GLN E 387 -37.48 -48.74 -21.55
CA GLN E 387 -38.67 -48.55 -22.36
C GLN E 387 -39.72 -47.76 -21.60
N THR E 388 -39.98 -48.16 -20.36
CA THR E 388 -40.95 -47.47 -19.52
C THR E 388 -40.53 -46.03 -19.24
N LEU E 389 -39.26 -45.85 -18.89
CA LEU E 389 -38.75 -44.52 -18.58
C LEU E 389 -39.02 -43.51 -19.70
N GLN E 390 -38.87 -44.01 -20.93
CA GLN E 390 -39.09 -43.21 -22.13
C GLN E 390 -40.54 -42.82 -22.25
N LYS E 391 -41.44 -43.78 -22.10
CA LYS E 391 -42.87 -43.49 -22.21
C LYS E 391 -43.30 -42.45 -21.17
N LEU E 392 -42.86 -42.61 -19.93
CA LEU E 392 -43.26 -41.68 -18.87
C LEU E 392 -42.74 -40.27 -19.15
N SER E 393 -41.49 -40.17 -19.58
CA SER E 393 -40.91 -38.85 -19.85
C SER E 393 -41.61 -38.18 -21.02
N LYS E 394 -41.93 -38.96 -22.06
CA LYS E 394 -42.69 -38.43 -23.18
C LYS E 394 -44.04 -37.88 -22.73
N SER E 395 -44.75 -38.65 -21.91
CA SER E 395 -46.05 -38.21 -21.43
C SER E 395 -45.93 -36.93 -20.61
N LEU E 396 -44.91 -36.86 -19.75
CA LEU E 396 -44.70 -35.68 -18.92
C LEU E 396 -44.45 -34.43 -19.77
N HIS E 397 -43.52 -34.54 -20.72
CA HIS E 397 -43.18 -33.38 -21.54
C HIS E 397 -44.34 -32.96 -22.42
N ASP E 398 -45.09 -33.93 -22.95
CA ASP E 398 -46.26 -33.60 -23.75
C ASP E 398 -47.33 -32.91 -22.92
N SER E 399 -47.54 -33.38 -21.68
CA SER E 399 -48.55 -32.77 -20.83
C SER E 399 -48.18 -31.35 -20.43
N PHE E 400 -46.91 -31.08 -20.18
CA PHE E 400 -46.53 -29.72 -19.83
C PHE E 400 -46.20 -28.83 -21.03
N ALA E 401 -46.16 -29.39 -22.25
CA ALA E 401 -45.84 -28.61 -23.43
C ALA E 401 -47.05 -28.13 -24.19
N SER E 402 -48.08 -28.96 -24.34
CA SER E 402 -49.32 -28.58 -25.00
C SER E 402 -50.35 -28.10 -23.98
N ASP E 403 -50.09 -26.90 -23.46
CA ASP E 403 -51.00 -26.27 -22.50
C ASP E 403 -51.22 -24.82 -22.90
N ASP E 404 -52.47 -24.49 -23.25
CA ASP E 404 -52.78 -23.11 -23.63
C ASP E 404 -52.71 -22.18 -22.43
N SER E 405 -53.15 -22.65 -21.27
CA SER E 405 -53.19 -21.83 -20.06
C SER E 405 -51.79 -21.39 -19.66
N LEU E 406 -50.91 -22.35 -19.37
CA LEU E 406 -49.56 -22.05 -18.92
C LEU E 406 -48.67 -21.75 -20.13
N ARG E 407 -49.03 -20.68 -20.84
CA ARG E 407 -48.23 -20.27 -21.98
C ARG E 407 -47.88 -18.79 -21.90
N SER E 408 -48.26 -18.10 -20.82
CA SER E 408 -47.87 -16.71 -20.62
C SER E 408 -46.87 -16.52 -19.49
N TYR E 409 -46.70 -17.49 -18.61
CA TYR E 409 -45.81 -17.36 -17.47
C TYR E 409 -44.63 -18.33 -17.51
N VAL E 410 -44.84 -19.57 -17.94
CA VAL E 410 -43.78 -20.57 -17.90
C VAL E 410 -43.51 -21.10 -19.30
N ILE E 411 -42.25 -21.47 -19.53
CA ILE E 411 -41.80 -22.06 -20.78
C ILE E 411 -40.96 -23.29 -20.49
N VAL E 412 -41.19 -24.34 -21.26
CA VAL E 412 -40.51 -25.61 -21.08
C VAL E 412 -39.21 -25.58 -21.88
N THR E 413 -38.10 -25.91 -21.22
CA THR E 413 -36.79 -25.90 -21.86
C THR E 413 -36.29 -27.30 -22.22
N SER E 414 -36.72 -28.32 -21.49
CA SER E 414 -36.22 -29.67 -21.74
C SER E 414 -36.74 -30.22 -23.06
N SER E 415 -35.97 -31.13 -23.63
CA SER E 415 -36.36 -31.88 -24.81
C SER E 415 -37.20 -33.09 -24.42
N PRO E 416 -37.96 -33.66 -25.36
CA PRO E 416 -38.85 -34.78 -25.01
C PRO E 416 -38.13 -36.00 -24.47
N VAL E 417 -36.86 -36.22 -24.82
CA VAL E 417 -36.17 -37.43 -24.39
C VAL E 417 -35.58 -37.31 -22.99
N SER E 418 -35.46 -36.10 -22.45
CA SER E 418 -34.93 -35.93 -21.10
C SER E 418 -35.91 -36.46 -20.08
N ALA E 419 -35.38 -37.00 -18.98
CA ALA E 419 -36.19 -37.48 -17.87
C ALA E 419 -36.43 -36.41 -16.83
N VAL E 420 -35.88 -35.22 -17.01
CA VAL E 420 -36.09 -34.09 -16.10
C VAL E 420 -36.70 -32.96 -16.90
N LEU E 421 -37.80 -32.41 -16.40
CA LEU E 421 -38.51 -31.33 -17.07
C LEU E 421 -38.18 -30.02 -16.38
N HIS E 422 -37.83 -29.01 -17.17
CA HIS E 422 -37.43 -27.71 -16.66
C HIS E 422 -38.42 -26.64 -17.07
N LEU E 423 -38.53 -25.61 -16.23
CA LEU E 423 -39.45 -24.51 -16.46
C LEU E 423 -38.78 -23.20 -16.10
N GLN E 424 -39.12 -22.15 -16.84
CA GLN E 424 -38.58 -20.81 -16.59
C GLN E 424 -39.74 -19.82 -16.62
N LEU E 425 -39.44 -18.53 -16.46
CA LEU E 425 -40.48 -17.54 -16.20
C LEU E 425 -40.64 -16.51 -17.31
N THR E 426 -40.45 -16.90 -18.57
CA THR E 426 -40.94 -16.10 -19.70
C THR E 426 -40.50 -14.65 -19.61
N PRO E 427 -39.26 -14.33 -20.00
CA PRO E 427 -38.61 -13.08 -19.57
C PRO E 427 -39.47 -11.83 -19.51
N ALA E 428 -40.54 -11.78 -20.32
CA ALA E 428 -41.49 -10.68 -20.20
C ALA E 428 -42.12 -10.65 -18.81
N TYR E 429 -42.61 -11.80 -18.34
CA TYR E 429 -43.21 -11.86 -17.01
C TYR E 429 -42.20 -11.56 -15.92
N ARG E 430 -40.98 -12.07 -16.07
CA ARG E 430 -39.95 -11.80 -15.07
C ARG E 430 -39.62 -10.32 -15.00
N SER E 431 -39.52 -9.67 -16.16
CA SER E 431 -39.26 -8.23 -16.20
C SER E 431 -40.41 -7.45 -15.58
N ARG E 432 -41.65 -7.86 -15.86
CA ARG E 432 -42.80 -7.17 -15.31
C ARG E 432 -42.89 -7.30 -13.80
N LYS E 433 -42.61 -8.50 -13.27
CA LYS E 433 -42.83 -8.76 -11.85
C LYS E 433 -41.62 -8.47 -10.97
N PHE E 434 -40.40 -8.47 -11.52
CA PHE E 434 -39.21 -8.24 -10.73
C PHE E 434 -38.30 -7.16 -11.29
N GLY E 435 -38.53 -6.69 -12.52
CA GLY E 435 -37.79 -5.57 -13.06
C GLY E 435 -36.31 -5.78 -13.31
N TYR E 436 -35.94 -6.92 -13.92
CA TYR E 436 -34.56 -7.12 -14.36
C TYR E 436 -34.57 -8.16 -15.46
N THR E 437 -33.49 -8.21 -16.24
CA THR E 437 -33.33 -9.19 -17.29
C THR E 437 -32.09 -10.04 -17.04
N CYS E 438 -31.93 -11.07 -17.87
CA CYS E 438 -30.82 -12.01 -17.72
C CYS E 438 -29.47 -11.32 -17.87
N GLU E 439 -29.32 -10.48 -18.89
CA GLU E 439 -28.03 -9.87 -19.19
C GLU E 439 -27.58 -8.91 -18.09
N GLN E 440 -28.53 -8.18 -17.50
CA GLN E 440 -28.17 -7.32 -16.38
C GLN E 440 -27.66 -8.13 -15.19
N LEU E 441 -28.32 -9.26 -14.89
CA LEU E 441 -27.85 -10.10 -13.79
C LEU E 441 -26.45 -10.65 -14.08
N PHE E 442 -26.24 -11.12 -15.31
CA PHE E 442 -24.93 -11.66 -15.66
C PHE E 442 -23.85 -10.60 -15.54
N GLU E 443 -24.11 -9.40 -16.08
CA GLU E 443 -23.11 -8.34 -16.01
C GLU E 443 -22.87 -7.89 -14.58
N THR E 444 -23.93 -7.80 -13.77
CA THR E 444 -23.78 -7.41 -12.37
C THR E 444 -22.85 -8.37 -11.64
N MET E 445 -23.12 -9.68 -11.75
CA MET E 445 -22.31 -10.62 -10.99
C MET E 445 -20.91 -10.75 -11.58
N SER E 446 -20.76 -10.62 -12.89
CA SER E 446 -19.41 -10.65 -13.47
C SER E 446 -18.59 -9.47 -12.99
N ALA E 447 -19.21 -8.27 -12.92
CA ALA E 447 -18.51 -7.11 -12.40
C ALA E 447 -18.17 -7.30 -10.92
N LEU E 448 -19.09 -7.89 -10.16
CA LEU E 448 -18.81 -8.15 -8.75
C LEU E 448 -17.61 -9.09 -8.59
N GLN E 449 -17.55 -10.15 -9.39
CA GLN E 449 -16.43 -11.09 -9.30
C GLN E 449 -15.13 -10.44 -9.73
N LYS E 450 -15.17 -9.59 -10.76
CA LYS E 450 -13.93 -9.05 -11.33
C LYS E 450 -13.18 -8.18 -10.33
N LYS E 451 -13.89 -7.40 -9.54
CA LYS E 451 -13.27 -6.55 -8.54
C LYS E 451 -13.14 -7.21 -7.18
N SER E 452 -13.80 -8.36 -6.98
CA SER E 452 -13.66 -9.18 -5.78
C SER E 452 -14.06 -8.42 -4.52
N GLN E 453 -15.36 -8.12 -4.45
CA GLN E 453 -15.95 -7.60 -3.22
C GLN E 453 -16.41 -8.77 -2.37
N THR E 454 -16.18 -8.67 -1.06
CA THR E 454 -16.47 -9.79 -0.15
C THR E 454 -17.95 -10.13 -0.13
N ASN E 455 -18.80 -9.11 -0.16
CA ASN E 455 -20.25 -9.32 -0.12
C ASN E 455 -20.80 -9.18 -1.53
N LYS E 456 -21.25 -10.30 -2.10
CA LYS E 456 -21.84 -10.36 -3.43
C LYS E 456 -23.33 -10.64 -3.23
N PHE E 457 -24.09 -9.59 -3.01
CA PHE E 457 -25.51 -9.77 -2.78
C PHE E 457 -26.32 -9.13 -3.90
N ILE E 458 -27.49 -9.72 -4.14
CA ILE E 458 -28.39 -9.24 -5.18
C ILE E 458 -29.83 -9.54 -4.77
N GLU E 459 -30.68 -8.50 -4.76
CA GLU E 459 -32.04 -8.55 -4.24
C GLU E 459 -33.10 -9.13 -5.17
N PRO E 460 -33.22 -8.65 -6.43
CA PRO E 460 -34.28 -9.20 -7.30
C PRO E 460 -34.12 -10.69 -7.55
N TYR E 461 -32.87 -11.15 -7.61
CA TYR E 461 -32.61 -12.57 -7.81
C TYR E 461 -33.19 -13.39 -6.67
N GLU E 462 -32.95 -12.98 -5.42
CA GLU E 462 -33.51 -13.71 -4.30
C GLU E 462 -35.02 -13.55 -4.21
N GLU E 463 -35.55 -12.41 -4.66
CA GLU E 463 -37.00 -12.28 -4.69
C GLU E 463 -37.61 -13.31 -5.61
N GLU E 464 -36.99 -13.53 -6.77
CA GLU E 464 -37.47 -14.56 -7.68
C GLU E 464 -37.30 -15.96 -7.09
N GLU E 465 -36.18 -16.21 -6.42
CA GLU E 465 -35.99 -17.50 -5.76
C GLU E 465 -37.08 -17.75 -4.71
N LYS E 466 -37.39 -16.74 -3.92
CA LYS E 466 -38.42 -16.89 -2.89
C LYS E 466 -39.78 -17.11 -3.53
N PHE E 467 -40.04 -16.47 -4.68
CA PHE E 467 -41.29 -16.73 -5.39
C PHE E 467 -41.39 -18.19 -5.82
N LEU E 468 -40.31 -18.72 -6.41
CA LEU E 468 -40.32 -20.11 -6.83
C LEU E 468 -40.49 -21.05 -5.65
N GLN E 469 -39.81 -20.77 -4.54
CA GLN E 469 -39.95 -21.60 -3.36
C GLN E 469 -41.35 -21.50 -2.78
N SER E 470 -42.01 -20.35 -2.92
CA SER E 470 -43.40 -20.23 -2.52
C SER E 470 -44.29 -21.13 -3.37
N ILE E 471 -44.02 -21.20 -4.67
CA ILE E 471 -44.75 -22.14 -5.52
C ILE E 471 -44.57 -23.57 -5.03
N VAL E 472 -43.32 -23.93 -4.71
CA VAL E 472 -43.03 -25.28 -4.23
C VAL E 472 -43.77 -25.56 -2.93
N ASP E 473 -43.74 -24.60 -2.00
CA ASP E 473 -44.42 -24.75 -0.72
C ASP E 473 -45.92 -24.93 -0.91
N HIS E 474 -46.52 -24.12 -1.78
CA HIS E 474 -47.95 -24.25 -2.04
C HIS E 474 -48.29 -25.64 -2.54
N ALA E 475 -47.53 -26.11 -3.54
CA ALA E 475 -47.82 -27.43 -4.11
C ALA E 475 -47.70 -28.52 -3.05
N LEU E 476 -46.61 -28.49 -2.28
CA LEU E 476 -46.40 -29.53 -1.27
C LEU E 476 -47.49 -29.51 -0.21
N ILE E 477 -47.76 -28.33 0.36
CA ILE E 477 -48.69 -28.23 1.48
C ILE E 477 -50.10 -28.59 1.05
N ASN E 478 -50.49 -28.23 -0.18
CA ASN E 478 -51.88 -28.40 -0.56
C ASN E 478 -52.16 -29.76 -1.22
N TYR E 479 -51.16 -30.38 -1.84
CA TYR E 479 -51.40 -31.61 -2.58
C TYR E 479 -50.50 -32.78 -2.18
N ASN E 480 -49.55 -32.58 -1.27
CA ASN E 480 -48.59 -33.61 -0.88
C ASN E 480 -47.84 -34.18 -2.09
N VAL E 481 -47.40 -33.27 -2.96
CA VAL E 481 -46.57 -33.63 -4.10
C VAL E 481 -45.32 -32.75 -4.06
N LEU E 482 -44.17 -33.39 -3.92
CA LEU E 482 -42.91 -32.69 -3.67
C LEU E 482 -42.13 -32.58 -4.98
N ILE E 483 -41.99 -31.34 -5.46
CA ILE E 483 -41.08 -31.03 -6.54
C ILE E 483 -39.93 -30.20 -5.95
N THR E 484 -38.92 -29.94 -6.77
CA THR E 484 -37.75 -29.22 -6.31
C THR E 484 -37.47 -28.05 -7.23
N ARG E 485 -36.46 -27.27 -6.84
CA ARG E 485 -36.01 -26.13 -7.61
C ARG E 485 -34.52 -26.28 -7.87
N ASN E 486 -34.09 -25.91 -9.07
CA ASN E 486 -32.68 -26.03 -9.44
C ASN E 486 -31.81 -25.30 -8.45
N THR E 487 -31.03 -26.05 -7.68
CA THR E 487 -30.24 -25.50 -6.58
C THR E 487 -28.88 -25.11 -7.14
N ILE E 488 -28.58 -23.81 -7.10
CA ILE E 488 -27.33 -23.28 -7.64
C ILE E 488 -26.72 -22.33 -6.62
N VAL E 489 -25.42 -22.12 -6.75
CA VAL E 489 -24.71 -21.11 -5.98
C VAL E 489 -24.18 -20.08 -6.96
N LEU E 490 -24.96 -19.03 -7.20
CA LEU E 490 -24.73 -18.18 -8.35
C LEU E 490 -23.50 -17.31 -8.21
N LYS E 491 -22.96 -17.16 -6.99
CA LYS E 491 -21.72 -16.41 -6.85
C LYS E 491 -20.50 -17.22 -7.27
N GLN E 492 -20.67 -18.52 -7.55
CA GLN E 492 -19.60 -19.36 -8.06
C GLN E 492 -19.67 -19.52 -9.57
N GLU E 493 -20.87 -19.42 -10.16
CA GLU E 493 -21.02 -19.59 -11.59
C GLU E 493 -20.30 -18.49 -12.36
N THR E 494 -19.96 -18.80 -13.60
CA THR E 494 -19.24 -17.88 -14.47
C THR E 494 -19.92 -17.75 -15.83
N LEU E 495 -21.07 -18.39 -16.02
CA LEU E 495 -21.81 -18.33 -17.27
C LEU E 495 -23.24 -17.93 -17.00
N PRO E 496 -23.89 -17.24 -17.94
CA PRO E 496 -25.25 -16.75 -17.69
C PRO E 496 -26.21 -17.87 -17.32
N ILE E 497 -26.97 -17.66 -16.26
CA ILE E 497 -27.90 -18.66 -15.74
C ILE E 497 -29.00 -17.94 -14.97
N VAL E 498 -30.20 -18.52 -14.98
CA VAL E 498 -31.34 -17.96 -14.27
C VAL E 498 -32.00 -19.06 -13.44
N PRO E 499 -32.65 -18.72 -12.33
CA PRO E 499 -33.31 -19.76 -11.52
C PRO E 499 -34.45 -20.41 -12.27
N SER E 500 -34.76 -21.65 -11.88
CA SER E 500 -35.77 -22.43 -12.57
C SER E 500 -36.36 -23.45 -11.61
N LEU E 501 -37.27 -24.25 -12.13
CA LEU E 501 -37.87 -25.35 -11.39
C LEU E 501 -37.36 -26.68 -11.96
N LYS E 502 -37.92 -27.78 -11.46
CA LYS E 502 -37.40 -29.09 -11.80
C LYS E 502 -38.40 -30.18 -11.44
N ILE E 503 -38.77 -31.02 -12.40
CA ILE E 503 -39.66 -32.15 -12.18
C ILE E 503 -38.99 -33.40 -12.72
N CYS E 504 -38.82 -34.40 -11.86
CA CYS E 504 -38.11 -35.62 -12.22
C CYS E 504 -39.05 -36.82 -12.10
N CYS E 505 -38.96 -37.71 -13.09
CA CYS E 505 -39.74 -38.94 -13.07
C CYS E 505 -38.81 -40.13 -13.24
N ASN E 506 -39.21 -41.26 -12.67
CA ASN E 506 -38.40 -42.47 -12.72
C ASN E 506 -39.23 -43.61 -13.28
N ALA E 507 -38.62 -44.79 -13.36
CA ALA E 507 -39.22 -45.94 -14.00
C ALA E 507 -40.07 -46.78 -13.05
N ALA E 508 -40.57 -46.18 -11.98
CA ALA E 508 -41.40 -46.90 -11.03
C ALA E 508 -42.67 -46.15 -10.70
N MET E 509 -43.16 -45.33 -11.62
CA MET E 509 -44.35 -44.51 -11.42
C MET E 509 -45.48 -45.01 -12.29
N SER E 510 -46.63 -45.25 -11.67
CA SER E 510 -47.83 -45.55 -12.44
C SER E 510 -48.26 -44.31 -13.22
N PRO E 511 -48.66 -44.46 -14.48
CA PRO E 511 -48.98 -43.28 -15.30
C PRO E 511 -50.09 -42.42 -14.71
N GLU E 512 -51.10 -43.04 -14.11
CA GLU E 512 -52.22 -42.27 -13.57
C GLU E 512 -51.79 -41.35 -12.42
N GLU E 513 -50.94 -41.87 -11.52
CA GLU E 513 -50.45 -41.05 -10.43
C GLU E 513 -49.61 -39.89 -10.94
N LEU E 514 -48.79 -40.15 -11.96
CA LEU E 514 -48.00 -39.07 -12.55
C LEU E 514 -48.88 -38.03 -13.20
N LYS E 515 -49.96 -38.45 -13.86
CA LYS E 515 -50.89 -37.50 -14.47
C LYS E 515 -51.57 -36.66 -13.41
N ASN E 516 -51.98 -37.28 -12.31
CA ASN E 516 -52.59 -36.52 -11.22
C ASN E 516 -51.60 -35.52 -10.63
N ALA E 517 -50.34 -35.93 -10.47
CA ALA E 517 -49.32 -35.01 -9.96
C ALA E 517 -49.11 -33.85 -10.93
N CYS E 518 -49.12 -34.13 -12.24
CA CYS E 518 -49.01 -33.06 -13.22
C CYS E 518 -50.15 -32.07 -13.09
N GLU E 519 -51.38 -32.58 -12.95
CA GLU E 519 -52.52 -31.69 -12.79
C GLU E 519 -52.40 -30.85 -11.53
N SER E 520 -51.96 -31.47 -10.43
CA SER E 520 -51.82 -30.73 -9.17
C SER E 520 -50.77 -29.63 -9.29
N VAL E 521 -49.65 -29.92 -9.97
CA VAL E 521 -48.61 -28.91 -10.13
C VAL E 521 -49.12 -27.79 -11.03
N LYS E 522 -49.89 -28.12 -12.06
CA LYS E 522 -50.47 -27.09 -12.92
C LYS E 522 -51.40 -26.18 -12.11
N GLN E 523 -52.24 -26.77 -11.26
CA GLN E 523 -53.13 -25.96 -10.45
C GLN E 523 -52.35 -25.07 -9.49
N SER E 524 -51.27 -25.61 -8.89
CA SER E 524 -50.48 -24.82 -7.96
C SER E 524 -49.81 -23.64 -8.65
N ILE E 525 -49.20 -23.88 -9.81
CA ILE E 525 -48.52 -22.79 -10.51
C ILE E 525 -49.52 -21.75 -10.98
N LEU E 526 -50.70 -22.19 -11.44
CA LEU E 526 -51.74 -21.25 -11.84
C LEU E 526 -52.19 -20.40 -10.66
N ALA E 527 -52.40 -21.03 -9.51
CA ALA E 527 -52.88 -20.30 -8.34
C ALA E 527 -51.84 -19.28 -7.87
N CYS E 528 -50.58 -19.67 -7.83
CA CYS E 528 -49.55 -18.75 -7.32
C CYS E 528 -49.23 -17.64 -8.32
N CYS E 529 -49.24 -17.95 -9.61
CA CYS E 529 -48.74 -17.01 -10.60
C CYS E 529 -49.67 -15.81 -10.76
N GLN E 530 -50.98 -16.03 -10.64
CA GLN E 530 -51.96 -14.97 -10.82
C GLN E 530 -51.80 -13.87 -9.78
N TYR F 7 -6.93 -64.84 -19.58
CA TYR F 7 -5.78 -65.35 -18.87
C TYR F 7 -4.76 -64.22 -18.63
N THR F 8 -4.89 -63.17 -19.44
CA THR F 8 -4.21 -61.91 -19.19
C THR F 8 -5.03 -60.96 -18.33
N ARG F 9 -6.16 -61.42 -17.82
CA ARG F 9 -7.10 -60.62 -17.05
C ARG F 9 -7.05 -61.06 -15.60
N VAL F 10 -7.24 -60.10 -14.70
CA VAL F 10 -7.17 -60.39 -13.26
C VAL F 10 -8.33 -61.33 -12.89
N PRO F 11 -8.04 -62.49 -12.32
CA PRO F 11 -9.11 -63.45 -12.04
C PRO F 11 -9.95 -63.03 -10.85
N LEU F 12 -11.25 -63.30 -10.95
CA LEU F 12 -12.16 -63.05 -9.85
C LEU F 12 -12.09 -64.24 -8.90
N CYS F 13 -11.44 -64.06 -7.76
CA CYS F 13 -11.19 -65.15 -6.85
C CYS F 13 -12.46 -65.56 -6.11
N GLU F 14 -12.32 -66.62 -5.32
CA GLU F 14 -13.43 -67.15 -4.53
C GLU F 14 -13.04 -67.18 -3.07
N PRO F 15 -14.01 -66.98 -2.19
CA PRO F 15 -13.73 -66.96 -0.75
C PRO F 15 -13.58 -68.38 -0.21
N GLU F 16 -13.37 -68.47 1.11
CA GLU F 16 -13.06 -69.72 1.78
C GLU F 16 -14.03 -69.96 2.92
N GLU F 17 -14.43 -71.23 3.08
CA GLU F 17 -15.41 -71.63 4.10
C GLU F 17 -14.80 -72.12 5.41
N LEU F 18 -13.56 -71.72 5.68
CA LEU F 18 -12.85 -72.10 6.89
C LEU F 18 -13.56 -71.54 8.13
N PRO F 19 -13.37 -72.17 9.31
CA PRO F 19 -14.18 -71.80 10.49
C PRO F 19 -14.08 -70.34 10.91
N ASP F 20 -15.04 -69.90 11.72
CA ASP F 20 -15.14 -68.49 12.09
C ASP F 20 -14.00 -68.07 13.02
N ASP F 21 -13.53 -68.99 13.87
CA ASP F 21 -12.41 -68.67 14.75
C ASP F 21 -11.17 -68.33 13.94
N ILE F 22 -10.91 -69.11 12.90
CA ILE F 22 -9.74 -68.86 12.05
C ILE F 22 -9.86 -67.51 11.36
N GLN F 23 -11.07 -67.18 10.90
CA GLN F 23 -11.28 -65.88 10.27
C GLN F 23 -11.03 -64.73 11.24
N LYS F 24 -11.61 -64.83 12.44
CA LYS F 24 -11.43 -63.79 13.44
C LYS F 24 -9.96 -63.63 13.80
N GLU F 25 -9.22 -64.73 13.81
CA GLU F 25 -7.78 -64.64 14.07
C GLU F 25 -7.05 -64.03 12.88
N ASN F 26 -7.53 -64.28 11.67
CA ASN F 26 -6.92 -63.70 10.48
C ASN F 26 -7.07 -62.19 10.46
N GLU F 27 -8.22 -61.68 10.89
CA GLU F 27 -8.49 -60.25 10.77
C GLU F 27 -8.07 -59.45 11.99
N TYR F 28 -7.97 -60.08 13.17
CA TYR F 28 -7.61 -59.33 14.37
C TYR F 28 -6.98 -60.31 15.35
N GLY F 29 -5.66 -60.26 15.49
CA GLY F 29 -4.96 -61.18 16.37
C GLY F 29 -5.30 -60.92 17.82
N THR F 30 -5.70 -61.98 18.53
CA THR F 30 -6.07 -61.84 19.94
C THR F 30 -4.84 -61.54 20.79
N LEU F 31 -5.04 -60.71 21.82
CA LEU F 31 -3.94 -60.32 22.68
C LEU F 31 -3.42 -61.52 23.47
N ASP F 32 -2.14 -61.48 23.85
CA ASP F 32 -1.52 -62.55 24.59
C ASP F 32 -1.27 -62.24 26.06
N SER F 33 -0.71 -61.07 26.36
CA SER F 33 -0.39 -60.68 27.72
C SER F 33 -0.85 -59.24 27.96
N PRO F 34 -1.26 -58.92 29.19
CA PRO F 34 -1.65 -57.53 29.50
C PRO F 34 -0.47 -56.59 29.66
N GLY F 35 0.76 -57.09 29.62
CA GLY F 35 1.93 -56.24 29.70
C GLY F 35 2.34 -55.61 28.39
N HIS F 36 1.62 -55.90 27.32
CA HIS F 36 1.93 -55.38 25.98
C HIS F 36 1.03 -54.22 25.60
N LEU F 37 0.65 -53.39 26.56
CA LEU F 37 -0.13 -52.19 26.31
C LEU F 37 0.58 -51.00 26.94
N TYR F 38 0.26 -49.81 26.44
CA TYR F 38 0.89 -48.60 26.93
C TYR F 38 -0.11 -47.45 26.89
N GLN F 39 -0.10 -46.61 27.91
CA GLN F 39 -1.01 -45.47 28.02
C GLN F 39 -0.19 -44.20 27.91
N VAL F 40 -0.53 -43.36 26.92
CA VAL F 40 0.27 -42.17 26.66
C VAL F 40 -0.28 -40.97 27.43
N LYS F 41 0.63 -40.13 27.90
CA LYS F 41 0.31 -38.96 28.70
C LYS F 41 0.42 -37.70 27.87
N SER F 42 -0.28 -36.66 28.30
CA SER F 42 -0.30 -35.39 27.58
C SER F 42 1.04 -34.68 27.75
N ARG F 43 1.16 -33.49 27.14
CA ARG F 43 2.39 -32.73 27.22
C ARG F 43 2.22 -31.36 27.89
N HIS F 44 0.98 -30.95 28.20
CA HIS F 44 0.72 -29.72 28.94
C HIS F 44 1.34 -28.50 28.26
N GLY F 45 1.28 -28.48 26.92
CA GLY F 45 1.72 -27.32 26.17
C GLY F 45 3.21 -27.15 26.01
N LYS F 46 4.02 -28.12 26.45
CA LYS F 46 5.46 -28.04 26.27
C LYS F 46 5.80 -28.13 24.79
N PRO F 47 6.50 -27.14 24.23
CA PRO F 47 6.84 -27.20 22.80
C PRO F 47 7.79 -28.35 22.51
N LEU F 48 7.74 -28.88 21.30
CA LEU F 48 8.60 -30.01 20.96
C LEU F 48 10.04 -29.60 20.62
N PRO F 49 11.01 -30.20 21.34
CA PRO F 49 12.41 -29.91 20.98
C PRO F 49 12.60 -30.08 19.47
N GLU F 50 13.55 -29.34 18.93
CA GLU F 50 13.79 -29.39 17.50
C GLU F 50 14.17 -30.81 17.09
N PRO F 51 13.75 -31.28 15.92
CA PRO F 51 14.01 -32.67 15.55
C PRO F 51 15.48 -32.91 15.27
N VAL F 52 15.95 -34.09 15.66
CA VAL F 52 17.34 -34.47 15.42
C VAL F 52 17.40 -35.45 14.26
N VAL F 53 17.55 -34.93 13.04
CA VAL F 53 17.61 -35.77 11.85
C VAL F 53 18.98 -36.42 11.75
N ASP F 54 18.99 -37.71 11.44
CA ASP F 54 20.23 -38.46 11.31
C ASP F 54 20.56 -38.66 9.84
N THR F 55 21.85 -38.77 9.55
CA THR F 55 22.37 -38.85 8.19
C THR F 55 23.34 -40.01 8.06
N PRO F 56 23.49 -40.54 6.84
CA PRO F 56 24.44 -41.64 6.63
C PRO F 56 25.81 -41.09 6.31
N PRO F 57 26.81 -41.95 6.09
CA PRO F 57 28.13 -41.43 5.67
C PRO F 57 28.11 -40.83 4.27
N TYR F 58 29.15 -40.06 3.97
CA TYR F 58 29.26 -39.35 2.69
C TYR F 58 29.33 -40.19 1.42
N TYR F 59 29.94 -41.36 1.46
CA TYR F 59 30.06 -42.16 0.26
C TYR F 59 28.70 -42.67 -0.21
N ILE F 60 27.75 -42.81 0.71
CA ILE F 60 26.41 -43.23 0.35
C ILE F 60 25.74 -42.18 -0.53
N SER F 61 25.80 -40.91 -0.10
CA SER F 61 25.26 -39.83 -0.90
C SER F 61 25.96 -39.72 -2.24
N LEU F 62 27.28 -39.85 -2.24
CA LEU F 62 28.03 -39.76 -3.49
C LEU F 62 27.61 -40.86 -4.46
N LEU F 63 27.44 -42.08 -3.95
CA LEU F 63 27.03 -43.19 -4.81
C LEU F 63 25.62 -42.98 -5.34
N THR F 64 24.72 -42.44 -4.53
CA THR F 64 23.38 -42.14 -5.02
C THR F 64 23.43 -41.13 -6.16
N TYR F 65 24.25 -40.09 -6.00
CA TYR F 65 24.39 -39.09 -7.06
C TYR F 65 24.92 -39.73 -8.34
N LEU F 66 25.91 -40.61 -8.19
CA LEU F 66 26.47 -41.28 -9.36
C LEU F 66 25.42 -42.11 -10.09
N ASN F 67 24.62 -42.88 -9.32
CA ASN F 67 23.60 -43.71 -9.94
C ASN F 67 22.59 -42.87 -10.70
N TYR F 68 22.13 -41.77 -10.08
CA TYR F 68 21.13 -40.94 -10.75
C TYR F 68 21.72 -40.24 -11.98
N LEU F 69 23.00 -39.88 -11.94
CA LEU F 69 23.64 -39.32 -13.12
C LEU F 69 23.70 -40.33 -14.26
N ILE F 70 24.00 -41.59 -13.96
CA ILE F 70 24.07 -42.62 -14.99
C ILE F 70 22.69 -42.82 -15.64
N LEU F 71 21.65 -42.90 -14.80
CA LEU F 71 20.32 -43.25 -15.30
C LEU F 71 19.78 -42.20 -16.27
N ILE F 72 19.98 -40.92 -15.95
CA ILE F 72 19.47 -39.84 -16.80
C ILE F 72 20.14 -39.91 -18.18
N ILE F 73 21.45 -40.09 -18.19
CA ILE F 73 22.20 -40.14 -19.44
C ILE F 73 21.69 -41.28 -20.30
N LEU F 74 21.58 -42.48 -19.72
CA LEU F 74 21.14 -43.63 -20.51
C LEU F 74 19.71 -43.43 -21.02
N GLY F 75 18.83 -42.89 -20.17
CA GLY F 75 17.45 -42.69 -20.59
C GLY F 75 17.33 -41.74 -21.75
N HIS F 76 18.05 -40.61 -21.69
CA HIS F 76 17.97 -39.64 -22.77
C HIS F 76 18.57 -40.20 -24.06
N VAL F 77 19.67 -40.95 -23.95
CA VAL F 77 20.26 -41.56 -25.14
C VAL F 77 19.27 -42.52 -25.79
N HIS F 78 18.63 -43.36 -24.98
CA HIS F 78 17.66 -44.31 -25.53
C HIS F 78 16.48 -43.60 -26.18
N ASP F 79 16.01 -42.53 -25.54
CA ASP F 79 14.90 -41.76 -26.09
C ASP F 79 15.24 -41.17 -27.44
N PHE F 80 16.44 -40.60 -27.56
CA PHE F 80 16.85 -40.01 -28.82
C PHE F 80 16.98 -41.05 -29.91
N LEU F 81 17.67 -42.17 -29.62
CA LEU F 81 17.86 -43.19 -30.64
C LEU F 81 16.53 -43.79 -31.08
N GLY F 82 15.65 -44.10 -30.12
CA GLY F 82 14.37 -44.68 -30.48
C GLY F 82 13.50 -43.74 -31.30
N MET F 83 13.50 -42.46 -30.93
CA MET F 83 12.64 -41.51 -31.62
C MET F 83 13.19 -41.10 -32.97
N THR F 84 14.50 -41.28 -33.19
CA THR F 84 15.10 -40.96 -34.48
C THR F 84 15.12 -42.15 -35.43
N PHE F 85 15.14 -43.37 -34.92
CA PHE F 85 15.36 -44.54 -35.77
C PHE F 85 14.12 -45.41 -35.91
N GLN F 86 13.64 -45.95 -34.79
CA GLN F 86 12.55 -46.92 -34.81
C GLN F 86 11.20 -46.27 -34.52
N LYS F 87 10.74 -45.38 -35.40
CA LYS F 87 9.46 -44.73 -35.16
C LYS F 87 8.28 -45.59 -35.55
N ASN F 88 8.52 -46.76 -36.18
CA ASN F 88 7.41 -47.65 -36.51
C ASN F 88 6.73 -48.18 -35.26
N LYS F 89 7.50 -48.51 -34.23
CA LYS F 89 6.98 -49.06 -32.98
C LYS F 89 6.84 -47.99 -31.90
N HIS F 90 6.75 -46.73 -32.28
CA HIS F 90 6.59 -45.62 -31.36
C HIS F 90 5.47 -44.69 -31.82
N LEU F 91 4.38 -45.28 -32.30
CA LEU F 91 3.31 -44.47 -32.90
C LEU F 91 2.52 -43.68 -31.88
N ASP F 92 2.47 -44.14 -30.63
CA ASP F 92 1.73 -43.46 -29.58
C ASP F 92 2.43 -42.19 -29.12
N LEU F 93 3.67 -41.95 -29.54
CA LEU F 93 4.42 -40.76 -29.18
C LEU F 93 4.62 -39.82 -30.36
N LEU F 94 3.90 -40.01 -31.46
CA LEU F 94 4.09 -39.24 -32.67
C LEU F 94 2.74 -38.81 -33.25
N GLU F 95 2.78 -37.76 -34.05
CA GLU F 95 1.57 -37.23 -34.67
C GLU F 95 1.04 -38.19 -35.72
N HIS F 96 -0.24 -38.00 -36.09
CA HIS F 96 -0.90 -38.91 -37.02
C HIS F 96 -2.12 -38.18 -37.60
N ASP F 97 -2.11 -37.97 -38.92
CA ASP F 97 -3.24 -37.38 -39.65
C ASP F 97 -3.65 -36.02 -39.06
N GLY F 98 -2.67 -35.19 -38.78
CA GLY F 98 -2.95 -33.86 -38.24
C GLY F 98 -3.58 -33.88 -36.87
N LEU F 99 -3.17 -34.83 -36.01
CA LEU F 99 -3.65 -34.91 -34.64
C LEU F 99 -2.46 -35.10 -33.73
N ALA F 100 -2.26 -34.17 -32.81
CA ALA F 100 -1.16 -34.29 -31.87
C ALA F 100 -1.37 -35.51 -30.97
N PRO F 101 -0.29 -36.12 -30.49
CA PRO F 101 -0.45 -37.29 -29.62
C PRO F 101 -1.06 -36.89 -28.28
N TRP F 102 -1.53 -37.91 -27.56
CA TRP F 102 -2.18 -37.67 -26.28
C TRP F 102 -1.24 -36.97 -25.30
N PHE F 103 0.00 -37.41 -25.23
CA PHE F 103 0.97 -36.82 -24.34
C PHE F 103 2.37 -36.83 -24.96
N SER F 104 3.16 -35.83 -24.61
CA SER F 104 4.52 -35.71 -25.13
C SER F 104 5.46 -36.70 -24.43
N ASN F 105 6.63 -36.90 -25.04
CA ASN F 105 7.57 -37.87 -24.51
C ASN F 105 8.59 -37.27 -23.55
N PHE F 106 8.53 -35.97 -23.29
CA PHE F 106 9.46 -35.38 -22.33
C PHE F 106 8.87 -35.25 -20.94
N GLU F 107 7.60 -34.86 -20.82
CA GLU F 107 6.98 -34.73 -19.50
C GLU F 107 6.57 -36.08 -18.92
N SER F 108 6.84 -37.17 -19.64
CA SER F 108 6.60 -38.52 -19.14
C SER F 108 7.90 -39.32 -19.06
N PHE F 109 9.03 -38.62 -19.07
CA PHE F 109 10.31 -39.31 -19.06
C PHE F 109 10.53 -40.22 -17.87
N TYR F 110 10.42 -39.64 -16.68
CA TYR F 110 10.65 -40.39 -15.45
C TYR F 110 9.73 -41.59 -15.25
N VAL F 111 8.49 -41.45 -15.69
CA VAL F 111 7.50 -42.53 -15.55
C VAL F 111 7.98 -43.73 -16.35
N ARG F 112 8.06 -43.61 -17.66
CA ARG F 112 8.53 -44.72 -18.47
C ARG F 112 9.91 -45.16 -17.99
N ARG F 113 10.91 -44.30 -18.21
CA ARG F 113 12.29 -44.74 -18.20
C ARG F 113 12.76 -45.28 -16.86
N ILE F 114 12.24 -44.81 -15.74
CA ILE F 114 12.74 -45.29 -14.45
C ILE F 114 11.63 -46.01 -13.69
N LYS F 115 10.40 -45.54 -13.80
CA LYS F 115 9.32 -46.12 -13.04
C LYS F 115 8.74 -47.39 -13.67
N MET F 116 9.04 -47.67 -14.94
CA MET F 116 8.47 -48.83 -15.59
C MET F 116 9.23 -50.10 -15.27
N ARG F 117 10.52 -50.01 -15.00
CA ARG F 117 11.34 -51.18 -14.75
C ARG F 117 11.10 -51.80 -13.38
N ILE F 118 10.50 -51.07 -12.46
CA ILE F 118 10.20 -51.55 -11.12
C ILE F 118 8.70 -51.51 -10.85
N ASP F 119 7.89 -51.53 -11.91
CA ASP F 119 6.45 -51.36 -11.80
C ASP F 119 5.80 -52.44 -10.95
N ASP F 120 6.38 -53.63 -10.87
CA ASP F 120 5.79 -54.71 -10.09
C ASP F 120 5.77 -54.43 -8.59
N CYS F 121 6.48 -53.41 -8.13
CA CYS F 121 6.48 -53.03 -6.72
C CYS F 121 5.31 -52.12 -6.36
N PHE F 122 4.45 -51.80 -7.31
CA PHE F 122 3.33 -50.89 -7.09
C PHE F 122 2.05 -51.51 -7.61
N SER F 123 0.94 -51.22 -6.94
CA SER F 123 -0.39 -51.62 -7.38
C SER F 123 -0.51 -53.14 -7.53
N ARG F 124 -0.35 -53.82 -6.41
CA ARG F 124 -0.50 -55.27 -6.38
C ARG F 124 -1.96 -55.61 -6.10
N PRO F 125 -2.62 -56.39 -6.95
CA PRO F 125 -4.01 -56.76 -6.68
C PRO F 125 -4.13 -57.60 -5.43
N THR F 126 -5.24 -57.42 -4.71
CA THR F 126 -5.51 -58.15 -3.48
C THR F 126 -6.93 -58.68 -3.52
N THR F 127 -7.37 -59.26 -2.41
CA THR F 127 -8.72 -59.79 -2.30
C THR F 127 -9.03 -59.97 -0.82
N GLY F 128 -10.30 -59.86 -0.49
CA GLY F 128 -10.73 -60.05 0.89
C GLY F 128 -10.41 -58.86 1.78
N VAL F 129 -10.67 -59.07 3.06
CA VAL F 129 -10.52 -58.00 4.06
C VAL F 129 -9.05 -57.60 4.17
N PRO F 130 -8.72 -56.32 4.11
CA PRO F 130 -7.32 -55.89 4.30
C PRO F 130 -6.96 -55.77 5.77
N GLY F 131 -6.99 -56.88 6.48
CA GLY F 131 -6.81 -56.91 7.92
C GLY F 131 -5.38 -57.21 8.32
N ARG F 132 -5.23 -58.13 9.27
CA ARG F 132 -3.90 -58.48 9.77
C ARG F 132 -3.08 -59.22 8.72
N PHE F 133 -3.67 -60.23 8.09
CA PHE F 133 -3.06 -60.93 6.97
C PHE F 133 -3.86 -60.62 5.72
N ILE F 134 -3.19 -60.11 4.70
CA ILE F 134 -3.83 -59.76 3.44
C ILE F 134 -3.50 -60.82 2.40
N ARG F 135 -4.48 -61.13 1.56
CA ARG F 135 -4.29 -62.14 0.52
C ARG F 135 -3.94 -61.45 -0.80
N CYS F 136 -2.86 -61.88 -1.42
CA CYS F 136 -2.36 -61.27 -2.64
C CYS F 136 -2.48 -62.24 -3.81
N ILE F 137 -2.66 -61.68 -5.00
CA ILE F 137 -2.72 -62.45 -6.24
C ILE F 137 -1.34 -62.39 -6.89
N ASP F 138 -0.81 -63.56 -7.22
CA ASP F 138 0.51 -63.70 -7.84
C ASP F 138 0.54 -63.24 -9.28
N ARG F 139 1.67 -62.68 -9.70
CA ARG F 139 1.81 -62.16 -11.05
C ARG F 139 3.11 -62.65 -11.66
N ILE F 140 3.09 -62.82 -12.98
CA ILE F 140 4.28 -63.11 -13.77
C ILE F 140 4.51 -61.94 -14.72
N SER F 141 5.68 -61.34 -14.67
CA SER F 141 6.01 -60.19 -15.50
C SER F 141 6.66 -60.66 -16.80
N HIS F 142 6.17 -60.12 -17.91
CA HIS F 142 6.67 -60.44 -19.24
C HIS F 142 7.27 -59.19 -19.86
N ASN F 143 8.35 -59.37 -20.61
CA ASN F 143 9.04 -58.25 -21.25
C ASN F 143 9.30 -57.18 -20.20
N ILE F 144 10.11 -57.55 -19.22
CA ILE F 144 10.49 -56.74 -18.06
C ILE F 144 9.25 -56.44 -17.21
N ASN F 145 8.51 -55.39 -17.56
CA ASN F 145 7.31 -55.04 -16.80
C ASN F 145 6.19 -54.52 -17.70
N GLU F 146 6.24 -54.85 -18.98
CA GLU F 146 5.21 -54.38 -19.92
C GLU F 146 3.82 -54.87 -19.53
N TYR F 147 3.59 -56.17 -19.60
CA TYR F 147 2.30 -56.73 -19.25
C TYR F 147 2.46 -57.91 -18.29
N PHE F 148 1.40 -58.24 -17.57
CA PHE F 148 1.42 -59.34 -16.63
C PHE F 148 0.43 -60.41 -17.04
N THR F 149 0.67 -61.62 -16.53
CA THR F 149 -0.27 -62.73 -16.65
C THR F 149 -0.51 -63.32 -15.28
N TYR F 150 -1.74 -63.81 -15.06
CA TYR F 150 -2.20 -64.19 -13.73
C TYR F 150 -2.58 -65.65 -13.71
N SER F 151 -2.02 -66.40 -12.76
CA SER F 151 -2.48 -67.73 -12.46
C SER F 151 -3.67 -67.64 -11.50
N GLY F 152 -4.06 -68.77 -10.91
CA GLY F 152 -5.13 -68.79 -9.94
C GLY F 152 -4.70 -68.84 -8.50
N ALA F 153 -3.41 -68.77 -8.20
CA ALA F 153 -2.93 -68.96 -6.85
C ALA F 153 -3.05 -67.67 -6.03
N VAL F 154 -3.34 -67.83 -4.74
CA VAL F 154 -3.48 -66.71 -3.81
C VAL F 154 -2.79 -67.11 -2.51
N TYR F 155 -1.95 -66.23 -1.98
CA TYR F 155 -1.21 -66.53 -0.77
C TYR F 155 -1.26 -65.37 0.20
N PRO F 156 -1.42 -65.64 1.49
CA PRO F 156 -1.48 -64.56 2.48
C PRO F 156 -0.11 -63.97 2.78
N CYS F 157 -0.13 -62.69 3.15
CA CYS F 157 1.07 -61.97 3.54
C CYS F 157 0.76 -61.12 4.77
N MET F 158 1.79 -60.84 5.54
CA MET F 158 1.64 -59.96 6.69
C MET F 158 1.47 -58.52 6.21
N ASN F 159 0.52 -57.81 6.81
CA ASN F 159 0.10 -56.51 6.30
C ASN F 159 0.80 -55.38 7.01
N LEU F 160 1.55 -54.58 6.26
CA LEU F 160 2.21 -53.39 6.77
C LEU F 160 2.11 -52.23 5.80
N SER F 161 1.03 -52.15 5.04
CA SER F 161 0.94 -51.15 3.98
C SER F 161 -0.35 -50.33 4.03
N SER F 162 -1.43 -50.93 4.50
CA SER F 162 -2.72 -50.27 4.45
C SER F 162 -3.01 -49.49 5.71
N TYR F 163 -3.85 -48.47 5.58
CA TYR F 163 -4.23 -47.59 6.69
C TYR F 163 -5.30 -48.29 7.51
N ASN F 164 -4.89 -48.95 8.58
CA ASN F 164 -5.79 -49.70 9.44
C ASN F 164 -5.40 -49.49 10.89
N TYR F 165 -5.23 -48.22 11.28
CA TYR F 165 -4.56 -47.88 12.54
C TYR F 165 -5.21 -48.56 13.73
N LEU F 166 -6.54 -48.56 13.80
CA LEU F 166 -7.24 -49.14 14.94
C LEU F 166 -7.82 -50.52 14.66
N GLY F 167 -7.55 -51.08 13.50
CA GLY F 167 -8.03 -52.42 13.20
C GLY F 167 -9.53 -52.54 13.10
N PHE F 168 -10.19 -51.53 12.55
CA PHE F 168 -11.63 -51.57 12.35
C PHE F 168 -12.03 -52.20 11.02
N ALA F 169 -11.05 -52.60 10.21
CA ALA F 169 -11.31 -53.25 8.92
C ALA F 169 -11.52 -54.73 9.19
N GLN F 170 -12.75 -55.10 9.50
CA GLN F 170 -13.10 -56.49 9.79
C GLN F 170 -14.39 -56.83 9.07
N SER F 171 -14.86 -58.06 9.27
CA SER F 171 -16.11 -58.50 8.67
C SER F 171 -16.98 -59.27 9.67
N LYS F 172 -16.60 -59.29 10.95
CA LYS F 172 -17.37 -60.02 11.94
C LYS F 172 -17.60 -59.23 13.22
N GLY F 173 -17.28 -57.94 13.26
CA GLY F 173 -17.50 -57.13 14.42
C GLY F 173 -18.93 -56.63 14.51
N GLN F 174 -19.14 -55.69 15.43
CA GLN F 174 -20.45 -55.05 15.54
C GLN F 174 -20.67 -54.01 14.45
N CYS F 175 -19.59 -53.41 13.94
CA CYS F 175 -19.71 -52.40 12.89
C CYS F 175 -20.29 -53.00 11.62
N THR F 176 -19.86 -54.20 11.25
CA THR F 176 -20.42 -54.85 10.06
C THR F 176 -21.89 -55.20 10.26
N ASP F 177 -22.27 -55.57 11.49
CA ASP F 177 -23.67 -55.80 11.78
C ASP F 177 -24.48 -54.52 11.61
N ALA F 178 -23.94 -53.39 12.08
CA ALA F 178 -24.62 -52.11 11.89
C ALA F 178 -24.75 -51.80 10.40
N ALA F 179 -23.70 -52.07 9.63
CA ALA F 179 -23.76 -51.83 8.18
C ALA F 179 -24.83 -52.68 7.51
N LEU F 180 -24.93 -53.95 7.90
CA LEU F 180 -25.97 -54.82 7.33
C LEU F 180 -27.36 -54.32 7.70
N GLU F 181 -27.53 -53.89 8.96
CA GLU F 181 -28.81 -53.35 9.38
C GLU F 181 -29.17 -52.10 8.58
N SER F 182 -28.18 -51.24 8.33
CA SER F 182 -28.43 -50.04 7.52
C SER F 182 -28.80 -50.42 6.09
N VAL F 183 -28.16 -51.44 5.53
CA VAL F 183 -28.52 -51.89 4.19
C VAL F 183 -29.97 -52.35 4.16
N ASP F 184 -30.39 -53.11 5.16
CA ASP F 184 -31.79 -53.51 5.25
C ASP F 184 -32.72 -52.32 5.37
N LYS F 185 -32.37 -51.36 6.23
CA LYS F 185 -33.32 -50.32 6.57
C LYS F 185 -33.41 -49.26 5.49
N TYR F 186 -32.30 -48.64 5.11
CA TYR F 186 -32.45 -47.54 4.16
C TYR F 186 -32.30 -47.98 2.72
N SER F 187 -31.05 -48.13 2.27
CA SER F 187 -30.74 -48.44 0.87
C SER F 187 -29.25 -48.38 0.64
N ILE F 188 -28.81 -48.67 -0.59
CA ILE F 188 -27.47 -48.27 -1.02
C ILE F 188 -27.50 -47.10 -1.99
N GLN F 189 -28.67 -46.53 -2.25
CA GLN F 189 -28.80 -45.47 -3.23
C GLN F 189 -29.10 -44.13 -2.55
N SER F 190 -28.54 -43.08 -3.12
CA SER F 190 -28.80 -41.72 -2.67
C SER F 190 -29.70 -41.01 -3.68
N GLY F 191 -30.43 -40.01 -3.19
CA GLY F 191 -31.36 -39.30 -4.05
C GLY F 191 -30.66 -38.31 -4.96
N GLY F 192 -29.96 -37.35 -4.35
CA GLY F 192 -29.28 -36.32 -5.09
C GLY F 192 -28.36 -35.54 -4.17
N PRO F 193 -28.05 -34.30 -4.52
CA PRO F 193 -27.22 -33.49 -3.65
C PRO F 193 -27.91 -33.22 -2.32
N ARG F 194 -27.09 -32.93 -1.30
CA ARG F 194 -27.60 -32.75 0.05
C ARG F 194 -28.57 -31.58 0.13
N ALA F 195 -28.45 -30.62 -0.78
CA ALA F 195 -29.30 -29.44 -0.75
C ALA F 195 -30.61 -29.62 -1.48
N GLN F 196 -30.84 -30.76 -2.14
CA GLN F 196 -32.05 -30.95 -2.91
C GLN F 196 -32.95 -32.04 -2.33
N ILE F 197 -32.50 -33.29 -2.28
CA ILE F 197 -33.27 -34.34 -1.62
C ILE F 197 -32.36 -35.27 -0.83
N GLY F 198 -31.06 -34.99 -0.84
CA GLY F 198 -30.12 -35.98 -0.37
C GLY F 198 -30.06 -36.22 1.12
N THR F 199 -30.56 -35.30 1.94
CA THR F 199 -30.38 -35.39 3.38
C THR F 199 -31.32 -36.42 3.98
N THR F 200 -30.81 -37.20 4.93
CA THR F 200 -31.59 -38.10 5.78
C THR F 200 -31.30 -37.75 7.23
N ASP F 201 -31.95 -38.47 8.15
CA ASP F 201 -31.69 -38.26 9.56
C ASP F 201 -30.33 -38.82 9.98
N LEU F 202 -29.82 -39.81 9.26
CA LEU F 202 -28.52 -40.38 9.59
C LEU F 202 -27.41 -39.35 9.40
N HIS F 203 -27.51 -38.51 8.37
CA HIS F 203 -26.53 -37.45 8.18
C HIS F 203 -26.53 -36.49 9.36
N ILE F 204 -27.72 -36.14 9.87
CA ILE F 204 -27.82 -35.27 11.02
C ILE F 204 -27.18 -35.90 12.25
N LYS F 205 -27.48 -37.18 12.48
CA LYS F 205 -26.90 -37.86 13.64
C LYS F 205 -25.37 -37.91 13.54
N ALA F 206 -24.85 -38.19 12.36
CA ALA F 206 -23.41 -38.26 12.17
C ALA F 206 -22.76 -36.90 12.40
N GLU F 207 -23.39 -35.83 11.89
CA GLU F 207 -22.82 -34.50 12.09
C GLU F 207 -22.78 -34.13 13.56
N LYS F 208 -23.88 -34.38 14.28
CA LYS F 208 -23.91 -34.08 15.71
C LYS F 208 -22.86 -34.90 16.46
N LEU F 209 -22.73 -36.19 16.13
CA LEU F 209 -21.78 -37.04 16.83
C LEU F 209 -20.35 -36.60 16.57
N VAL F 210 -20.02 -36.23 15.33
CA VAL F 210 -18.68 -35.77 15.02
C VAL F 210 -18.37 -34.47 15.76
N ALA F 211 -19.33 -33.54 15.75
CA ALA F 211 -19.11 -32.26 16.43
C ALA F 211 -18.88 -32.47 17.92
N ARG F 212 -19.66 -33.37 18.54
CA ARG F 212 -19.45 -33.66 19.95
C ARG F 212 -18.10 -34.32 20.19
N PHE F 213 -17.71 -35.26 19.33
CA PHE F 213 -16.46 -36.00 19.51
C PHE F 213 -15.26 -35.08 19.45
N ILE F 214 -15.21 -34.21 18.43
CA ILE F 214 -14.03 -33.36 18.23
C ILE F 214 -13.88 -32.38 19.39
N GLY F 215 -14.95 -31.68 19.72
CA GLY F 215 -14.90 -30.63 20.72
C GLY F 215 -15.29 -29.28 20.17
N LYS F 216 -15.98 -29.28 19.04
CA LYS F 216 -16.42 -28.08 18.37
C LYS F 216 -17.95 -28.01 18.41
N GLU F 217 -18.53 -27.03 17.71
CA GLU F 217 -19.95 -26.78 17.78
C GLU F 217 -20.76 -27.43 16.67
N ASP F 218 -20.32 -27.30 15.42
CA ASP F 218 -21.07 -27.86 14.30
C ASP F 218 -20.11 -28.50 13.31
N ALA F 219 -20.66 -29.32 12.42
CA ALA F 219 -19.83 -30.01 11.44
C ALA F 219 -20.65 -30.37 10.22
N LEU F 220 -19.95 -30.62 9.11
CA LEU F 220 -20.52 -31.15 7.88
C LEU F 220 -19.73 -32.38 7.47
N VAL F 221 -20.40 -33.30 6.78
CA VAL F 221 -19.76 -34.52 6.29
C VAL F 221 -19.92 -34.60 4.78
N PHE F 222 -18.83 -34.91 4.08
CA PHE F 222 -18.81 -35.02 2.63
C PHE F 222 -18.43 -36.45 2.25
N SER F 223 -18.67 -36.80 0.99
CA SER F 223 -18.52 -38.18 0.52
C SER F 223 -17.11 -38.49 0.05
N MET F 224 -16.17 -37.55 0.18
CA MET F 224 -14.80 -37.77 -0.27
C MET F 224 -13.91 -36.71 0.35
N GLY F 225 -12.81 -37.16 0.97
CA GLY F 225 -11.88 -36.25 1.60
C GLY F 225 -11.14 -35.36 0.61
N TYR F 226 -10.69 -35.97 -0.49
CA TYR F 226 -10.02 -35.20 -1.53
C TYR F 226 -10.93 -34.11 -2.06
N GLY F 227 -12.19 -34.46 -2.33
CA GLY F 227 -13.13 -33.45 -2.78
C GLY F 227 -13.34 -32.35 -1.76
N THR F 228 -13.34 -32.71 -0.48
CA THR F 228 -13.48 -31.73 0.59
C THR F 228 -12.37 -30.70 0.52
N ASN F 229 -11.12 -31.15 0.51
CA ASN F 229 -10.02 -30.19 0.43
C ASN F 229 -10.04 -29.42 -0.89
N ALA F 230 -10.36 -30.09 -1.99
CA ALA F 230 -10.33 -29.42 -3.28
C ALA F 230 -11.33 -28.29 -3.37
N ASN F 231 -12.55 -28.50 -2.87
CA ASN F 231 -13.61 -27.52 -3.01
C ASN F 231 -13.82 -26.64 -1.79
N LEU F 232 -13.00 -26.79 -0.75
CA LEU F 232 -13.19 -25.95 0.44
C LEU F 232 -12.76 -24.51 0.19
N PHE F 233 -11.49 -24.29 -0.12
CA PHE F 233 -10.91 -22.94 -0.07
C PHE F 233 -11.59 -22.00 -1.07
N ASN F 234 -12.29 -22.57 -2.05
CA ASN F 234 -12.89 -21.79 -3.12
C ASN F 234 -14.00 -20.88 -2.60
N ALA F 235 -14.46 -21.13 -1.39
CA ALA F 235 -15.63 -20.47 -0.84
C ALA F 235 -15.32 -19.18 -0.08
N PHE F 236 -14.16 -19.08 0.56
CA PHE F 236 -13.84 -17.95 1.41
C PHE F 236 -12.46 -17.37 1.12
N LEU F 237 -12.00 -17.48 -0.13
CA LEU F 237 -10.72 -16.90 -0.51
C LEU F 237 -10.83 -16.32 -1.91
N ASP F 238 -10.07 -15.26 -2.16
CA ASP F 238 -10.03 -14.59 -3.45
C ASP F 238 -8.58 -14.31 -3.79
N LYS F 239 -8.36 -13.50 -4.83
CA LYS F 239 -7.01 -13.16 -5.26
C LYS F 239 -6.36 -12.08 -4.41
N LYS F 240 -7.09 -11.51 -3.45
CA LYS F 240 -6.55 -10.51 -2.56
C LYS F 240 -6.15 -11.06 -1.19
N CYS F 241 -6.42 -12.33 -0.93
CA CYS F 241 -6.00 -12.98 0.31
C CYS F 241 -4.70 -13.73 0.10
N LEU F 242 -4.09 -14.15 1.19
CA LEU F 242 -2.83 -14.86 1.16
C LEU F 242 -2.89 -16.12 2.02
N VAL F 243 -2.17 -17.15 1.57
CA VAL F 243 -2.10 -18.44 2.24
C VAL F 243 -0.65 -18.76 2.52
N ILE F 244 -0.33 -19.01 3.78
CA ILE F 244 0.99 -19.47 4.19
C ILE F 244 0.87 -20.94 4.55
N SER F 245 1.55 -21.80 3.82
CA SER F 245 1.42 -23.24 3.98
C SER F 245 2.78 -23.88 4.12
N ASP F 246 2.83 -24.97 4.88
CA ASP F 246 4.06 -25.74 5.02
C ASP F 246 4.41 -26.38 3.68
N GLU F 247 5.69 -26.65 3.49
CA GLU F 247 6.18 -27.20 2.24
C GLU F 247 5.83 -28.66 2.03
N LEU F 248 5.30 -29.34 3.05
CA LEU F 248 5.01 -30.77 2.97
C LEU F 248 3.52 -31.07 3.03
N ASN F 249 2.67 -30.14 2.62
CA ASN F 249 1.24 -30.38 2.70
C ASN F 249 0.78 -31.39 1.64
N HIS F 250 -0.48 -31.77 1.72
CA HIS F 250 -1.05 -32.73 0.79
C HIS F 250 -1.36 -32.05 -0.54
N THR F 251 -1.64 -32.89 -1.54
CA THR F 251 -1.92 -32.38 -2.88
C THR F 251 -3.30 -31.75 -2.98
N SER F 252 -4.28 -32.31 -2.26
CA SER F 252 -5.64 -31.78 -2.34
C SER F 252 -5.70 -30.35 -1.85
N ILE F 253 -4.93 -30.02 -0.80
CA ILE F 253 -4.85 -28.64 -0.34
C ILE F 253 -4.29 -27.74 -1.43
N ARG F 254 -3.25 -28.20 -2.12
CA ARG F 254 -2.65 -27.41 -3.20
C ARG F 254 -3.64 -27.15 -4.32
N THR F 255 -4.40 -28.18 -4.72
CA THR F 255 -5.39 -28.00 -5.77
C THR F 255 -6.51 -27.07 -5.32
N GLY F 256 -6.95 -27.20 -4.07
CA GLY F 256 -7.98 -26.32 -3.57
C GLY F 256 -7.54 -24.87 -3.52
N VAL F 257 -6.27 -24.64 -3.18
CA VAL F 257 -5.76 -23.27 -3.18
C VAL F 257 -5.62 -22.74 -4.60
N ARG F 258 -5.16 -23.60 -5.52
CA ARG F 258 -4.99 -23.16 -6.90
C ARG F 258 -6.32 -22.80 -7.55
N LEU F 259 -7.39 -23.50 -7.19
CA LEU F 259 -8.68 -23.22 -7.81
C LEU F 259 -9.26 -21.86 -7.41
N SER F 260 -8.90 -21.33 -6.24
CA SER F 260 -9.48 -20.09 -5.74
C SER F 260 -8.80 -18.86 -6.35
N GLY F 261 -7.47 -18.84 -6.38
CA GLY F 261 -6.76 -17.74 -6.97
C GLY F 261 -5.88 -16.98 -5.99
N ALA F 262 -5.86 -17.41 -4.73
CA ALA F 262 -5.10 -16.71 -3.71
C ALA F 262 -3.61 -16.86 -3.95
N ALA F 263 -2.84 -15.99 -3.32
CA ALA F 263 -1.39 -16.08 -3.37
C ALA F 263 -0.88 -17.10 -2.36
N VAL F 264 0.30 -17.65 -2.62
CA VAL F 264 0.86 -18.71 -1.81
C VAL F 264 2.31 -18.42 -1.51
N ARG F 265 2.71 -18.61 -0.25
CA ARG F 265 4.10 -18.61 0.16
C ARG F 265 4.30 -19.77 1.13
N THR F 266 5.50 -20.35 1.13
CA THR F 266 5.79 -21.52 1.93
C THR F 266 6.97 -21.26 2.85
N PHE F 267 7.06 -22.05 3.92
CA PHE F 267 8.17 -21.97 4.87
C PHE F 267 8.76 -23.34 5.10
N LYS F 268 9.98 -23.35 5.63
CA LYS F 268 10.68 -24.59 5.89
C LYS F 268 9.91 -25.46 6.88
N HIS F 269 10.12 -26.77 6.80
CA HIS F 269 9.39 -27.70 7.64
C HIS F 269 9.97 -27.71 9.04
N GLY F 270 9.16 -27.31 10.02
CA GLY F 270 9.57 -27.31 11.41
C GLY F 270 10.30 -26.07 11.87
N ASP F 271 10.45 -25.06 11.02
CA ASP F 271 11.10 -23.80 11.39
C ASP F 271 10.02 -22.78 11.72
N MET F 272 10.03 -22.28 12.95
CA MET F 272 9.05 -21.29 13.38
C MET F 272 9.57 -19.87 13.32
N VAL F 273 10.87 -19.66 13.50
CA VAL F 273 11.45 -18.33 13.33
C VAL F 273 11.27 -17.87 11.88
N GLY F 274 11.44 -18.79 10.93
CA GLY F 274 11.18 -18.45 9.55
C GLY F 274 9.73 -18.09 9.31
N LEU F 275 8.81 -18.80 9.97
CA LEU F 275 7.40 -18.49 9.84
C LEU F 275 7.09 -17.09 10.36
N GLU F 276 7.63 -16.75 11.54
CA GLU F 276 7.38 -15.42 12.09
C GLU F 276 7.95 -14.33 11.20
N LYS F 277 9.18 -14.53 10.73
CA LYS F 277 9.80 -13.55 9.84
C LYS F 277 8.98 -13.37 8.57
N LEU F 278 8.52 -14.49 7.98
CA LEU F 278 7.74 -14.41 6.76
C LEU F 278 6.41 -13.70 6.99
N ILE F 279 5.77 -13.96 8.12
CA ILE F 279 4.50 -13.29 8.43
C ILE F 279 4.72 -11.79 8.53
N ARG F 280 5.76 -11.38 9.25
CA ARG F 280 6.00 -9.94 9.41
C ARG F 280 6.32 -9.28 8.08
N GLU F 281 7.18 -9.90 7.27
CA GLU F 281 7.54 -9.32 5.99
C GLU F 281 6.33 -9.24 5.05
N GLN F 282 5.48 -10.26 5.06
CA GLN F 282 4.32 -10.24 4.16
C GLN F 282 3.24 -9.28 4.63
N ILE F 283 3.16 -9.02 5.94
CA ILE F 283 2.24 -7.98 6.40
C ILE F 283 2.76 -6.61 5.99
N VAL F 284 4.08 -6.39 6.10
CA VAL F 284 4.64 -5.11 5.72
C VAL F 284 4.49 -4.86 4.22
N LEU F 285 4.82 -5.86 3.40
CA LEU F 285 4.91 -5.64 1.95
C LEU F 285 3.54 -5.38 1.33
N GLY F 286 2.56 -6.20 1.64
CA GLY F 286 1.26 -6.06 1.02
C GLY F 286 1.16 -6.77 -0.31
N GLN F 287 0.01 -6.58 -0.96
CA GLN F 287 -0.26 -7.25 -2.22
C GLN F 287 0.79 -6.90 -3.27
N PRO F 288 1.23 -7.87 -4.06
CA PRO F 288 2.24 -7.57 -5.08
C PRO F 288 1.71 -6.63 -6.15
N LYS F 289 2.61 -5.79 -6.65
CA LYS F 289 2.37 -4.80 -7.70
C LYS F 289 1.53 -3.63 -7.20
N THR F 290 0.99 -3.72 -5.99
CA THR F 290 0.15 -2.65 -5.49
C THR F 290 0.39 -2.28 -4.03
N ASN F 291 0.91 -3.19 -3.21
CA ASN F 291 1.34 -2.93 -1.83
C ASN F 291 0.17 -2.54 -0.92
N ARG F 292 -1.06 -2.83 -1.32
CA ARG F 292 -2.19 -2.57 -0.44
C ARG F 292 -2.18 -3.65 0.65
N PRO F 293 -2.93 -3.43 1.75
CA PRO F 293 -2.96 -4.44 2.80
C PRO F 293 -3.60 -5.74 2.34
N TRP F 294 -3.08 -6.85 2.85
CA TRP F 294 -3.69 -8.14 2.57
C TRP F 294 -5.08 -8.21 3.19
N LYS F 295 -6.08 -8.53 2.37
CA LYS F 295 -7.44 -8.60 2.88
C LYS F 295 -7.61 -9.69 3.92
N LYS F 296 -6.79 -10.74 3.87
CA LYS F 296 -6.89 -11.86 4.79
C LYS F 296 -5.58 -12.63 4.75
N ILE F 297 -5.28 -13.36 5.82
CA ILE F 297 -4.12 -14.23 5.88
C ILE F 297 -4.53 -15.52 6.57
N LEU F 298 -4.16 -16.65 5.98
CA LEU F 298 -4.55 -17.97 6.45
C LEU F 298 -3.30 -18.85 6.52
N ILE F 299 -3.16 -19.60 7.61
CA ILE F 299 -2.03 -20.50 7.82
C ILE F 299 -2.54 -21.93 7.75
N CYS F 300 -1.95 -22.73 6.88
CA CYS F 300 -2.34 -24.12 6.68
C CYS F 300 -1.24 -25.04 7.16
N ALA F 301 -1.60 -26.02 7.98
CA ALA F 301 -0.64 -26.99 8.49
C ALA F 301 -1.30 -28.35 8.51
N GLU F 302 -0.56 -29.35 8.97
CA GLU F 302 -1.03 -30.72 9.02
C GLU F 302 -0.71 -31.31 10.39
N GLY F 303 -1.68 -32.04 10.94
CA GLY F 303 -1.49 -32.59 12.28
C GLY F 303 -0.32 -33.54 12.36
N LEU F 304 -0.22 -34.46 11.42
CA LEU F 304 0.92 -35.38 11.34
C LEU F 304 1.23 -35.62 9.88
N PHE F 305 2.45 -35.31 9.47
CA PHE F 305 2.87 -35.45 8.09
C PHE F 305 3.17 -36.92 7.82
N SER F 306 2.41 -37.53 6.92
CA SER F 306 2.55 -38.97 6.68
C SER F 306 3.60 -39.29 5.63
N MET F 307 4.75 -38.65 5.78
CA MET F 307 5.97 -39.06 5.10
C MET F 307 7.17 -38.94 6.02
N GLU F 308 7.05 -38.21 7.12
CA GLU F 308 8.11 -38.02 8.10
C GLU F 308 7.77 -38.61 9.45
N GLY F 309 6.49 -38.67 9.82
CA GLY F 309 6.10 -39.09 11.14
C GLY F 309 6.17 -38.02 12.20
N THR F 310 6.48 -36.79 11.81
CA THR F 310 6.64 -35.68 12.74
C THR F 310 5.30 -34.99 12.97
N LEU F 311 5.24 -34.23 14.06
CA LEU F 311 4.05 -33.49 14.45
C LEU F 311 4.25 -32.01 14.14
N CYS F 312 3.16 -31.26 14.21
CA CYS F 312 3.19 -29.82 14.02
C CYS F 312 3.22 -29.11 15.36
N ASN F 313 4.03 -28.06 15.46
CA ASN F 313 4.18 -27.32 16.71
C ASN F 313 2.92 -26.46 16.91
N LEU F 314 1.88 -27.11 17.39
CA LEU F 314 0.60 -26.43 17.58
C LEU F 314 0.65 -25.27 18.57
N PRO F 315 1.28 -25.39 19.75
CA PRO F 315 1.30 -24.23 20.68
C PRO F 315 1.91 -22.98 20.06
N LYS F 316 3.03 -23.12 19.34
CA LYS F 316 3.65 -21.94 18.74
C LYS F 316 2.78 -21.36 17.63
N LEU F 317 2.11 -22.23 16.87
CA LEU F 317 1.19 -21.75 15.84
C LEU F 317 0.04 -20.96 16.46
N VAL F 318 -0.52 -21.46 17.56
CA VAL F 318 -1.60 -20.75 18.22
C VAL F 318 -1.10 -19.42 18.78
N GLU F 319 0.12 -19.40 19.30
CA GLU F 319 0.70 -18.16 19.82
C GLU F 319 0.82 -17.11 18.72
N LEU F 320 1.43 -17.48 17.59
CA LEU F 320 1.58 -16.53 16.49
C LEU F 320 0.24 -16.11 15.93
N LYS F 321 -0.70 -17.05 15.91
CA LYS F 321 -2.04 -16.81 15.41
C LYS F 321 -2.70 -15.73 16.26
N LYS F 322 -2.59 -15.86 17.57
CA LYS F 322 -3.14 -14.87 18.48
C LYS F 322 -2.44 -13.52 18.31
N LYS F 323 -1.12 -13.53 18.18
CA LYS F 323 -0.36 -12.29 18.19
C LYS F 323 -0.60 -11.47 16.93
N TYR F 324 -0.50 -12.09 15.75
CA TYR F 324 -0.52 -11.34 14.50
C TYR F 324 -1.88 -11.34 13.80
N LYS F 325 -2.93 -11.85 14.45
CA LYS F 325 -4.29 -11.81 13.93
C LYS F 325 -4.46 -12.60 12.64
N CYS F 326 -3.79 -13.76 12.54
CA CYS F 326 -3.94 -14.63 11.40
C CYS F 326 -5.04 -15.66 11.69
N TYR F 327 -5.16 -16.66 10.82
CA TYR F 327 -6.12 -17.74 10.99
C TYR F 327 -5.41 -19.07 10.86
N LEU F 328 -6.00 -20.12 11.44
CA LEU F 328 -5.38 -21.43 11.49
C LEU F 328 -6.28 -22.47 10.86
N PHE F 329 -5.71 -23.31 10.00
CA PHE F 329 -6.41 -24.41 9.37
C PHE F 329 -5.56 -25.66 9.54
N ILE F 330 -6.10 -26.69 10.19
CA ILE F 330 -5.38 -27.90 10.52
C ILE F 330 -6.05 -29.07 9.83
N ASP F 331 -5.22 -29.98 9.29
CA ASP F 331 -5.70 -31.14 8.54
C ASP F 331 -5.34 -32.40 9.32
N GLU F 332 -6.32 -32.95 10.03
CA GLU F 332 -6.10 -34.12 10.88
C GLU F 332 -6.62 -35.37 10.20
N ALA F 333 -5.85 -35.86 9.23
CA ALA F 333 -6.21 -37.10 8.57
C ALA F 333 -5.55 -38.31 9.22
N HIS F 334 -4.27 -38.20 9.55
CA HIS F 334 -3.54 -39.27 10.21
C HIS F 334 -3.50 -39.11 11.72
N SER F 335 -4.03 -38.02 12.26
CA SER F 335 -3.99 -37.74 13.69
C SER F 335 -5.27 -38.15 14.40
N ILE F 336 -6.43 -37.84 13.81
CA ILE F 336 -7.69 -38.11 14.48
C ILE F 336 -7.89 -39.60 14.66
N GLY F 337 -8.47 -39.98 15.79
CA GLY F 337 -8.83 -41.36 16.03
C GLY F 337 -7.70 -42.26 16.51
N ALA F 338 -6.46 -41.90 16.21
CA ALA F 338 -5.35 -42.81 16.46
C ALA F 338 -4.29 -42.27 17.40
N MET F 339 -4.34 -40.99 17.78
CA MET F 339 -3.31 -40.43 18.63
C MET F 339 -3.95 -39.60 19.74
N GLY F 340 -3.25 -39.55 20.86
CA GLY F 340 -3.74 -38.87 22.05
C GLY F 340 -4.04 -39.85 23.16
N PRO F 341 -4.18 -39.34 24.38
CA PRO F 341 -4.57 -40.22 25.50
C PRO F 341 -5.88 -40.95 25.26
N THR F 342 -6.84 -40.30 24.61
CA THR F 342 -8.11 -40.94 24.28
C THR F 342 -8.43 -40.90 22.79
N GLY F 343 -7.54 -40.38 21.96
CA GLY F 343 -7.74 -40.41 20.52
C GLY F 343 -8.43 -39.21 19.93
N ARG F 344 -8.28 -38.04 20.51
CA ARG F 344 -8.95 -36.84 20.01
C ARG F 344 -8.11 -36.05 19.01
N GLY F 345 -6.87 -36.43 18.78
CA GLY F 345 -6.06 -35.74 17.79
C GLY F 345 -4.83 -35.08 18.34
N VAL F 346 -4.46 -33.92 17.78
CA VAL F 346 -3.29 -33.20 18.26
C VAL F 346 -3.68 -32.17 19.31
N CYS F 347 -4.91 -31.68 19.27
CA CYS F 347 -5.38 -30.78 20.32
C CYS F 347 -5.34 -31.47 21.68
N GLU F 348 -5.73 -32.73 21.73
CA GLU F 348 -5.62 -33.49 22.96
C GLU F 348 -4.17 -33.71 23.36
N ILE F 349 -3.30 -33.99 22.38
CA ILE F 349 -1.90 -34.28 22.69
C ILE F 349 -1.24 -33.06 23.32
N PHE F 350 -1.47 -31.89 22.74
CA PHE F 350 -0.87 -30.66 23.25
C PHE F 350 -1.71 -29.93 24.28
N GLY F 351 -2.76 -30.56 24.78
CA GLY F 351 -3.59 -29.90 25.78
C GLY F 351 -4.15 -28.57 25.33
N VAL F 352 -4.10 -28.29 24.04
CA VAL F 352 -4.63 -27.03 23.51
C VAL F 352 -6.14 -27.10 23.50
N ASP F 353 -6.78 -26.02 23.92
CA ASP F 353 -8.23 -25.93 23.86
C ASP F 353 -8.66 -25.94 22.39
N PRO F 354 -9.51 -26.88 21.97
CA PRO F 354 -9.88 -26.94 20.55
C PRO F 354 -10.87 -25.86 20.14
N LYS F 355 -10.51 -24.62 20.46
CA LYS F 355 -11.31 -23.45 20.14
C LYS F 355 -10.44 -22.39 19.45
N ASP F 356 -9.13 -22.43 19.69
CA ASP F 356 -8.22 -21.49 19.07
C ASP F 356 -7.86 -21.90 17.64
N VAL F 357 -8.31 -23.07 17.20
CA VAL F 357 -8.08 -23.54 15.84
C VAL F 357 -9.36 -23.28 15.05
N ASP F 358 -9.25 -22.45 14.01
CA ASP F 358 -10.43 -21.91 13.36
C ASP F 358 -11.19 -22.99 12.60
N ILE F 359 -10.50 -23.81 11.83
CA ILE F 359 -11.12 -24.87 11.02
C ILE F 359 -10.32 -26.15 11.20
N LEU F 360 -11.02 -27.24 11.45
CA LEU F 360 -10.43 -28.58 11.47
C LEU F 360 -11.13 -29.45 10.44
N MET F 361 -10.37 -30.26 9.72
CA MET F 361 -10.97 -31.24 8.82
C MET F 361 -10.14 -32.51 8.83
N GLY F 362 -10.78 -33.60 8.42
CA GLY F 362 -10.14 -34.89 8.40
C GLY F 362 -10.92 -35.86 7.55
N THR F 363 -10.53 -37.13 7.60
CA THR F 363 -11.17 -38.18 6.83
C THR F 363 -11.48 -39.36 7.73
N PHE F 364 -12.51 -40.11 7.35
CA PHE F 364 -12.85 -41.36 8.02
C PHE F 364 -12.18 -42.57 7.40
N THR F 365 -11.34 -42.37 6.39
CA THR F 365 -10.75 -43.50 5.66
C THR F 365 -9.61 -44.13 6.44
N1 LLP F 366 -5.66 -34.76 3.39
C2 LLP F 366 -4.58 -35.26 4.03
C2' LLP F 366 -3.72 -34.36 4.85
C3 LLP F 366 -4.27 -36.70 3.91
O3 LLP F 366 -3.18 -37.23 4.54
C4 LLP F 366 -5.15 -37.55 3.09
C4' LLP F 366 -4.84 -39.00 2.96
C5 LLP F 366 -6.31 -36.87 2.44
C6 LLP F 366 -6.49 -35.51 2.64
C5' LLP F 366 -7.32 -37.57 1.55
OP4 LLP F 366 -7.40 -38.97 1.79
P LLP F 366 -8.63 -39.83 1.20
OP1 LLP F 366 -8.08 -41.22 1.16
OP2 LLP F 366 -8.90 -39.23 -0.16
OP3 LLP F 366 -9.75 -39.63 2.17
N LLP F 366 -8.73 -43.33 7.01
CA LLP F 366 -7.52 -43.85 7.65
CB LLP F 366 -6.50 -42.73 7.82
CG LLP F 366 -5.62 -42.58 6.59
CD LLP F 366 -5.61 -41.16 6.07
CE LLP F 366 -5.24 -41.14 4.60
NZ LLP F 366 -5.24 -39.78 4.01
C LLP F 366 -7.61 -44.71 8.91
O LLP F 366 -6.99 -45.77 8.97
N SER F 367 -8.37 -44.29 9.90
CA SER F 367 -8.45 -45.04 11.14
C SER F 367 -9.84 -45.54 11.48
N PHE F 368 -10.86 -45.21 10.71
CA PHE F 368 -12.21 -45.64 11.00
C PHE F 368 -12.75 -46.69 10.04
N GLY F 369 -12.00 -47.07 9.01
CA GLY F 369 -12.44 -48.09 8.09
C GLY F 369 -13.73 -47.73 7.36
N ALA F 370 -13.79 -46.52 6.81
CA ALA F 370 -14.96 -46.05 6.08
C ALA F 370 -14.48 -45.11 4.98
N ALA F 371 -15.39 -44.29 4.46
CA ALA F 371 -15.05 -43.32 3.44
C ALA F 371 -15.73 -41.99 3.74
N GLY F 372 -15.10 -40.90 3.34
CA GLY F 372 -15.69 -39.59 3.49
C GLY F 372 -14.78 -38.65 4.24
N GLY F 373 -15.33 -37.49 4.58
CA GLY F 373 -14.58 -36.48 5.30
C GLY F 373 -15.52 -35.57 6.04
N TYR F 374 -14.94 -34.68 6.85
CA TYR F 374 -15.73 -33.79 7.68
C TYR F 374 -15.00 -32.46 7.84
N ILE F 375 -15.73 -31.45 8.29
CA ILE F 375 -15.18 -30.14 8.63
C ILE F 375 -15.89 -29.63 9.88
N ALA F 376 -15.14 -28.98 10.77
CA ALA F 376 -15.68 -28.53 12.05
C ALA F 376 -15.20 -27.12 12.35
N ALA F 377 -16.13 -26.26 12.77
CA ALA F 377 -15.82 -24.88 13.12
C ALA F 377 -16.95 -24.33 13.96
N ASP F 378 -16.94 -23.01 14.18
CA ASP F 378 -17.97 -22.34 14.97
C ASP F 378 -19.28 -22.30 14.19
N GLN F 379 -20.36 -21.92 14.87
CA GLN F 379 -21.70 -22.07 14.31
C GLN F 379 -21.93 -21.13 13.13
N TRP F 380 -21.57 -19.85 13.29
CA TRP F 380 -21.80 -18.91 12.19
C TRP F 380 -20.98 -19.29 10.96
N ILE F 381 -19.74 -19.74 11.18
CA ILE F 381 -18.91 -20.19 10.07
C ILE F 381 -19.57 -21.37 9.37
N ILE F 382 -20.10 -22.32 10.14
CA ILE F 382 -20.72 -23.49 9.55
C ILE F 382 -21.95 -23.12 8.75
N ASP F 383 -22.78 -22.21 9.27
CA ASP F 383 -23.98 -21.81 8.53
C ASP F 383 -23.62 -21.09 7.23
N ARG F 384 -22.64 -20.21 7.30
CA ARG F 384 -22.20 -19.49 6.11
C ARG F 384 -21.65 -20.45 5.07
N LEU F 385 -20.83 -21.39 5.50
CA LEU F 385 -20.26 -22.37 4.57
C LEU F 385 -21.32 -23.27 3.97
N ARG F 386 -22.25 -23.76 4.79
CA ARG F 386 -23.35 -24.56 4.27
C ARG F 386 -24.14 -23.79 3.24
N LEU F 387 -24.19 -22.47 3.37
CA LEU F 387 -24.81 -21.67 2.32
C LEU F 387 -23.93 -21.55 1.09
N ASP F 388 -22.60 -21.53 1.25
CA ASP F 388 -21.70 -21.15 0.17
C ASP F 388 -20.89 -22.29 -0.43
N LEU F 389 -20.83 -23.46 0.21
CA LEU F 389 -20.04 -24.56 -0.33
C LEU F 389 -20.67 -25.11 -1.60
N THR F 390 -19.82 -25.60 -2.49
CA THR F 390 -20.23 -26.11 -3.80
C THR F 390 -20.66 -27.57 -3.74
N THR F 391 -19.92 -28.40 -3.01
CA THR F 391 -20.23 -29.82 -2.95
C THR F 391 -21.55 -30.08 -2.23
N VAL F 392 -22.00 -29.14 -1.41
CA VAL F 392 -23.30 -29.31 -0.75
C VAL F 392 -24.42 -29.20 -1.79
N SER F 393 -24.24 -28.36 -2.80
CA SER F 393 -25.29 -28.08 -3.77
C SER F 393 -25.20 -28.92 -5.03
N TYR F 394 -24.01 -29.40 -5.41
CA TYR F 394 -23.84 -30.01 -6.71
C TYR F 394 -23.48 -31.48 -6.70
N SER F 395 -22.83 -31.99 -5.66
CA SER F 395 -22.34 -33.35 -5.66
C SER F 395 -23.22 -34.25 -4.82
N GLU F 396 -23.05 -35.55 -5.02
CA GLU F 396 -23.87 -36.56 -4.36
C GLU F 396 -23.64 -36.57 -2.85
N SER F 397 -24.57 -37.19 -2.14
CA SER F 397 -24.43 -37.39 -0.71
C SER F 397 -23.72 -38.72 -0.45
N MET F 398 -23.55 -39.06 0.86
CA MET F 398 -22.89 -40.35 0.98
C MET F 398 -23.91 -41.45 1.27
N PRO F 399 -23.58 -42.70 0.94
CA PRO F 399 -24.53 -43.79 1.19
C PRO F 399 -24.76 -44.08 2.66
N ALA F 400 -25.66 -45.00 2.95
CA ALA F 400 -26.03 -45.36 4.32
C ALA F 400 -25.03 -46.30 4.99
N PRO F 401 -24.56 -47.37 4.34
CA PRO F 401 -23.62 -48.27 5.03
C PRO F 401 -22.35 -47.59 5.50
N VAL F 402 -21.84 -46.64 4.72
CA VAL F 402 -20.65 -45.90 5.14
C VAL F 402 -20.94 -45.10 6.41
N LEU F 403 -22.11 -44.44 6.46
CA LEU F 403 -22.49 -43.69 7.64
C LEU F 403 -22.63 -44.59 8.85
N ALA F 404 -23.24 -45.76 8.67
CA ALA F 404 -23.39 -46.68 9.79
C ALA F 404 -22.04 -47.14 10.31
N GLN F 405 -21.12 -47.50 9.41
CA GLN F 405 -19.78 -47.89 9.84
C GLN F 405 -19.10 -46.78 10.61
N THR F 406 -19.16 -45.55 10.10
CA THR F 406 -18.51 -44.43 10.77
C THR F 406 -19.10 -44.18 12.14
N ILE F 407 -20.44 -44.23 12.25
CA ILE F 407 -21.09 -43.96 13.53
C ILE F 407 -20.73 -45.03 14.55
N SER F 408 -20.74 -46.30 14.13
CA SER F 408 -20.40 -47.38 15.05
C SER F 408 -18.95 -47.26 15.51
N SER F 409 -18.03 -46.93 14.59
CA SER F 409 -16.64 -46.79 14.99
C SER F 409 -16.45 -45.62 15.95
N LEU F 410 -17.12 -44.49 15.68
CA LEU F 410 -17.00 -43.34 16.56
C LEU F 410 -17.53 -43.65 17.95
N GLN F 411 -18.67 -44.34 18.03
CA GLN F 411 -19.21 -44.71 19.33
C GLN F 411 -18.29 -45.68 20.06
N THR F 412 -17.72 -46.65 19.35
CA THR F 412 -16.83 -47.62 19.99
C THR F 412 -15.60 -46.93 20.55
N ILE F 413 -14.99 -46.02 19.78
CA ILE F 413 -13.81 -45.34 20.27
C ILE F 413 -14.16 -44.40 21.42
N SER F 414 -15.30 -43.71 21.32
CA SER F 414 -15.75 -42.82 22.38
C SER F 414 -16.08 -43.56 23.67
N GLY F 415 -16.32 -44.87 23.62
CA GLY F 415 -16.61 -45.62 24.81
C GLY F 415 -18.07 -45.83 25.12
N GLU F 416 -18.96 -45.51 24.17
CA GLU F 416 -20.39 -45.60 24.42
C GLU F 416 -20.95 -47.01 24.26
N ILE F 417 -20.31 -47.85 23.45
CA ILE F 417 -20.71 -49.24 23.28
C ILE F 417 -19.47 -50.11 23.41
N CYS F 418 -19.67 -51.36 23.87
CA CYS F 418 -18.62 -52.33 24.16
C CYS F 418 -17.45 -51.62 24.84
N PRO F 419 -17.61 -51.24 26.11
CA PRO F 419 -16.71 -50.23 26.70
C PRO F 419 -15.24 -50.63 26.76
N GLY F 420 -14.91 -51.92 26.71
CA GLY F 420 -13.54 -52.32 26.88
C GLY F 420 -12.67 -52.17 25.64
N GLN F 421 -13.27 -52.12 24.46
CA GLN F 421 -12.51 -52.30 23.22
C GLN F 421 -11.70 -51.07 22.84
N GLY F 422 -12.24 -49.86 23.03
CA GLY F 422 -11.57 -48.67 22.54
C GLY F 422 -10.22 -48.45 23.19
N THR F 423 -10.18 -48.56 24.52
CA THR F 423 -8.91 -48.38 25.23
C THR F 423 -7.92 -49.48 24.86
N GLU F 424 -8.41 -50.71 24.68
CA GLU F 424 -7.53 -51.80 24.27
C GLU F 424 -6.89 -51.50 22.92
N ARG F 425 -7.68 -51.04 21.96
CA ARG F 425 -7.15 -50.74 20.64
C ARG F 425 -6.12 -49.61 20.71
N LEU F 426 -6.45 -48.54 21.41
CA LEU F 426 -5.54 -47.40 21.48
C LEU F 426 -4.23 -47.79 22.15
N GLN F 427 -4.30 -48.54 23.25
CA GLN F 427 -3.08 -48.93 23.93
C GLN F 427 -2.27 -49.92 23.11
N ARG F 428 -2.94 -50.82 22.37
CA ARG F 428 -2.21 -51.76 21.52
C ARG F 428 -1.42 -51.02 20.46
N ILE F 429 -2.05 -50.09 19.75
CA ILE F 429 -1.30 -49.40 18.69
C ILE F 429 -0.18 -48.55 19.30
N ALA F 430 -0.45 -47.90 20.43
CA ALA F 430 0.58 -47.08 21.06
C ALA F 430 1.78 -47.92 21.47
N PHE F 431 1.55 -49.13 21.97
CA PHE F 431 2.66 -49.99 22.34
C PHE F 431 3.41 -50.49 21.12
N ASN F 432 2.68 -50.92 20.09
CA ASN F 432 3.32 -51.51 18.91
C ASN F 432 4.25 -50.51 18.23
N SER F 433 3.80 -49.27 18.08
CA SER F 433 4.63 -48.28 17.39
C SER F 433 5.94 -48.05 18.14
N ARG F 434 5.87 -47.86 19.45
CA ARG F 434 7.07 -47.62 20.24
C ARG F 434 8.00 -48.82 20.21
N TYR F 435 7.44 -50.03 20.32
CA TYR F 435 8.27 -51.22 20.30
C TYR F 435 9.03 -51.34 19.00
N LEU F 436 8.35 -51.19 17.86
CA LEU F 436 9.02 -51.33 16.58
C LEU F 436 10.06 -50.22 16.38
N ARG F 437 9.72 -48.98 16.75
CA ARG F 437 10.68 -47.90 16.56
C ARG F 437 11.95 -48.13 17.37
N LEU F 438 11.80 -48.51 18.64
CA LEU F 438 12.97 -48.73 19.47
C LEU F 438 13.79 -49.91 18.97
N ALA F 439 13.14 -50.99 18.55
CA ALA F 439 13.88 -52.15 18.07
C ALA F 439 14.65 -51.82 16.80
N LEU F 440 14.02 -51.11 15.86
CA LEU F 440 14.72 -50.75 14.63
C LEU F 440 15.87 -49.81 14.91
N GLN F 441 15.70 -48.86 15.83
CA GLN F 441 16.78 -47.94 16.13
C GLN F 441 17.93 -48.62 16.86
N ARG F 442 17.64 -49.66 17.65
CA ARG F 442 18.72 -50.37 18.32
C ARG F 442 19.46 -51.29 17.37
N LEU F 443 18.74 -51.92 16.44
CA LEU F 443 19.41 -52.82 15.49
C LEU F 443 20.36 -52.06 14.57
N GLY F 444 20.13 -50.77 14.36
CA GLY F 444 21.08 -49.97 13.62
C GLY F 444 20.57 -49.31 12.36
N PHE F 445 19.27 -49.08 12.27
CA PHE F 445 18.70 -48.42 11.11
C PHE F 445 18.47 -46.94 11.40
N ILE F 446 18.03 -46.22 10.38
CA ILE F 446 17.64 -44.81 10.49
C ILE F 446 16.13 -44.74 10.40
N VAL F 447 15.50 -44.25 11.47
CA VAL F 447 14.05 -44.24 11.60
C VAL F 447 13.59 -42.84 11.97
N TYR F 448 12.62 -42.32 11.24
CA TYR F 448 12.05 -41.00 11.52
C TYR F 448 10.87 -41.14 12.49
N GLY F 449 10.11 -40.07 12.65
CA GLY F 449 8.98 -40.06 13.55
C GLY F 449 9.38 -39.66 14.95
N VAL F 450 8.38 -39.45 15.81
CA VAL F 450 8.70 -38.91 17.12
C VAL F 450 8.81 -39.99 18.20
N ALA F 451 7.68 -40.52 18.68
CA ALA F 451 7.74 -41.66 19.59
C ALA F 451 6.54 -42.58 19.43
N ASP F 452 5.40 -42.02 19.06
CA ASP F 452 4.20 -42.84 18.97
C ASP F 452 3.52 -42.88 17.60
N SER F 453 4.05 -42.14 16.64
CA SER F 453 3.43 -42.12 15.34
C SER F 453 3.30 -43.54 14.81
N PRO F 454 2.13 -43.93 14.30
CA PRO F 454 1.99 -45.23 13.64
C PRO F 454 2.62 -45.30 12.26
N VAL F 455 3.28 -44.23 11.82
CA VAL F 455 4.00 -44.18 10.56
C VAL F 455 5.48 -44.21 10.86
N ILE F 456 6.18 -45.21 10.33
CA ILE F 456 7.57 -45.46 10.70
C ILE F 456 8.44 -45.52 9.45
N PRO F 457 8.88 -44.37 8.92
CA PRO F 457 9.73 -44.39 7.72
C PRO F 457 11.09 -45.03 8.01
N LEU F 458 11.64 -45.69 7.01
CA LEU F 458 12.96 -46.31 7.09
C LEU F 458 13.72 -45.99 5.81
N LEU F 459 14.81 -45.25 5.95
CA LEU F 459 15.49 -44.66 4.80
C LEU F 459 16.33 -45.70 4.07
N LEU F 460 16.45 -45.53 2.76
CA LEU F 460 17.22 -46.44 1.90
C LEU F 460 18.38 -45.78 1.19
N TYR F 461 18.17 -44.58 0.64
CA TYR F 461 19.22 -43.72 0.10
C TYR F 461 19.81 -44.19 -1.22
N CYS F 462 19.44 -45.38 -1.70
CA CYS F 462 19.99 -45.89 -2.95
C CYS F 462 18.86 -46.34 -3.86
N PRO F 463 18.82 -45.86 -5.11
CA PRO F 463 17.69 -46.21 -5.98
C PRO F 463 17.56 -47.68 -6.29
N SER F 464 18.64 -48.46 -6.18
CA SER F 464 18.57 -49.88 -6.49
C SER F 464 18.28 -50.74 -5.26
N LYS F 465 18.18 -50.15 -4.07
CA LYS F 465 17.83 -50.93 -2.89
C LYS F 465 16.33 -50.94 -2.64
N MET F 466 15.55 -50.20 -3.43
CA MET F 466 14.09 -50.27 -3.30
C MET F 466 13.54 -51.55 -3.89
N PRO F 467 13.78 -51.87 -5.17
CA PRO F 467 13.23 -53.13 -5.70
C PRO F 467 13.73 -54.35 -4.97
N ALA F 468 15.00 -54.35 -4.56
CA ALA F 468 15.54 -55.48 -3.84
C ALA F 468 14.81 -55.70 -2.53
N PHE F 469 14.66 -54.64 -1.73
CA PHE F 469 13.96 -54.76 -0.46
C PHE F 469 12.53 -55.24 -0.67
N SER F 470 11.82 -54.65 -1.62
CA SER F 470 10.44 -55.02 -1.85
C SER F 470 10.32 -56.48 -2.27
N ARG F 471 11.17 -56.94 -3.18
CA ARG F 471 11.05 -58.29 -3.69
C ARG F 471 11.45 -59.34 -2.66
N MET F 472 12.52 -59.10 -1.89
CA MET F 472 12.83 -60.05 -0.84
C MET F 472 11.74 -60.12 0.21
N MET F 473 11.20 -58.97 0.64
CA MET F 473 10.14 -59.02 1.62
C MET F 473 8.89 -59.72 1.06
N LEU F 474 8.64 -59.59 -0.24
CA LEU F 474 7.53 -60.33 -0.82
C LEU F 474 7.81 -61.82 -0.83
N GLN F 475 9.08 -62.18 -0.98
CA GLN F 475 9.51 -63.56 -0.97
C GLN F 475 9.29 -64.17 0.41
N ARG F 476 9.42 -63.36 1.45
CA ARG F 476 9.25 -63.85 2.81
C ARG F 476 7.82 -63.67 3.34
N ARG F 477 6.94 -63.17 2.49
CA ARG F 477 5.54 -62.95 2.86
C ARG F 477 5.37 -61.75 3.80
N ILE F 478 5.86 -60.59 3.35
CA ILE F 478 5.64 -59.32 4.03
C ILE F 478 5.33 -58.28 2.96
N ALA F 479 4.28 -57.49 3.18
CA ALA F 479 3.83 -56.49 2.21
C ALA F 479 4.22 -55.10 2.68
N VAL F 480 5.04 -54.40 1.89
CA VAL F 480 5.57 -53.10 2.24
C VAL F 480 5.38 -52.14 1.08
N VAL F 481 5.60 -50.86 1.37
CA VAL F 481 5.41 -49.77 0.40
C VAL F 481 6.71 -48.99 0.30
N VAL F 482 7.13 -48.68 -0.93
CA VAL F 482 8.33 -47.90 -1.20
C VAL F 482 7.93 -46.62 -1.93
N VAL F 483 8.59 -45.52 -1.61
CA VAL F 483 8.28 -44.22 -2.20
C VAL F 483 9.53 -43.63 -2.84
N ALA F 484 9.35 -43.14 -4.07
CA ALA F 484 10.46 -42.68 -4.91
C ALA F 484 10.70 -41.18 -4.84
N TYR F 485 11.48 -40.66 -5.79
CA TYR F 485 11.93 -39.27 -5.87
C TYR F 485 10.80 -38.25 -6.06
N PRO F 486 9.85 -38.44 -6.97
CA PRO F 486 8.82 -37.40 -7.14
C PRO F 486 8.04 -37.11 -5.88
N ALA F 487 7.94 -38.07 -4.95
CA ALA F 487 7.18 -37.88 -3.72
C ALA F 487 8.06 -37.47 -2.55
N THR F 488 9.34 -37.85 -2.54
CA THR F 488 10.25 -37.57 -1.45
C THR F 488 11.55 -37.00 -2.01
N PRO F 489 12.28 -36.20 -1.21
CA PRO F 489 13.53 -35.61 -1.70
C PRO F 489 14.45 -36.61 -2.38
N LEU F 490 15.04 -36.20 -3.51
CA LEU F 490 15.83 -37.05 -4.40
C LEU F 490 16.79 -37.97 -3.67
N ILE F 491 17.48 -37.45 -2.67
CA ILE F 491 18.56 -38.17 -2.01
C ILE F 491 18.00 -39.08 -0.93
N GLU F 492 16.70 -39.02 -0.69
CA GLU F 492 16.08 -39.77 0.41
C GLU F 492 14.86 -40.54 -0.08
N SER F 493 15.07 -41.78 -0.51
CA SER F 493 13.99 -42.71 -0.76
C SER F 493 13.85 -43.62 0.45
N ARG F 494 12.65 -44.13 0.69
CA ARG F 494 12.39 -44.84 1.94
C ARG F 494 11.28 -45.85 1.75
N VAL F 495 11.23 -46.81 2.67
CA VAL F 495 10.07 -47.66 2.88
C VAL F 495 9.29 -47.08 4.04
N ARG F 496 7.97 -47.16 3.97
CA ARG F 496 7.14 -46.60 5.02
C ARG F 496 6.22 -47.63 5.63
N PHE F 497 6.48 -47.99 6.89
CA PHE F 497 5.65 -48.94 7.59
C PHE F 497 4.42 -48.24 8.14
N CYS F 498 3.29 -48.93 8.11
CA CYS F 498 2.06 -48.47 8.72
C CYS F 498 1.64 -49.50 9.75
N MET F 499 1.98 -49.23 11.01
CA MET F 499 1.63 -50.13 12.10
C MET F 499 0.13 -50.10 12.36
N SER F 500 -0.41 -51.22 12.80
CA SER F 500 -1.82 -51.35 13.13
C SER F 500 -1.99 -51.87 14.54
N ALA F 501 -3.22 -51.76 15.05
CA ALA F 501 -3.55 -52.29 16.37
C ALA F 501 -3.93 -53.76 16.33
N SER F 502 -3.93 -54.37 15.14
CA SER F 502 -4.30 -55.77 15.01
C SER F 502 -3.10 -56.70 14.88
N LEU F 503 -1.89 -56.21 15.17
CA LEU F 503 -0.69 -57.01 15.09
C LEU F 503 -0.21 -57.39 16.48
N THR F 504 0.10 -58.67 16.66
CA THR F 504 0.57 -59.22 17.93
C THR F 504 2.10 -59.15 17.99
N LYS F 505 2.63 -59.10 19.21
CA LYS F 505 4.07 -58.97 19.41
C LYS F 505 4.85 -60.09 18.71
N GLU F 506 4.26 -61.29 18.60
CA GLU F 506 4.91 -62.35 17.87
C GLU F 506 5.13 -61.96 16.41
N ASP F 507 4.13 -61.31 15.80
CA ASP F 507 4.28 -60.86 14.43
C ASP F 507 5.40 -59.83 14.31
N ILE F 508 5.50 -58.93 15.28
CA ILE F 508 6.55 -57.93 15.24
C ILE F 508 7.92 -58.59 15.39
N ASP F 509 8.01 -59.65 16.20
CA ASP F 509 9.28 -60.37 16.33
C ASP F 509 9.68 -61.05 15.03
N TYR F 510 8.69 -61.65 14.37
CA TYR F 510 8.86 -62.32 13.09
C TYR F 510 9.39 -61.32 12.06
N LEU F 511 8.77 -60.16 12.00
CA LEU F 511 9.17 -59.09 11.10
C LEU F 511 10.55 -58.58 11.45
N LEU F 512 10.86 -58.44 12.74
CA LEU F 512 12.16 -57.93 13.15
C LEU F 512 13.28 -58.84 12.71
N ARG F 513 13.11 -60.15 12.88
CA ARG F 513 14.15 -61.09 12.46
C ARG F 513 14.38 -61.01 10.96
N HIS F 514 13.30 -61.06 10.18
CA HIS F 514 13.47 -61.02 8.73
C HIS F 514 14.06 -59.70 8.27
N VAL F 515 13.64 -58.59 8.86
CA VAL F 515 14.16 -57.28 8.48
C VAL F 515 15.63 -57.17 8.83
N SER F 516 16.02 -57.68 10.00
CA SER F 516 17.43 -57.63 10.37
C SER F 516 18.28 -58.40 9.38
N GLU F 517 17.85 -59.58 9.02
CA GLU F 517 18.59 -60.40 8.06
C GLU F 517 18.68 -59.78 6.67
N VAL F 518 17.59 -59.19 6.18
CA VAL F 518 17.60 -58.57 4.86
C VAL F 518 18.42 -57.30 4.85
N GLY F 519 18.27 -56.44 5.87
CA GLY F 519 19.04 -55.22 5.93
C GLY F 519 20.51 -55.43 6.22
N ASP F 520 20.87 -56.55 6.83
CA ASP F 520 22.28 -56.88 6.96
C ASP F 520 22.85 -57.35 5.63
N LYS F 521 22.04 -58.05 4.84
CA LYS F 521 22.51 -58.51 3.53
C LYS F 521 22.57 -57.38 2.51
N LEU F 522 21.72 -56.36 2.64
CA LEU F 522 21.69 -55.24 1.72
C LEU F 522 22.53 -54.06 2.18
N ASN F 523 23.27 -54.20 3.27
CA ASN F 523 24.09 -53.11 3.80
C ASN F 523 23.26 -51.86 4.06
N LEU F 524 22.31 -51.95 4.98
CA LEU F 524 21.43 -50.84 5.31
C LEU F 524 21.61 -50.30 6.72
N LYS F 525 22.29 -51.05 7.60
CA LYS F 525 22.47 -50.61 8.98
C LYS F 525 23.57 -49.54 9.03
N SER F 526 23.16 -48.31 8.74
CA SER F 526 24.07 -47.17 8.69
C SER F 526 23.68 -46.11 9.71
N ASN F 527 23.20 -46.55 10.88
CA ASN F 527 22.82 -45.60 11.92
C ASN F 527 24.06 -45.01 12.58
N SER F 528 23.96 -43.73 12.93
CA SER F 528 25.02 -43.04 13.65
C SER F 528 24.79 -43.16 15.14
N GLY F 529 25.58 -42.43 15.93
CA GLY F 529 25.34 -42.30 17.35
C GLY F 529 24.48 -41.12 17.72
N LYS F 530 23.98 -40.40 16.72
CA LYS F 530 23.13 -39.23 16.94
C LYS F 530 21.66 -39.59 17.13
N SER F 531 21.38 -40.88 17.23
CA SER F 531 20.02 -41.36 17.41
C SER F 531 19.97 -42.34 18.59
N SER F 532 20.61 -41.95 19.68
CA SER F 532 20.58 -42.77 20.88
C SER F 532 20.65 -41.85 22.08
N TYR F 533 20.06 -42.29 23.18
CA TYR F 533 20.00 -41.44 24.35
C TYR F 533 21.39 -41.23 24.96
N ASP F 534 22.31 -42.18 24.75
CA ASP F 534 23.66 -42.02 25.30
C ASP F 534 24.53 -41.14 24.40
N GLY F 535 24.75 -41.57 23.16
CA GLY F 535 25.61 -40.86 22.25
C GLY F 535 26.42 -41.82 21.41
N LYS F 536 26.59 -43.03 21.93
CA LYS F 536 27.35 -44.07 21.24
C LYS F 536 26.47 -44.89 20.33
N ARG F 537 26.94 -45.11 19.10
CA ARG F 537 26.19 -45.88 18.12
C ARG F 537 25.99 -47.32 18.59
N GLN F 538 24.88 -47.92 18.17
CA GLN F 538 24.46 -49.24 18.61
C GLN F 538 24.40 -50.19 17.43
N ARG F 539 24.88 -51.41 17.64
CA ARG F 539 24.81 -52.48 16.65
C ARG F 539 24.43 -53.78 17.36
N TRP F 540 23.39 -53.72 18.19
CA TRP F 540 23.02 -54.84 19.05
C TRP F 540 22.74 -56.09 18.23
N ASP F 541 22.67 -57.20 18.95
CA ASP F 541 22.31 -58.50 18.40
C ASP F 541 20.80 -58.66 18.41
N ILE F 542 20.29 -59.51 17.53
CA ILE F 542 18.84 -59.66 17.38
C ILE F 542 18.20 -60.23 18.64
N GLU F 543 18.80 -61.27 19.22
CA GLU F 543 18.16 -61.93 20.35
C GLU F 543 18.18 -61.04 21.59
N GLU F 544 19.27 -60.33 21.79
CA GLU F 544 19.39 -59.43 22.93
C GLU F 544 18.38 -58.29 22.86
N VAL F 545 18.20 -57.72 21.67
CA VAL F 545 17.25 -56.63 21.52
C VAL F 545 15.82 -57.14 21.65
N ILE F 546 15.53 -58.33 21.12
CA ILE F 546 14.20 -58.91 21.26
C ILE F 546 13.89 -59.15 22.74
N ARG F 547 14.87 -59.63 23.50
CA ARG F 547 14.62 -59.93 24.90
C ARG F 547 14.49 -58.68 25.75
N ARG F 548 15.25 -57.64 25.42
CA ARG F 548 15.37 -56.50 26.33
C ARG F 548 14.58 -55.27 25.90
N THR F 549 13.93 -55.27 24.73
CA THR F 549 13.16 -54.10 24.33
C THR F 549 11.75 -53.99 24.91
N PRO F 550 10.97 -55.07 25.04
CA PRO F 550 9.54 -54.91 25.35
C PRO F 550 9.22 -54.08 26.58
N GLU F 551 10.04 -54.17 27.61
CA GLU F 551 9.83 -53.44 28.84
C GLU F 551 10.47 -52.05 28.78
N ASP F 552 11.58 -51.95 28.09
CA ASP F 552 12.29 -50.68 27.97
C ASP F 552 11.60 -49.70 27.03
N CYS F 553 10.71 -50.18 26.16
CA CYS F 553 10.01 -49.28 25.26
C CYS F 553 8.96 -48.42 25.96
N LYS F 554 8.62 -48.73 27.22
CA LYS F 554 7.61 -47.97 27.94
C LYS F 554 8.19 -46.78 28.69
N ASP F 555 9.50 -46.57 28.61
CA ASP F 555 10.13 -45.46 29.30
C ASP F 555 10.44 -44.30 28.35
N ASP F 556 9.92 -43.11 28.64
CA ASP F 556 10.17 -41.97 27.78
C ASP F 556 11.57 -41.42 27.99
N LYS F 557 12.57 -42.28 27.95
CA LYS F 557 13.95 -41.90 28.18
C LYS F 557 14.88 -42.27 27.04
N TYR F 558 14.61 -43.38 26.34
CA TYR F 558 15.45 -43.80 25.24
C TYR F 558 15.11 -43.12 23.93
N PHE F 559 13.92 -42.52 23.81
CA PHE F 559 13.49 -41.90 22.57
C PHE F 559 14.04 -40.49 22.50
N VAL F 560 14.92 -40.24 21.52
CA VAL F 560 15.51 -38.91 21.35
C VAL F 560 14.44 -37.90 20.96
N ASN F 561 13.60 -38.27 20.00
CA ASN F 561 12.52 -37.37 19.57
C ASN F 561 11.34 -37.41 20.52
N GLU G 56 6.56 -13.14 -15.30
CA GLU G 56 5.27 -13.67 -15.71
C GLU G 56 4.14 -12.97 -14.98
N THR G 57 2.91 -13.30 -15.35
CA THR G 57 1.73 -12.67 -14.76
C THR G 57 1.45 -13.27 -13.39
N PHE G 58 0.30 -12.91 -12.82
CA PHE G 58 0.00 -13.32 -11.44
C PHE G 58 -0.23 -14.82 -11.33
N GLU G 59 -1.03 -15.38 -12.23
CA GLU G 59 -1.37 -16.80 -12.15
C GLU G 59 -0.14 -17.68 -12.36
N ASP G 60 0.70 -17.32 -13.33
CA ASP G 60 1.91 -18.10 -13.58
C ASP G 60 2.85 -18.07 -12.38
N GLU G 61 3.02 -16.89 -11.78
CA GLU G 61 3.88 -16.80 -10.60
C GLU G 61 3.30 -17.57 -9.43
N ASN G 62 1.97 -17.55 -9.26
CA ASN G 62 1.35 -18.33 -8.20
C ASN G 62 1.57 -19.82 -8.41
N ASP G 63 1.44 -20.29 -9.65
CA ASP G 63 1.69 -21.70 -9.95
C ASP G 63 3.14 -22.05 -9.65
N GLN G 64 4.07 -21.18 -10.02
CA GLN G 64 5.49 -21.44 -9.76
C GLN G 64 5.76 -21.48 -8.26
N GLN G 65 5.16 -20.58 -7.49
CA GLN G 65 5.44 -20.46 -6.06
C GLN G 65 4.64 -21.42 -5.20
N MET G 66 3.65 -22.11 -5.79
CA MET G 66 2.78 -22.98 -5.01
C MET G 66 3.44 -24.27 -4.57
N LEU G 67 4.56 -24.63 -5.17
CA LEU G 67 5.21 -25.91 -4.89
C LEU G 67 6.71 -25.77 -5.11
N PRO G 68 7.53 -26.32 -4.22
CA PRO G 68 8.98 -26.31 -4.46
C PRO G 68 9.33 -27.05 -5.74
N ASN G 69 10.31 -26.54 -6.47
CA ASN G 69 10.71 -27.11 -7.75
C ASN G 69 11.59 -28.33 -7.49
N MET G 70 11.04 -29.52 -7.74
CA MET G 70 11.78 -30.75 -7.46
C MET G 70 12.96 -30.94 -8.40
N ALA G 71 12.98 -30.25 -9.54
CA ALA G 71 14.05 -30.39 -10.52
C ALA G 71 15.17 -29.38 -10.32
N ALA G 72 15.03 -28.47 -9.36
CA ALA G 72 16.07 -27.47 -9.12
C ALA G 72 16.27 -27.19 -7.64
N THR G 73 16.06 -28.20 -6.78
CA THR G 73 16.22 -28.02 -5.35
C THR G 73 17.27 -28.93 -4.74
N TRP G 74 17.61 -30.04 -5.40
CA TRP G 74 18.58 -30.99 -4.88
C TRP G 74 19.99 -30.40 -4.79
N VAL G 75 20.23 -29.26 -5.44
CA VAL G 75 21.57 -28.72 -5.60
C VAL G 75 22.05 -28.13 -4.27
N ASP G 76 21.11 -27.88 -3.36
CA ASP G 76 21.45 -27.36 -2.05
C ASP G 76 21.59 -28.42 -0.97
N GLN G 77 21.43 -29.70 -1.30
CA GLN G 77 21.40 -30.74 -0.29
C GLN G 77 22.80 -31.24 0.07
N ARG G 78 22.87 -32.26 0.91
CA ARG G 78 24.14 -32.78 1.40
C ARG G 78 24.84 -33.50 0.25
N GLY G 79 26.14 -33.25 0.11
CA GLY G 79 26.95 -33.88 -0.91
C GLY G 79 26.82 -33.28 -2.29
N ALA G 80 25.99 -32.24 -2.45
CA ALA G 80 25.77 -31.66 -3.77
C ALA G 80 26.94 -30.84 -4.27
N TRP G 81 27.92 -30.56 -3.42
CA TRP G 81 29.13 -29.85 -3.83
C TRP G 81 30.28 -30.80 -4.14
N LEU G 82 30.55 -31.74 -3.23
CA LEU G 82 31.63 -32.71 -3.44
C LEU G 82 31.41 -33.58 -4.67
N ILE G 83 30.18 -33.71 -5.14
CA ILE G 83 29.95 -34.53 -6.33
C ILE G 83 30.58 -33.92 -7.57
N HIS G 84 30.60 -32.59 -7.69
CA HIS G 84 31.19 -31.95 -8.84
C HIS G 84 32.71 -32.10 -8.85
N ILE G 85 33.32 -32.21 -7.68
CA ILE G 85 34.75 -32.50 -7.59
C ILE G 85 35.05 -33.98 -7.79
N VAL G 86 34.17 -34.87 -7.32
CA VAL G 86 34.38 -36.30 -7.47
C VAL G 86 34.21 -36.77 -8.92
N VAL G 87 33.23 -36.23 -9.65
CA VAL G 87 33.12 -36.59 -11.06
C VAL G 87 34.31 -36.13 -11.88
N ILE G 88 35.11 -35.21 -11.35
CA ILE G 88 36.28 -34.73 -12.07
C ILE G 88 37.47 -35.65 -11.88
N VAL G 89 37.68 -36.15 -10.65
CA VAL G 89 38.77 -37.08 -10.39
C VAL G 89 38.62 -38.40 -11.11
N LEU G 90 37.40 -38.81 -11.45
CA LEU G 90 37.18 -40.03 -12.22
C LEU G 90 37.55 -39.86 -13.68
N LEU G 91 37.26 -38.71 -14.28
CA LEU G 91 37.66 -38.44 -15.65
C LEU G 91 39.17 -38.48 -15.82
N ARG G 92 39.92 -37.99 -14.84
CA ARG G 92 41.37 -38.08 -14.87
C ARG G 92 41.87 -39.52 -14.88
N LEU G 93 41.30 -40.38 -14.04
CA LEU G 93 41.72 -41.78 -13.99
C LEU G 93 41.24 -42.58 -15.19
N PHE G 94 40.20 -42.14 -15.88
CA PHE G 94 39.75 -42.82 -17.09
C PHE G 94 40.55 -42.40 -18.33
N TYR G 95 40.75 -41.10 -18.54
CA TYR G 95 41.54 -40.66 -19.66
C TYR G 95 43.01 -41.02 -19.52
N SER G 96 43.52 -41.11 -18.28
CA SER G 96 44.84 -41.71 -18.08
C SER G 96 44.84 -43.19 -18.44
N LEU G 97 43.76 -43.90 -18.14
CA LEU G 97 43.64 -45.30 -18.53
C LEU G 97 43.65 -45.45 -20.05
N PHE G 98 43.17 -44.44 -20.79
CA PHE G 98 43.37 -44.45 -22.23
C PHE G 98 44.83 -44.63 -22.60
N GLY G 99 45.74 -43.98 -21.87
CA GLY G 99 47.16 -44.21 -22.03
C GLY G 99 47.91 -43.22 -22.90
N SER G 100 47.45 -41.98 -23.00
CA SER G 100 48.10 -40.99 -23.84
C SER G 100 48.95 -40.05 -23.00
N THR G 101 49.54 -39.04 -23.66
CA THR G 101 50.39 -38.05 -23.03
C THR G 101 49.57 -37.14 -22.10
N PRO G 102 50.19 -36.63 -21.02
CA PRO G 102 49.44 -35.87 -20.01
C PRO G 102 48.56 -34.75 -20.56
N LYS G 103 49.07 -33.98 -21.52
CA LYS G 103 48.32 -32.82 -21.99
C LYS G 103 47.01 -33.25 -22.66
N TRP G 104 47.04 -34.33 -23.43
CA TRP G 104 45.82 -34.83 -24.06
C TRP G 104 44.81 -35.26 -23.01
N THR G 105 45.26 -35.96 -21.98
CA THR G 105 44.36 -36.40 -20.93
C THR G 105 43.71 -35.21 -20.24
N TRP G 106 44.51 -34.20 -19.91
CA TRP G 106 43.99 -33.04 -19.20
C TRP G 106 43.00 -32.26 -20.05
N THR G 107 43.34 -32.05 -21.32
CA THR G 107 42.43 -31.30 -22.18
C THR G 107 41.14 -32.08 -22.43
N LEU G 108 41.22 -33.40 -22.55
CA LEU G 108 40.01 -34.21 -22.70
C LEU G 108 39.13 -34.11 -21.47
N THR G 109 39.75 -34.20 -20.29
CA THR G 109 39.02 -34.06 -19.03
C THR G 109 38.26 -32.74 -18.97
N ASN G 110 38.98 -31.64 -19.16
CA ASN G 110 38.37 -30.31 -19.11
C ASN G 110 37.27 -30.11 -20.14
N MET G 111 37.50 -30.57 -21.35
CA MET G 111 36.52 -30.43 -22.42
C MET G 111 35.25 -31.22 -22.11
N THR G 112 35.39 -32.49 -21.72
CA THR G 112 34.20 -33.31 -21.49
C THR G 112 33.41 -32.78 -20.31
N TYR G 113 34.10 -32.34 -19.25
CA TYR G 113 33.35 -31.81 -18.11
C TYR G 113 32.55 -30.58 -18.51
N ILE G 114 33.17 -29.66 -19.24
CA ILE G 114 32.47 -28.42 -19.60
C ILE G 114 31.29 -28.72 -20.51
N ILE G 115 31.49 -29.60 -21.49
CA ILE G 115 30.42 -29.90 -22.43
C ILE G 115 29.26 -30.61 -21.73
N GLY G 116 29.57 -31.58 -20.85
CA GLY G 116 28.52 -32.24 -20.11
C GLY G 116 27.75 -31.28 -19.22
N PHE G 117 28.46 -30.40 -18.52
CA PHE G 117 27.80 -29.44 -17.65
C PHE G 117 26.88 -28.54 -18.45
N TYR G 118 27.33 -28.09 -19.63
CA TYR G 118 26.48 -27.24 -20.45
C TYR G 118 25.25 -27.99 -20.93
N ILE G 119 25.44 -29.20 -21.47
CA ILE G 119 24.32 -29.94 -22.04
C ILE G 119 23.32 -30.34 -20.96
N MET G 120 23.76 -30.38 -19.70
CA MET G 120 22.85 -30.71 -18.62
C MET G 120 22.12 -29.48 -18.07
N PHE G 121 22.85 -28.40 -17.79
CA PHE G 121 22.29 -27.26 -17.08
C PHE G 121 21.79 -26.14 -17.97
N HIS G 122 22.04 -26.18 -19.28
CA HIS G 122 21.77 -25.02 -20.12
C HIS G 122 21.00 -25.31 -21.40
N LEU G 123 20.89 -26.57 -21.82
CA LEU G 123 20.33 -26.83 -23.15
C LEU G 123 18.84 -27.17 -23.08
N VAL G 124 18.42 -27.90 -22.06
CA VAL G 124 17.06 -28.38 -21.95
C VAL G 124 16.22 -27.34 -21.22
N LYS G 125 14.99 -27.14 -21.70
CA LYS G 125 14.08 -26.17 -21.10
C LYS G 125 12.82 -26.82 -20.56
N GLY G 126 12.50 -26.53 -19.30
CA GLY G 126 11.31 -27.05 -18.66
C GLY G 126 11.65 -28.05 -17.57
N THR G 127 10.60 -28.59 -16.97
CA THR G 127 10.77 -29.66 -16.01
C THR G 127 10.57 -31.00 -16.68
N PRO G 128 11.38 -32.00 -16.34
CA PRO G 128 11.21 -33.34 -16.94
C PRO G 128 9.95 -34.05 -16.51
N PHE G 129 9.08 -33.42 -15.72
CA PHE G 129 7.75 -33.96 -15.45
C PHE G 129 6.73 -32.83 -15.37
N ASP G 130 5.48 -33.18 -15.07
CA ASP G 130 4.42 -32.19 -14.97
C ASP G 130 4.51 -31.38 -13.69
N PHE G 131 4.49 -30.05 -13.81
CA PHE G 131 4.53 -29.22 -12.61
C PHE G 131 3.12 -28.78 -12.24
N ASN G 132 2.53 -27.82 -12.96
CA ASN G 132 1.13 -27.48 -12.77
C ASN G 132 0.46 -27.48 -14.13
N GLY G 133 0.94 -26.66 -15.07
CA GLY G 133 0.59 -26.68 -16.47
C GLY G 133 1.91 -26.59 -17.18
N GLY G 134 2.95 -26.76 -16.38
CA GLY G 134 4.35 -26.74 -16.75
C GLY G 134 5.09 -25.62 -16.07
N ALA G 135 4.54 -24.40 -16.14
CA ALA G 135 4.91 -23.28 -15.27
C ALA G 135 6.37 -22.88 -15.43
N TYR G 136 7.14 -23.68 -16.15
CA TYR G 136 8.57 -23.45 -16.41
C TYR G 136 8.93 -23.89 -17.82
N ASP G 137 7.96 -23.80 -18.73
CA ASP G 137 8.10 -24.39 -20.05
C ASP G 137 9.21 -23.76 -20.88
N ASN G 138 9.84 -22.69 -20.39
CA ASN G 138 10.84 -21.96 -21.16
C ASN G 138 11.99 -21.48 -20.28
N LEU G 139 12.34 -22.26 -19.25
CA LEU G 139 13.46 -21.95 -18.37
C LEU G 139 14.37 -23.15 -18.23
N THR G 140 15.67 -22.94 -18.38
CA THR G 140 16.63 -24.01 -18.19
C THR G 140 16.85 -24.28 -16.71
N MET G 141 17.55 -25.37 -16.42
CA MET G 141 17.78 -25.76 -15.03
C MET G 141 18.62 -24.74 -14.27
N TRP G 142 19.61 -24.13 -14.92
CA TRP G 142 20.46 -23.16 -14.25
C TRP G 142 19.69 -21.95 -13.76
N GLU G 143 18.71 -21.49 -14.54
CA GLU G 143 17.93 -20.33 -14.16
C GLU G 143 16.96 -20.61 -13.03
N GLN G 144 16.64 -21.87 -12.77
CA GLN G 144 15.69 -22.20 -11.71
C GLN G 144 16.36 -22.38 -10.37
N ILE G 145 17.69 -22.35 -10.29
CA ILE G 145 18.39 -22.56 -9.03
C ILE G 145 18.04 -21.44 -8.07
N ASN G 146 17.69 -21.82 -6.84
CA ASN G 146 17.38 -20.88 -5.76
C ASN G 146 16.32 -19.88 -6.21
N ASP G 147 15.23 -20.43 -6.75
CA ASP G 147 14.03 -19.71 -7.23
C ASP G 147 14.39 -18.34 -7.82
N GLU G 148 15.33 -18.35 -8.75
CA GLU G 148 15.76 -17.17 -9.49
C GLU G 148 16.31 -16.10 -8.55
N THR G 149 17.37 -16.46 -7.84
CA THR G 149 18.16 -15.52 -7.05
C THR G 149 19.60 -15.69 -7.47
N LEU G 150 20.23 -14.60 -7.89
CA LEU G 150 21.54 -14.67 -8.52
C LEU G 150 22.67 -14.48 -7.52
N TYR G 151 23.83 -15.05 -7.85
CA TYR G 151 25.07 -14.91 -7.10
C TYR G 151 24.92 -15.38 -5.65
N THR G 152 24.24 -16.51 -5.50
CA THR G 152 24.16 -17.23 -4.23
C THR G 152 25.42 -18.09 -4.09
N PRO G 153 25.70 -18.64 -2.90
CA PRO G 153 26.91 -19.48 -2.76
C PRO G 153 26.96 -20.63 -3.76
N THR G 154 25.84 -21.27 -4.05
CA THR G 154 25.84 -22.37 -5.02
C THR G 154 26.24 -21.87 -6.40
N ARG G 155 25.66 -20.75 -6.83
CA ARG G 155 26.01 -20.20 -8.14
C ARG G 155 27.47 -19.76 -8.15
N LYS G 156 27.97 -19.23 -7.04
CA LYS G 156 29.37 -18.86 -6.95
C LYS G 156 30.27 -20.08 -7.13
N PHE G 157 29.96 -21.18 -6.45
CA PHE G 157 30.77 -22.39 -6.55
C PHE G 157 30.77 -22.93 -7.97
N LEU G 158 29.58 -22.98 -8.60
CA LEU G 158 29.50 -23.48 -9.96
C LEU G 158 30.09 -22.53 -10.98
N LEU G 159 30.32 -21.26 -10.60
CA LEU G 159 31.10 -20.37 -11.44
C LEU G 159 32.59 -20.60 -11.26
N ILE G 160 33.02 -20.85 -10.02
CA ILE G 160 34.44 -20.97 -9.72
C ILE G 160 35.02 -22.23 -10.33
N VAL G 161 34.23 -23.31 -10.39
CA VAL G 161 34.79 -24.62 -10.77
C VAL G 161 35.54 -24.59 -12.10
N PRO G 162 34.96 -24.10 -13.22
CA PRO G 162 35.71 -24.16 -14.50
C PRO G 162 36.99 -23.37 -14.50
N ILE G 163 37.02 -22.23 -13.81
CA ILE G 163 38.23 -21.40 -13.78
C ILE G 163 39.37 -22.16 -13.12
N VAL G 164 39.11 -22.80 -11.98
CA VAL G 164 40.15 -23.58 -11.32
C VAL G 164 40.53 -24.78 -12.17
N LEU G 165 39.58 -25.30 -12.93
CA LEU G 165 39.87 -26.43 -13.80
C LEU G 165 40.90 -25.99 -14.84
N PHE G 166 40.69 -24.83 -15.44
CA PHE G 166 41.65 -24.33 -16.43
C PHE G 166 42.99 -24.01 -15.79
N LEU G 167 42.97 -23.44 -14.58
CA LEU G 167 44.24 -23.12 -13.92
C LEU G 167 45.07 -24.36 -13.67
N ILE G 168 44.42 -25.44 -13.24
CA ILE G 168 45.15 -26.68 -12.99
C ILE G 168 45.64 -27.30 -14.28
N SER G 169 44.79 -27.31 -15.32
CA SER G 169 45.15 -27.97 -16.56
C SER G 169 46.19 -27.19 -17.37
N ASN G 170 46.31 -25.88 -17.15
CA ASN G 170 47.15 -25.05 -18.01
C ASN G 170 48.61 -25.47 -17.97
N GLN G 171 49.10 -25.94 -16.83
CA GLN G 171 50.53 -26.19 -16.64
C GLN G 171 51.08 -27.27 -17.56
N TYR G 172 50.24 -28.07 -18.20
CA TYR G 172 50.71 -29.21 -18.97
C TYR G 172 50.70 -28.98 -20.47
N TYR G 173 49.60 -28.48 -21.03
CA TYR G 173 49.52 -28.20 -22.46
C TYR G 173 49.88 -26.75 -22.79
N ARG G 174 50.58 -26.08 -21.87
CA ARG G 174 50.93 -24.67 -22.07
C ARG G 174 51.88 -24.45 -23.24
N ASN G 175 52.61 -25.48 -23.65
CA ASN G 175 53.63 -25.34 -24.68
C ASN G 175 53.07 -25.51 -26.09
N ASP G 176 51.76 -25.73 -26.24
CA ASP G 176 51.12 -25.82 -27.54
C ASP G 176 50.15 -24.66 -27.68
N MET G 177 50.27 -23.90 -28.77
CA MET G 177 49.42 -22.73 -28.95
C MET G 177 47.99 -23.13 -29.29
N THR G 178 47.84 -24.12 -30.18
CA THR G 178 46.51 -24.49 -30.64
C THR G 178 45.66 -25.08 -29.51
N LEU G 179 46.23 -25.97 -28.70
CA LEU G 179 45.48 -26.57 -27.61
C LEU G 179 45.15 -25.53 -26.54
N PHE G 180 46.10 -24.65 -26.27
CA PHE G 180 45.91 -23.59 -25.28
C PHE G 180 44.80 -22.64 -25.71
N LEU G 181 44.78 -22.28 -26.98
CA LEU G 181 43.75 -21.38 -27.51
C LEU G 181 42.38 -22.05 -27.51
N SER G 182 42.33 -23.31 -27.95
CA SER G 182 41.06 -24.02 -28.00
C SER G 182 40.47 -24.20 -26.60
N ASN G 183 41.32 -24.56 -25.63
CA ASN G 183 40.85 -24.80 -24.28
C ASN G 183 40.36 -23.51 -23.63
N LEU G 184 41.10 -22.42 -23.81
CA LEU G 184 40.66 -21.14 -23.24
C LEU G 184 39.38 -20.67 -23.90
N ALA G 185 39.27 -20.86 -25.21
CA ALA G 185 38.07 -20.46 -25.93
C ALA G 185 36.85 -21.23 -25.43
N VAL G 186 36.97 -22.56 -25.35
CA VAL G 186 35.83 -23.37 -24.94
C VAL G 186 35.45 -23.06 -23.50
N THR G 187 36.46 -22.94 -22.63
CA THR G 187 36.17 -22.60 -21.23
C THR G 187 35.38 -21.30 -21.14
N VAL G 188 35.94 -20.21 -21.69
CA VAL G 188 35.31 -18.91 -21.54
C VAL G 188 33.93 -18.87 -22.20
N LEU G 189 33.78 -19.46 -23.40
CA LEU G 189 32.56 -19.30 -24.17
C LEU G 189 31.48 -20.32 -23.83
N ILE G 190 31.79 -21.39 -23.11
CA ILE G 190 30.81 -22.44 -22.87
C ILE G 190 30.68 -22.63 -21.35
N GLY G 191 31.42 -21.83 -20.58
CA GLY G 191 31.34 -21.89 -19.15
C GLY G 191 30.69 -20.66 -18.55
N VAL G 192 31.52 -19.71 -18.14
CA VAL G 192 31.09 -18.54 -17.38
C VAL G 192 30.05 -17.71 -18.12
N VAL G 193 30.16 -17.60 -19.44
CA VAL G 193 29.33 -16.69 -20.21
C VAL G 193 27.84 -16.98 -20.03
N PRO G 194 27.35 -18.23 -20.21
CA PRO G 194 25.92 -18.48 -19.95
C PRO G 194 25.54 -18.28 -18.49
N LYS G 195 26.53 -18.30 -17.59
CA LYS G 195 26.26 -18.22 -16.17
C LYS G 195 26.31 -16.80 -15.62
N LEU G 196 26.48 -15.80 -16.47
CA LEU G 196 26.48 -14.41 -16.02
C LEU G 196 25.07 -13.95 -15.66
N GLY G 197 24.97 -12.76 -15.07
CA GLY G 197 23.68 -12.21 -14.72
C GLY G 197 23.07 -11.40 -15.85
N ILE G 198 23.86 -11.17 -16.91
CA ILE G 198 23.41 -10.40 -18.06
C ILE G 198 22.80 -11.29 -19.14
N THR G 199 23.14 -12.57 -19.16
CA THR G 199 22.57 -13.51 -20.11
C THR G 199 21.33 -14.23 -19.58
N HIS G 200 20.83 -13.81 -18.42
CA HIS G 200 19.63 -14.40 -17.86
C HIS G 200 18.43 -14.06 -18.73
N ARG G 201 17.66 -15.09 -19.11
CA ARG G 201 16.51 -14.95 -20.00
C ARG G 201 16.88 -14.20 -21.29
N LEU G 202 17.82 -14.78 -22.03
CA LEU G 202 18.32 -14.21 -23.27
C LEU G 202 18.36 -15.31 -24.32
N ARG G 203 17.51 -15.22 -25.33
CA ARG G 203 17.36 -16.26 -26.33
C ARG G 203 17.82 -15.75 -27.69
N ILE G 204 18.72 -16.49 -28.33
CA ILE G 204 19.21 -16.14 -29.64
C ILE G 204 18.67 -17.12 -30.69
N HIS H 4 -4.14 -70.41 19.24
CA HIS H 4 -4.82 -69.54 18.29
C HIS H 4 -4.16 -69.62 16.93
N LYS H 5 -4.32 -70.77 16.27
CA LYS H 5 -3.74 -70.97 14.95
C LYS H 5 -4.55 -70.25 13.89
N SER H 6 -3.85 -69.72 12.89
CA SER H 6 -4.43 -68.98 11.79
C SER H 6 -4.09 -69.68 10.47
N SER H 7 -4.50 -69.07 9.37
CA SER H 7 -4.27 -69.62 8.03
C SER H 7 -3.02 -69.06 7.38
N MET H 8 -2.03 -68.68 8.18
CA MET H 8 -0.79 -68.10 7.69
C MET H 8 0.30 -69.15 7.64
N VAL H 9 1.02 -69.20 6.51
CA VAL H 9 2.18 -70.07 6.35
C VAL H 9 3.44 -69.25 6.60
N TYR H 10 4.25 -69.68 7.56
CA TYR H 10 5.47 -69.00 7.93
C TYR H 10 6.65 -69.53 7.12
N ILE H 11 7.64 -68.67 6.90
CA ILE H 11 8.83 -69.03 6.13
C ILE H 11 10.05 -68.86 7.04
N PRO H 12 10.89 -69.88 7.19
CA PRO H 12 11.99 -69.79 8.16
C PRO H 12 13.14 -68.95 7.64
N THR H 13 13.87 -68.35 8.58
CA THR H 13 15.04 -67.56 8.26
C THR H 13 16.11 -68.46 7.65
N THR H 14 16.95 -67.86 6.80
CA THR H 14 17.97 -68.63 6.09
C THR H 14 18.88 -69.39 7.05
N LYS H 15 19.05 -68.83 8.24
CA LYS H 15 19.84 -69.47 9.28
C LYS H 15 19.18 -70.81 9.58
N GLU H 16 17.88 -70.78 9.81
CA GLU H 16 17.14 -71.99 10.12
C GLU H 16 17.23 -73.00 8.98
N ALA H 17 17.19 -72.53 7.74
CA ALA H 17 17.31 -73.42 6.60
C ALA H 17 18.66 -74.12 6.59
N LYS H 18 19.74 -73.37 6.84
CA LYS H 18 21.06 -73.99 6.91
C LYS H 18 21.15 -74.96 8.08
N ARG H 19 20.57 -74.60 9.22
CA ARG H 19 20.59 -75.48 10.38
C ARG H 19 19.89 -76.80 10.08
N ARG H 20 18.74 -76.74 9.40
CA ARG H 20 18.08 -77.97 8.97
C ARG H 20 18.94 -78.75 7.99
N ASN H 21 19.59 -78.06 7.06
CA ASN H 21 20.43 -78.71 6.06
C ASN H 21 21.88 -78.83 6.48
N GLY H 22 22.22 -78.42 7.69
CA GLY H 22 23.60 -78.52 8.17
C GLY H 22 24.57 -77.64 7.41
N GLY H 26 33.44 -77.64 5.50
CA GLY H 26 34.47 -76.99 6.32
C GLY H 26 34.59 -75.51 6.08
N ILE H 27 35.61 -75.10 5.33
CA ILE H 27 35.86 -73.69 5.06
C ILE H 27 35.59 -73.31 3.62
N LEU H 28 35.47 -74.28 2.70
CA LEU H 28 35.20 -73.97 1.30
C LEU H 28 33.84 -73.30 1.13
N ASN H 29 32.85 -73.75 1.89
CA ASN H 29 31.55 -73.08 1.86
C ASN H 29 31.65 -71.66 2.39
N THR H 30 32.49 -71.43 3.39
CA THR H 30 32.72 -70.07 3.87
C THR H 30 33.36 -69.20 2.78
N ILE H 31 34.30 -69.77 2.02
CA ILE H 31 34.91 -69.04 0.91
C ILE H 31 33.85 -68.70 -0.13
N GLU H 32 33.00 -69.66 -0.46
CA GLU H 32 31.96 -69.42 -1.46
C GLU H 32 30.99 -68.34 -0.99
N GLU H 33 30.62 -68.37 0.29
CA GLU H 33 29.67 -67.39 0.79
C GLU H 33 30.28 -66.00 0.88
N VAL H 34 31.57 -65.88 1.19
CA VAL H 34 32.19 -64.56 1.18
C VAL H 34 32.29 -64.04 -0.25
N VAL H 35 32.50 -64.94 -1.22
CA VAL H 35 32.44 -64.53 -2.62
C VAL H 35 31.06 -64.00 -2.96
N GLU H 36 30.03 -64.69 -2.47
CA GLU H 36 28.66 -64.27 -2.71
C GLU H 36 28.39 -62.90 -2.10
N LYS H 37 28.93 -62.70 -0.90
CA LYS H 37 28.79 -61.44 -0.18
C LYS H 37 29.39 -60.30 -0.98
N LEU H 38 30.62 -60.48 -1.44
CA LEU H 38 31.29 -59.46 -2.24
C LEU H 38 30.51 -59.15 -3.51
N TYR H 39 30.01 -60.19 -4.17
CA TYR H 39 29.20 -59.99 -5.37
C TYR H 39 27.95 -59.19 -5.05
N TRP H 40 27.33 -59.47 -3.91
CA TRP H 40 26.14 -58.74 -3.49
C TRP H 40 26.42 -57.27 -3.29
N THR H 41 27.52 -56.95 -2.61
CA THR H 41 27.89 -55.55 -2.42
C THR H 41 28.06 -54.84 -3.75
N TYR H 42 28.88 -55.44 -4.62
CA TYR H 42 29.14 -54.84 -5.93
C TYR H 42 27.85 -54.66 -6.71
N TYR H 43 26.93 -55.62 -6.63
CA TYR H 43 25.70 -55.56 -7.41
C TYR H 43 24.73 -54.53 -6.88
N ILE H 44 24.59 -54.39 -5.55
CA ILE H 44 23.56 -53.50 -5.03
C ILE H 44 24.01 -52.04 -5.05
N HIS H 45 25.30 -51.76 -4.92
CA HIS H 45 25.71 -50.36 -4.90
C HIS H 45 25.83 -49.74 -6.29
N LEU H 46 25.36 -50.42 -7.33
CA LEU H 46 25.34 -49.91 -8.69
C LEU H 46 23.99 -50.21 -9.31
N PRO H 47 23.47 -49.31 -10.14
CA PRO H 47 22.07 -49.42 -10.60
C PRO H 47 21.85 -50.49 -11.66
N PHE H 48 22.04 -51.75 -11.27
CA PHE H 48 21.81 -52.86 -12.19
C PHE H 48 20.36 -53.31 -12.20
N TYR H 49 19.61 -53.03 -11.14
CA TYR H 49 18.22 -53.46 -11.06
C TYR H 49 17.31 -52.64 -11.94
N LEU H 50 17.81 -51.57 -12.57
CA LEU H 50 16.99 -50.67 -13.37
C LEU H 50 17.40 -50.67 -14.85
N MET H 51 18.19 -51.64 -15.29
CA MET H 51 18.61 -51.76 -16.68
C MET H 51 18.21 -53.14 -17.21
N ALA H 52 17.71 -53.17 -18.45
CA ALA H 52 17.00 -54.37 -18.89
C ALA H 52 17.89 -55.61 -18.99
N SER H 53 18.72 -55.72 -20.04
CA SER H 53 19.82 -56.67 -20.01
C SER H 53 21.05 -56.14 -20.73
N PHE H 54 20.82 -55.37 -21.79
CA PHE H 54 21.91 -54.97 -22.67
C PHE H 54 22.80 -53.94 -22.00
N ASP H 55 22.19 -52.93 -21.39
CA ASP H 55 22.95 -51.90 -20.70
C ASP H 55 23.72 -52.49 -19.53
N SER H 56 23.09 -53.42 -18.80
CA SER H 56 23.75 -54.05 -17.67
C SER H 56 24.96 -54.85 -18.12
N PHE H 57 24.80 -55.61 -19.20
CA PHE H 57 25.89 -56.41 -19.74
C PHE H 57 27.02 -55.50 -20.19
N PHE H 58 26.66 -54.42 -20.87
CA PHE H 58 27.63 -53.46 -21.37
C PHE H 58 28.41 -52.79 -20.24
N LEU H 59 27.72 -52.44 -19.16
CA LEU H 59 28.36 -51.78 -18.03
C LEU H 59 29.24 -52.76 -17.27
N HIS H 60 28.82 -54.03 -17.20
CA HIS H 60 29.67 -55.06 -16.61
C HIS H 60 30.98 -55.17 -17.37
N VAL H 61 30.89 -55.25 -18.70
CA VAL H 61 32.09 -55.33 -19.53
C VAL H 61 32.96 -54.09 -19.31
N PHE H 62 32.30 -52.94 -19.19
CA PHE H 62 32.98 -51.67 -18.99
C PHE H 62 33.83 -51.68 -17.71
N PHE H 63 33.20 -52.05 -16.59
CA PHE H 63 33.90 -52.10 -15.31
C PHE H 63 35.01 -53.15 -15.33
N LEU H 64 34.73 -54.30 -15.93
CA LEU H 64 35.73 -55.35 -16.02
C LEU H 64 36.96 -54.86 -16.80
N THR H 65 36.72 -54.16 -17.91
CA THR H 65 37.81 -53.60 -18.69
C THR H 65 38.59 -52.56 -17.88
N ILE H 66 37.89 -51.73 -17.12
CA ILE H 66 38.57 -50.74 -16.28
C ILE H 66 39.52 -51.44 -15.31
N PHE H 67 39.01 -52.46 -14.62
CA PHE H 67 39.85 -53.15 -13.64
C PHE H 67 41.02 -53.84 -14.31
N SER H 68 40.78 -54.48 -15.46
CA SER H 68 41.85 -55.17 -16.18
C SER H 68 42.95 -54.20 -16.59
N LEU H 69 42.56 -53.06 -17.16
CA LEU H 69 43.55 -52.07 -17.60
C LEU H 69 44.30 -51.49 -16.41
N SER H 70 43.60 -51.22 -15.30
CA SER H 70 44.26 -50.68 -14.13
C SER H 70 45.28 -51.68 -13.57
N PHE H 71 44.91 -52.96 -13.52
CA PHE H 71 45.85 -53.98 -13.04
C PHE H 71 47.04 -54.12 -13.97
N PHE H 72 46.80 -54.10 -15.28
CA PHE H 72 47.88 -54.22 -16.24
C PHE H 72 48.85 -53.04 -16.12
N GLY H 73 48.32 -51.82 -15.99
CA GLY H 73 49.17 -50.66 -15.83
C GLY H 73 49.93 -50.66 -14.52
N ILE H 74 49.30 -51.12 -13.44
CA ILE H 74 49.95 -51.13 -12.14
C ILE H 74 50.28 -52.56 -11.73
#